data_1X1G
#
_entry.id   1X1G
#
_entity_poly.entity_id   1
_entity_poly.type   'polypeptide(L)'
_entity_poly.pdbx_seq_one_letter_code
;GSSGSSGSLSTVELSGTVVKQGYLAKQGHKRKNWKVRRFVLRKDPAFLHYYDPSKEENRPVGGFSLRGSLVSALEDNGVP
TGVKGNVQGNLFKVITKDDTHYYIQASSKAERAEWIEAIKKLTSGPSSG
;
_entity_poly.pdbx_strand_id   A
#
# COMPACT_ATOMS: atom_id res chain seq x y z
N GLY A 1 18.98 -17.77 3.48
CA GLY A 1 18.26 -17.26 2.33
C GLY A 1 16.78 -17.02 2.67
N SER A 2 16.05 -16.54 1.69
CA SER A 2 14.63 -16.28 1.87
C SER A 2 13.88 -16.52 0.55
N SER A 3 12.84 -17.34 0.65
CA SER A 3 12.03 -17.66 -0.52
C SER A 3 10.90 -18.60 -0.13
N GLY A 4 9.69 -18.18 -0.49
CA GLY A 4 8.51 -18.97 -0.17
C GLY A 4 8.44 -20.22 -1.05
N SER A 5 8.18 -20.00 -2.33
CA SER A 5 8.09 -21.10 -3.27
C SER A 5 9.31 -21.10 -4.20
N SER A 6 9.68 -22.30 -4.64
CA SER A 6 10.82 -22.45 -5.53
C SER A 6 10.81 -21.34 -6.59
N GLY A 7 9.72 -21.29 -7.34
CA GLY A 7 9.58 -20.29 -8.38
C GLY A 7 9.46 -20.94 -9.76
N SER A 8 8.26 -21.40 -10.06
CA SER A 8 8.00 -22.04 -11.34
C SER A 8 6.78 -21.42 -12.01
N LEU A 9 5.65 -21.53 -11.32
CA LEU A 9 4.40 -20.99 -11.83
C LEU A 9 4.64 -19.56 -12.34
N SER A 10 3.63 -19.02 -12.98
CA SER A 10 3.71 -17.67 -13.52
C SER A 10 3.03 -16.68 -12.57
N THR A 11 3.66 -15.53 -12.41
CA THR A 11 3.11 -14.50 -11.54
C THR A 11 1.60 -14.39 -11.71
N VAL A 12 0.96 -13.79 -10.71
CA VAL A 12 -0.48 -13.61 -10.74
C VAL A 12 -0.84 -12.25 -10.17
N GLU A 13 -0.90 -12.19 -8.84
CA GLU A 13 -1.22 -10.96 -8.16
C GLU A 13 -0.30 -9.83 -8.62
N LEU A 14 0.96 -10.18 -8.79
CA LEU A 14 1.95 -9.20 -9.23
C LEU A 14 1.97 -9.16 -10.77
N SER A 15 0.97 -9.80 -11.35
CA SER A 15 0.86 -9.84 -12.80
C SER A 15 -0.18 -8.82 -13.27
N GLY A 16 -0.04 -7.60 -12.77
CA GLY A 16 -0.94 -6.52 -13.12
C GLY A 16 -0.19 -5.34 -13.72
N THR A 17 -0.91 -4.53 -14.47
CA THR A 17 -0.33 -3.36 -15.10
C THR A 17 0.04 -2.32 -14.04
N VAL A 18 1.33 -2.01 -13.98
CA VAL A 18 1.83 -1.04 -13.03
C VAL A 18 1.05 0.27 -13.19
N VAL A 19 0.45 0.70 -12.09
CA VAL A 19 -0.32 1.93 -12.10
C VAL A 19 0.40 2.99 -11.27
N LYS A 20 1.19 2.51 -10.32
CA LYS A 20 1.94 3.40 -9.45
C LYS A 20 3.09 2.63 -8.82
N GLN A 21 4.23 3.31 -8.70
CA GLN A 21 5.41 2.70 -8.10
C GLN A 21 6.23 3.75 -7.33
N GLY A 22 6.90 3.28 -6.30
CA GLY A 22 7.71 4.16 -5.48
C GLY A 22 8.00 3.53 -4.11
N TYR A 23 8.43 4.37 -3.18
CA TYR A 23 8.74 3.91 -1.84
C TYR A 23 7.86 4.60 -0.81
N LEU A 24 7.25 3.78 0.05
CA LEU A 24 6.38 4.30 1.09
C LEU A 24 6.88 3.84 2.46
N ALA A 25 6.29 4.40 3.50
CA ALA A 25 6.68 4.05 4.85
C ALA A 25 5.46 3.51 5.60
N LYS A 26 5.49 2.20 5.83
CA LYS A 26 4.40 1.53 6.51
C LYS A 26 4.67 1.55 8.02
N GLN A 27 3.61 1.74 8.78
CA GLN A 27 3.72 1.79 10.24
C GLN A 27 3.54 0.39 10.82
N GLY A 28 4.51 -0.04 11.60
CA GLY A 28 4.46 -1.34 12.22
C GLY A 28 5.34 -1.40 13.48
N HIS A 29 4.86 -2.12 14.48
CA HIS A 29 5.58 -2.25 15.72
C HIS A 29 7.00 -2.75 15.44
N LYS A 30 7.82 -2.74 16.49
CA LYS A 30 9.20 -3.19 16.37
C LYS A 30 9.92 -2.31 15.34
N ARG A 31 11.23 -2.24 15.50
CA ARG A 31 12.05 -1.45 14.60
C ARG A 31 11.69 0.04 14.72
N LYS A 32 12.45 0.86 14.00
CA LYS A 32 12.22 2.29 14.02
C LYS A 32 10.71 2.57 13.91
N ASN A 33 10.34 3.78 14.30
CA ASN A 33 8.94 4.17 14.24
C ASN A 33 8.33 3.69 12.93
N TRP A 34 8.71 4.34 11.84
CA TRP A 34 8.20 3.99 10.53
C TRP A 34 9.38 3.48 9.70
N LYS A 35 9.12 2.43 8.92
CA LYS A 35 10.14 1.86 8.07
C LYS A 35 9.77 2.09 6.60
N VAL A 36 10.77 2.48 5.83
CA VAL A 36 10.57 2.74 4.42
C VAL A 36 10.55 1.41 3.65
N ARG A 37 9.53 1.25 2.83
CA ARG A 37 9.39 0.04 2.04
C ARG A 37 8.99 0.39 0.60
N ARG A 38 9.50 -0.40 -0.33
CA ARG A 38 9.21 -0.18 -1.74
C ARG A 38 7.82 -0.76 -2.08
N PHE A 39 6.89 0.16 -2.31
CA PHE A 39 5.53 -0.24 -2.65
C PHE A 39 5.31 -0.20 -4.16
N VAL A 40 4.55 -1.17 -4.63
CA VAL A 40 4.25 -1.27 -6.05
C VAL A 40 2.73 -1.33 -6.25
N LEU A 41 2.27 -0.60 -7.25
CA LEU A 41 0.85 -0.57 -7.56
C LEU A 41 0.61 -1.19 -8.93
N ARG A 42 -0.37 -2.08 -8.98
CA ARG A 42 -0.72 -2.75 -10.22
C ARG A 42 -2.22 -2.67 -10.48
N LYS A 43 -2.61 -3.03 -11.70
CA LYS A 43 -4.00 -3.00 -12.07
C LYS A 43 -4.30 -4.16 -13.03
N ASP A 44 -5.46 -4.77 -12.84
CA ASP A 44 -5.85 -5.89 -13.68
C ASP A 44 -4.71 -6.90 -13.75
N PRO A 45 -4.56 -7.68 -12.65
CA PRO A 45 -5.44 -7.53 -11.50
C PRO A 45 -5.08 -6.27 -10.70
N ALA A 46 -5.99 -5.90 -9.81
CA ALA A 46 -5.79 -4.72 -8.99
C ALA A 46 -5.26 -5.14 -7.62
N PHE A 47 -3.97 -4.93 -7.43
CA PHE A 47 -3.31 -5.29 -6.18
C PHE A 47 -2.17 -4.33 -5.87
N LEU A 48 -1.78 -4.31 -4.61
CA LEU A 48 -0.70 -3.45 -4.16
C LEU A 48 0.23 -4.22 -3.24
N HIS A 49 1.46 -4.43 -3.70
CA HIS A 49 2.45 -5.16 -2.93
C HIS A 49 3.63 -4.24 -2.63
N TYR A 50 4.41 -4.65 -1.63
CA TYR A 50 5.57 -3.88 -1.23
C TYR A 50 6.72 -4.80 -0.81
N TYR A 51 7.93 -4.40 -1.18
CA TYR A 51 9.11 -5.18 -0.86
C TYR A 51 10.06 -4.38 0.04
N ASP A 52 10.75 -5.10 0.91
CA ASP A 52 11.68 -4.48 1.82
C ASP A 52 13.02 -4.25 1.11
N PRO A 53 13.46 -2.97 1.11
CA PRO A 53 14.71 -2.61 0.47
C PRO A 53 15.91 -3.05 1.31
N SER A 54 15.79 -2.84 2.61
CA SER A 54 16.85 -3.21 3.53
C SER A 54 17.29 -4.65 3.26
N LYS A 55 16.34 -5.45 2.83
CA LYS A 55 16.62 -6.85 2.53
C LYS A 55 16.83 -7.02 1.03
N GLU A 56 17.06 -8.25 0.62
CA GLU A 56 17.28 -8.55 -0.78
C GLU A 56 16.42 -9.75 -1.21
N GLU A 57 15.14 -9.47 -1.42
CA GLU A 57 14.21 -10.51 -1.82
C GLU A 57 13.26 -9.97 -2.90
N ASN A 58 13.23 -10.68 -4.02
CA ASN A 58 12.37 -10.29 -5.13
C ASN A 58 10.92 -10.22 -4.64
N ARG A 59 10.50 -11.29 -4.00
CA ARG A 59 9.14 -11.38 -3.48
C ARG A 59 8.87 -10.21 -2.54
N PRO A 60 7.57 -9.78 -2.51
CA PRO A 60 7.16 -8.68 -1.66
C PRO A 60 7.08 -9.11 -0.20
N VAL A 61 7.07 -8.13 0.68
CA VAL A 61 7.00 -8.40 2.11
C VAL A 61 5.57 -8.77 2.48
N GLY A 62 4.63 -8.21 1.72
CA GLY A 62 3.22 -8.48 1.97
C GLY A 62 2.39 -8.20 0.72
N GLY A 63 1.26 -7.55 0.93
CA GLY A 63 0.36 -7.23 -0.18
C GLY A 63 -1.08 -7.62 0.15
N PHE A 64 -1.96 -6.64 0.08
CA PHE A 64 -3.37 -6.86 0.37
C PHE A 64 -4.23 -6.53 -0.85
N SER A 65 -5.38 -7.18 -0.92
CA SER A 65 -6.30 -6.96 -2.01
C SER A 65 -6.75 -5.50 -2.05
N LEU A 66 -7.02 -5.00 -3.24
CA LEU A 66 -7.45 -3.64 -3.42
C LEU A 66 -8.96 -3.61 -3.70
N ARG A 67 -9.37 -4.51 -4.58
CA ARG A 67 -10.78 -4.59 -4.95
C ARG A 67 -11.66 -4.35 -3.73
N GLY A 68 -11.55 -5.26 -2.77
CA GLY A 68 -12.33 -5.15 -1.55
C GLY A 68 -11.57 -4.39 -0.47
N SER A 69 -11.13 -3.19 -0.83
CA SER A 69 -10.39 -2.35 0.09
C SER A 69 -10.83 -0.90 -0.06
N LEU A 70 -10.18 -0.04 0.71
CA LEU A 70 -10.49 1.38 0.68
C LEU A 70 -9.23 2.19 1.01
N VAL A 71 -9.29 3.47 0.71
CA VAL A 71 -8.17 4.35 0.98
C VAL A 71 -8.68 5.76 1.27
N SER A 72 -8.01 6.41 2.21
CA SER A 72 -8.40 7.77 2.60
C SER A 72 -7.19 8.50 3.18
N ALA A 73 -7.34 9.81 3.31
CA ALA A 73 -6.28 10.64 3.85
C ALA A 73 -6.56 10.92 5.33
N LEU A 74 -5.51 11.31 6.04
CA LEU A 74 -5.63 11.62 7.46
C LEU A 74 -5.58 13.13 7.65
N GLU A 75 -6.75 13.74 7.67
CA GLU A 75 -6.85 15.18 7.86
C GLU A 75 -6.17 15.59 9.16
N ASP A 76 -6.47 14.86 10.22
CA ASP A 76 -5.89 15.13 11.52
C ASP A 76 -4.40 15.43 11.35
N ASN A 77 -4.05 16.70 11.56
CA ASN A 77 -2.67 17.12 11.44
C ASN A 77 -1.81 16.34 12.43
N GLY A 78 -0.51 16.39 12.22
CA GLY A 78 0.43 15.69 13.08
C GLY A 78 0.01 14.24 13.28
N VAL A 79 -0.64 13.98 14.40
CA VAL A 79 -1.09 12.64 14.71
C VAL A 79 -2.48 12.42 14.11
N PRO A 80 -2.77 11.13 13.80
CA PRO A 80 -4.05 10.77 13.21
C PRO A 80 -5.16 10.81 14.26
N THR A 81 -5.25 9.72 15.02
CA THR A 81 -6.25 9.61 16.07
C THR A 81 -5.64 9.04 17.34
N GLY A 82 -5.27 7.77 17.26
CA GLY A 82 -4.67 7.09 18.40
C GLY A 82 -3.51 6.20 17.95
N VAL A 83 -2.57 6.82 17.24
CA VAL A 83 -1.41 6.10 16.76
C VAL A 83 -0.21 6.38 17.67
N LYS A 84 0.59 5.35 17.88
CA LYS A 84 1.76 5.48 18.74
C LYS A 84 2.44 6.81 18.46
N GLY A 85 2.89 7.45 19.53
CA GLY A 85 3.55 8.74 19.42
C GLY A 85 2.84 9.64 18.43
N ASN A 86 3.60 10.10 17.44
CA ASN A 86 3.05 10.98 16.42
C ASN A 86 3.40 10.42 15.04
N VAL A 87 2.96 11.14 14.01
CA VAL A 87 3.22 10.74 12.65
C VAL A 87 3.44 11.99 11.79
N GLN A 88 4.02 11.76 10.61
CA GLN A 88 4.27 12.86 9.69
C GLN A 88 2.98 13.61 9.38
N GLY A 89 3.00 14.32 8.25
CA GLY A 89 1.85 15.08 7.82
C GLY A 89 1.47 14.75 6.38
N ASN A 90 0.17 14.68 6.14
CA ASN A 90 -0.33 14.36 4.81
C ASN A 90 -0.18 12.86 4.54
N LEU A 91 -0.76 12.07 5.42
CA LEU A 91 -0.70 10.63 5.30
C LEU A 91 -2.04 10.10 4.79
N PHE A 92 -2.15 8.79 4.75
CA PHE A 92 -3.36 8.15 4.29
C PHE A 92 -3.47 6.72 4.83
N LYS A 93 -4.71 6.28 5.02
CA LYS A 93 -4.96 4.95 5.53
C LYS A 93 -5.72 4.14 4.48
N VAL A 94 -5.70 2.83 4.66
CA VAL A 94 -6.38 1.93 3.74
C VAL A 94 -7.29 0.98 4.52
N ILE A 95 -8.59 1.22 4.39
CA ILE A 95 -9.57 0.41 5.08
C ILE A 95 -9.93 -0.80 4.21
N THR A 96 -9.46 -1.96 4.63
CA THR A 96 -9.72 -3.20 3.91
C THR A 96 -11.09 -3.75 4.27
N LYS A 97 -11.39 -4.91 3.72
CA LYS A 97 -12.67 -5.57 3.98
C LYS A 97 -12.73 -5.99 5.45
N ASP A 98 -11.55 -6.10 6.05
CA ASP A 98 -11.45 -6.51 7.43
C ASP A 98 -11.40 -5.25 8.32
N ASP A 99 -11.79 -4.14 7.73
CA ASP A 99 -11.79 -2.87 8.44
C ASP A 99 -10.53 -2.78 9.30
N THR A 100 -9.41 -3.15 8.69
CA THR A 100 -8.13 -3.12 9.38
C THR A 100 -7.61 -1.68 9.45
N HIS A 101 -7.57 -1.04 8.29
CA HIS A 101 -7.10 0.32 8.20
C HIS A 101 -5.56 0.34 8.27
N TYR A 102 -4.95 0.27 7.10
CA TYR A 102 -3.50 0.27 7.02
C TYR A 102 -2.97 1.69 6.77
N TYR A 103 -2.19 2.17 7.74
CA TYR A 103 -1.62 3.50 7.63
C TYR A 103 -0.29 3.46 6.87
N ILE A 104 -0.22 4.31 5.85
CA ILE A 104 0.98 4.38 5.03
C ILE A 104 1.33 5.85 4.78
N GLN A 105 2.54 6.07 4.30
CA GLN A 105 3.01 7.41 4.01
C GLN A 105 3.54 7.50 2.58
N ALA A 106 3.44 8.70 2.02
CA ALA A 106 3.90 8.94 0.67
C ALA A 106 5.20 9.76 0.71
N SER A 107 6.00 9.59 -0.33
CA SER A 107 7.26 10.31 -0.44
C SER A 107 7.02 11.81 -0.29
N SER A 108 6.00 12.29 -1.01
CA SER A 108 5.67 13.70 -0.98
C SER A 108 4.16 13.87 -0.77
N LYS A 109 3.78 15.07 -0.37
CA LYS A 109 2.38 15.38 -0.13
C LYS A 109 1.56 14.95 -1.34
N ALA A 110 2.11 15.22 -2.52
CA ALA A 110 1.44 14.87 -3.76
C ALA A 110 1.43 13.35 -3.93
N GLU A 111 2.62 12.78 -3.82
CA GLU A 111 2.76 11.33 -3.94
C GLU A 111 1.60 10.62 -3.26
N ARG A 112 1.21 11.15 -2.11
CA ARG A 112 0.11 10.58 -1.35
C ARG A 112 -1.17 10.58 -2.18
N ALA A 113 -1.72 11.78 -2.36
CA ALA A 113 -2.94 11.93 -3.13
C ALA A 113 -2.89 11.01 -4.35
N GLU A 114 -1.70 10.90 -4.92
CA GLU A 114 -1.50 10.05 -6.08
C GLU A 114 -1.66 8.58 -5.71
N TRP A 115 -0.90 8.18 -4.70
CA TRP A 115 -0.95 6.80 -4.23
C TRP A 115 -2.38 6.50 -3.79
N ILE A 116 -3.07 7.54 -3.33
CA ILE A 116 -4.44 7.40 -2.89
C ILE A 116 -5.35 7.18 -4.10
N GLU A 117 -5.62 8.28 -4.79
CA GLU A 117 -6.47 8.22 -5.98
C GLU A 117 -6.21 6.93 -6.75
N ALA A 118 -4.94 6.57 -6.84
CA ALA A 118 -4.55 5.37 -7.56
C ALA A 118 -5.30 4.17 -6.97
N ILE A 119 -4.99 3.87 -5.71
CA ILE A 119 -5.63 2.76 -5.03
C ILE A 119 -7.13 2.79 -5.30
N LYS A 120 -7.74 3.92 -4.97
CA LYS A 120 -9.17 4.08 -5.18
C LYS A 120 -9.55 3.50 -6.54
N LYS A 121 -8.84 3.94 -7.56
CA LYS A 121 -9.10 3.47 -8.91
C LYS A 121 -9.36 1.96 -8.88
N LEU A 122 -8.36 1.23 -8.41
CA LEU A 122 -8.47 -0.21 -8.32
C LEU A 122 -9.75 -0.58 -7.56
N THR A 123 -9.90 0.02 -6.38
CA THR A 123 -11.06 -0.23 -5.56
C THR A 123 -12.30 0.44 -6.15
N SER A 124 -13.42 0.23 -5.47
CA SER A 124 -14.67 0.82 -5.93
C SER A 124 -14.94 2.12 -5.20
N GLY A 125 -14.97 3.21 -5.96
CA GLY A 125 -15.20 4.52 -5.40
C GLY A 125 -15.25 5.59 -6.50
N PRO A 126 -15.09 6.86 -6.05
CA PRO A 126 -15.10 7.98 -6.99
C PRO A 126 -13.80 8.05 -7.78
N SER A 127 -13.94 8.32 -9.06
CA SER A 127 -12.78 8.41 -9.95
C SER A 127 -13.21 8.95 -11.31
N SER A 128 -14.12 8.23 -11.95
CA SER A 128 -14.62 8.63 -13.25
C SER A 128 -14.94 10.13 -13.26
N GLY A 129 -14.86 10.70 -14.45
CA GLY A 129 -15.14 12.13 -14.60
C GLY A 129 -13.96 12.97 -14.10
N GLY A 1 6.42 -25.89 -10.89
CA GLY A 1 5.03 -26.26 -11.17
C GLY A 1 4.84 -26.61 -12.64
N SER A 2 4.15 -25.73 -13.35
CA SER A 2 3.89 -25.94 -14.77
C SER A 2 2.90 -27.09 -14.94
N SER A 3 3.33 -28.27 -14.52
CA SER A 3 2.51 -29.46 -14.63
C SER A 3 1.06 -29.12 -14.27
N GLY A 4 0.15 -29.97 -14.73
CA GLY A 4 -1.26 -29.77 -14.45
C GLY A 4 -1.58 -30.05 -12.98
N SER A 5 -2.83 -30.40 -12.73
CA SER A 5 -3.27 -30.69 -11.38
C SER A 5 -3.10 -29.45 -10.49
N SER A 6 -3.77 -29.49 -9.35
CA SER A 6 -3.70 -28.38 -8.40
C SER A 6 -2.25 -27.91 -8.26
N GLY A 7 -2.00 -26.70 -8.73
CA GLY A 7 -0.67 -26.13 -8.66
C GLY A 7 -0.49 -25.00 -9.68
N SER A 8 0.20 -25.34 -10.76
CA SER A 8 0.44 -24.38 -11.82
C SER A 8 1.30 -23.23 -11.30
N LEU A 9 2.25 -22.81 -12.11
CA LEU A 9 3.14 -21.72 -11.75
C LEU A 9 2.86 -20.51 -12.64
N SER A 10 2.34 -19.47 -12.03
CA SER A 10 2.01 -18.25 -12.76
C SER A 10 1.47 -17.20 -11.80
N THR A 11 2.02 -15.99 -11.92
CA THR A 11 1.60 -14.89 -11.07
C THR A 11 0.15 -14.50 -11.38
N VAL A 12 -0.45 -13.79 -10.43
CA VAL A 12 -1.84 -13.36 -10.59
C VAL A 12 -2.00 -11.97 -9.97
N GLU A 13 -1.89 -11.93 -8.65
CA GLU A 13 -2.01 -10.68 -7.93
C GLU A 13 -0.97 -9.68 -8.40
N LEU A 14 0.25 -10.17 -8.53
CA LEU A 14 1.35 -9.32 -8.98
C LEU A 14 1.37 -9.28 -10.51
N SER A 15 0.41 -9.97 -11.09
CA SER A 15 0.31 -10.03 -12.54
C SER A 15 -0.65 -8.94 -13.04
N GLY A 16 -0.36 -7.72 -12.61
CA GLY A 16 -1.18 -6.57 -13.00
C GLY A 16 -0.32 -5.46 -13.59
N THR A 17 -0.97 -4.59 -14.35
CA THR A 17 -0.29 -3.48 -14.97
C THR A 17 0.08 -2.42 -13.93
N VAL A 18 1.37 -2.12 -13.87
CA VAL A 18 1.86 -1.14 -12.92
C VAL A 18 1.14 0.18 -13.14
N VAL A 19 0.53 0.68 -12.08
CA VAL A 19 -0.20 1.93 -12.14
C VAL A 19 0.53 3.00 -11.33
N LYS A 20 1.23 2.53 -10.30
CA LYS A 20 1.98 3.43 -9.44
C LYS A 20 3.14 2.66 -8.79
N GLN A 21 4.25 3.34 -8.64
CA GLN A 21 5.43 2.73 -8.03
C GLN A 21 6.22 3.78 -7.25
N GLY A 22 6.86 3.32 -6.18
CA GLY A 22 7.65 4.19 -5.34
C GLY A 22 7.92 3.55 -3.98
N TYR A 23 8.53 4.34 -3.10
CA TYR A 23 8.86 3.85 -1.77
C TYR A 23 8.04 4.58 -0.71
N LEU A 24 7.29 3.79 0.05
CA LEU A 24 6.45 4.35 1.11
C LEU A 24 6.97 3.86 2.46
N ALA A 25 6.38 4.42 3.52
CA ALA A 25 6.77 4.07 4.86
C ALA A 25 5.55 3.52 5.61
N LYS A 26 5.62 2.23 5.91
CA LYS A 26 4.53 1.56 6.62
C LYS A 26 4.66 1.85 8.12
N GLN A 27 3.51 2.02 8.75
CA GLN A 27 3.48 2.30 10.17
C GLN A 27 4.50 1.43 10.90
N GLY A 28 4.32 0.13 10.76
CA GLY A 28 5.23 -0.83 11.40
C GLY A 28 4.51 -1.60 12.51
N HIS A 29 5.27 -1.92 13.55
CA HIS A 29 4.72 -2.65 14.67
C HIS A 29 5.67 -2.57 15.86
N LYS A 30 6.80 -3.27 15.72
CA LYS A 30 7.81 -3.28 16.76
C LYS A 30 9.12 -2.76 16.20
N ARG A 31 9.76 -1.89 16.96
CA ARG A 31 11.03 -1.32 16.55
C ARG A 31 10.84 -0.45 15.31
N LYS A 32 11.62 0.62 15.24
CA LYS A 32 11.55 1.54 14.12
C LYS A 32 10.15 2.15 14.05
N ASN A 33 10.09 3.44 14.28
CA ASN A 33 8.82 4.15 14.25
C ASN A 33 8.13 3.89 12.90
N TRP A 34 8.80 4.32 11.84
CA TRP A 34 8.27 4.14 10.51
C TRP A 34 9.43 3.75 9.58
N LYS A 35 9.32 2.56 9.01
CA LYS A 35 10.34 2.06 8.12
C LYS A 35 9.91 2.29 6.67
N VAL A 36 10.90 2.50 5.82
CA VAL A 36 10.63 2.74 4.40
C VAL A 36 10.60 1.40 3.67
N ARG A 37 9.59 1.26 2.82
CA ARG A 37 9.43 0.04 2.05
C ARG A 37 9.03 0.37 0.60
N ARG A 38 9.53 -0.43 -0.32
CA ARG A 38 9.23 -0.24 -1.72
C ARG A 38 7.84 -0.79 -2.05
N PHE A 39 6.91 0.14 -2.23
CA PHE A 39 5.54 -0.23 -2.55
C PHE A 39 5.29 -0.16 -4.06
N VAL A 40 4.61 -1.18 -4.57
CA VAL A 40 4.30 -1.25 -5.98
C VAL A 40 2.79 -1.29 -6.17
N LEU A 41 2.33 -0.60 -7.20
CA LEU A 41 0.91 -0.54 -7.50
C LEU A 41 0.64 -1.19 -8.87
N ARG A 42 -0.28 -2.13 -8.88
CA ARG A 42 -0.63 -2.82 -10.11
C ARG A 42 -2.15 -2.77 -10.34
N LYS A 43 -2.54 -3.15 -11.54
CA LYS A 43 -3.95 -3.16 -11.89
C LYS A 43 -4.25 -4.37 -12.79
N ASP A 44 -5.45 -4.88 -12.65
CA ASP A 44 -5.87 -6.04 -13.44
C ASP A 44 -4.78 -7.11 -13.37
N PRO A 45 -4.76 -7.83 -12.23
CA PRO A 45 -5.72 -7.59 -11.16
C PRO A 45 -5.38 -6.31 -10.40
N ALA A 46 -6.27 -5.92 -9.52
CA ALA A 46 -6.07 -4.73 -8.72
C ALA A 46 -5.48 -5.12 -7.36
N PHE A 47 -4.18 -4.94 -7.25
CA PHE A 47 -3.48 -5.27 -6.01
C PHE A 47 -2.33 -4.29 -5.76
N LEU A 48 -1.83 -4.33 -4.53
CA LEU A 48 -0.74 -3.46 -4.15
C LEU A 48 0.21 -4.22 -3.20
N HIS A 49 1.42 -4.45 -3.69
CA HIS A 49 2.41 -5.15 -2.91
C HIS A 49 3.60 -4.23 -2.63
N TYR A 50 4.43 -4.66 -1.69
CA TYR A 50 5.60 -3.88 -1.32
C TYR A 50 6.72 -4.78 -0.81
N TYR A 51 7.94 -4.40 -1.14
CA TYR A 51 9.11 -5.17 -0.73
C TYR A 51 10.04 -4.32 0.14
N ASP A 52 10.85 -5.02 0.93
CA ASP A 52 11.79 -4.34 1.81
C ASP A 52 13.10 -4.11 1.06
N PRO A 53 13.51 -2.80 1.00
CA PRO A 53 14.74 -2.44 0.32
C PRO A 53 15.97 -2.82 1.15
N SER A 54 15.70 -3.40 2.30
CA SER A 54 16.76 -3.83 3.19
C SER A 54 16.95 -5.35 3.10
N LYS A 55 15.88 -6.07 3.37
CA LYS A 55 15.90 -7.52 3.32
C LYS A 55 16.29 -7.96 1.91
N GLU A 56 16.40 -9.28 1.75
CA GLU A 56 16.75 -9.85 0.46
C GLU A 56 16.04 -11.18 0.25
N GLU A 57 14.95 -11.12 -0.50
CA GLU A 57 14.17 -12.32 -0.78
C GLU A 57 13.44 -12.17 -2.11
N ASN A 58 13.09 -13.32 -2.69
CA ASN A 58 12.39 -13.33 -3.95
C ASN A 58 10.89 -13.33 -3.71
N ARG A 59 10.43 -12.28 -3.02
CA ARG A 59 9.02 -12.15 -2.70
C ARG A 59 8.77 -10.84 -1.95
N PRO A 60 7.48 -10.39 -2.00
CA PRO A 60 7.10 -9.16 -1.34
C PRO A 60 7.00 -9.37 0.18
N VAL A 61 7.05 -8.25 0.90
CA VAL A 61 6.97 -8.31 2.36
C VAL A 61 5.51 -8.53 2.78
N GLY A 62 4.61 -8.03 1.94
CA GLY A 62 3.19 -8.17 2.21
C GLY A 62 2.36 -8.02 0.93
N GLY A 63 1.36 -7.15 1.01
CA GLY A 63 0.50 -6.89 -0.13
C GLY A 63 -0.92 -7.37 0.15
N PHE A 64 -1.87 -6.45 -0.01
CA PHE A 64 -3.27 -6.75 0.21
C PHE A 64 -4.09 -6.55 -1.07
N SER A 65 -5.19 -7.29 -1.16
CA SER A 65 -6.06 -7.20 -2.31
C SER A 65 -6.86 -5.89 -2.26
N LEU A 66 -6.63 -5.06 -3.25
CA LEU A 66 -7.32 -3.78 -3.34
C LEU A 66 -8.81 -4.02 -3.57
N ARG A 67 -9.10 -4.95 -4.48
CA ARG A 67 -10.47 -5.28 -4.81
C ARG A 67 -11.33 -5.26 -3.54
N GLY A 68 -12.21 -4.28 -3.49
CA GLY A 68 -13.10 -4.13 -2.35
C GLY A 68 -12.37 -3.49 -1.16
N SER A 69 -11.70 -2.39 -1.45
CA SER A 69 -10.96 -1.69 -0.42
C SER A 69 -11.26 -0.18 -0.49
N LEU A 70 -10.56 0.57 0.33
CA LEU A 70 -10.74 2.01 0.37
C LEU A 70 -9.46 2.68 0.88
N VAL A 71 -9.30 3.94 0.51
CA VAL A 71 -8.13 4.69 0.93
C VAL A 71 -8.54 6.13 1.26
N SER A 72 -7.77 6.75 2.13
CA SER A 72 -8.04 8.11 2.55
C SER A 72 -6.79 8.73 3.16
N ALA A 73 -6.80 10.06 3.22
CA ALA A 73 -5.66 10.80 3.78
C ALA A 73 -6.04 11.32 5.17
N LEU A 74 -5.03 11.37 6.03
CA LEU A 74 -5.24 11.84 7.39
C LEU A 74 -4.80 13.30 7.49
N GLU A 75 -4.83 13.82 8.70
CA GLU A 75 -4.43 15.20 8.95
C GLU A 75 -3.33 15.25 10.00
N ASP A 76 -2.50 16.28 9.89
CA ASP A 76 -1.40 16.46 10.83
C ASP A 76 -1.88 16.13 12.24
N ASN A 77 -2.70 17.02 12.78
CA ASN A 77 -3.24 16.83 14.11
C ASN A 77 -2.14 16.33 15.04
N GLY A 78 -2.55 15.80 16.18
CA GLY A 78 -1.61 15.29 17.15
C GLY A 78 -1.87 13.81 17.44
N VAL A 79 -1.28 12.96 16.61
CA VAL A 79 -1.44 11.53 16.75
C VAL A 79 -2.91 11.15 16.54
N PRO A 80 -3.12 10.04 15.80
CA PRO A 80 -4.46 9.56 15.52
C PRO A 80 -5.08 8.90 16.75
N THR A 81 -4.49 7.79 17.15
CA THR A 81 -4.97 7.05 18.30
C THR A 81 -3.88 6.13 18.85
N GLY A 82 -3.93 4.88 18.41
CA GLY A 82 -2.96 3.90 18.84
C GLY A 82 -1.95 3.59 17.71
N VAL A 83 -1.04 4.54 17.51
CA VAL A 83 -0.03 4.39 16.48
C VAL A 83 1.36 4.49 17.12
N LYS A 84 1.71 5.71 17.52
CA LYS A 84 3.00 5.95 18.14
C LYS A 84 3.06 7.41 18.61
N GLY A 85 4.26 7.81 19.02
CA GLY A 85 4.47 9.17 19.49
C GLY A 85 3.70 10.17 18.62
N ASN A 86 3.77 9.96 17.32
CA ASN A 86 3.09 10.84 16.38
C ASN A 86 3.59 10.54 14.96
N VAL A 87 2.66 10.08 14.13
CA VAL A 87 2.99 9.75 12.75
C VAL A 87 3.64 10.98 12.09
N GLN A 88 3.84 10.86 10.79
CA GLN A 88 4.45 11.93 10.02
C GLN A 88 3.53 13.15 10.00
N GLY A 89 2.64 13.17 9.02
CA GLY A 89 1.70 14.27 8.88
C GLY A 89 0.79 14.05 7.67
N ASN A 90 -0.51 13.95 7.95
CA ASN A 90 -1.49 13.74 6.90
C ASN A 90 -1.53 12.26 6.53
N LEU A 91 -0.41 11.79 5.98
CA LEU A 91 -0.30 10.40 5.58
C LEU A 91 -1.64 9.94 4.97
N PHE A 92 -1.84 8.63 4.97
CA PHE A 92 -3.05 8.06 4.43
C PHE A 92 -3.23 6.61 4.88
N LYS A 93 -4.49 6.19 4.95
CA LYS A 93 -4.79 4.83 5.36
C LYS A 93 -5.54 4.12 4.22
N VAL A 94 -5.66 2.81 4.37
CA VAL A 94 -6.34 2.00 3.37
C VAL A 94 -7.33 1.06 4.06
N ILE A 95 -8.58 1.45 4.03
CA ILE A 95 -9.64 0.66 4.64
C ILE A 95 -10.09 -0.42 3.67
N THR A 96 -9.68 -1.65 3.94
CA THR A 96 -10.04 -2.77 3.09
C THR A 96 -11.44 -3.28 3.45
N LYS A 97 -11.78 -4.43 2.88
CA LYS A 97 -13.08 -5.04 3.14
C LYS A 97 -13.12 -5.57 4.57
N ASP A 98 -11.93 -5.67 5.16
CA ASP A 98 -11.82 -6.17 6.52
C ASP A 98 -11.66 -4.99 7.47
N ASP A 99 -11.93 -3.81 6.95
CA ASP A 99 -11.82 -2.59 7.75
C ASP A 99 -10.51 -2.61 8.52
N THR A 100 -9.48 -3.15 7.88
CA THR A 100 -8.17 -3.24 8.50
C THR A 100 -7.58 -1.84 8.71
N HIS A 101 -7.41 -1.13 7.59
CA HIS A 101 -6.87 0.20 7.64
C HIS A 101 -5.34 0.14 7.73
N TYR A 102 -4.71 0.19 6.56
CA TYR A 102 -3.25 0.13 6.50
C TYR A 102 -2.66 1.53 6.34
N TYR A 103 -2.17 2.06 7.45
CA TYR A 103 -1.56 3.39 7.45
C TYR A 103 -0.19 3.36 6.78
N ILE A 104 -0.02 4.25 5.81
CA ILE A 104 1.24 4.34 5.08
C ILE A 104 1.60 5.82 4.90
N GLN A 105 2.83 6.03 4.47
CA GLN A 105 3.33 7.38 4.26
C GLN A 105 3.78 7.56 2.80
N ALA A 106 3.64 8.78 2.32
CA ALA A 106 4.04 9.09 0.95
C ALA A 106 5.33 9.91 0.97
N SER A 107 5.91 10.07 -0.21
CA SER A 107 7.14 10.83 -0.34
C SER A 107 6.82 12.32 -0.39
N SER A 108 5.68 12.64 -0.98
CA SER A 108 5.25 14.02 -1.10
C SER A 108 3.72 14.10 -1.06
N LYS A 109 3.23 15.22 -0.54
CA LYS A 109 1.81 15.43 -0.44
C LYS A 109 1.13 14.90 -1.70
N ALA A 110 1.72 15.23 -2.83
CA ALA A 110 1.19 14.80 -4.11
C ALA A 110 1.25 13.27 -4.20
N GLU A 111 2.42 12.75 -3.88
CA GLU A 111 2.63 11.30 -3.91
C GLU A 111 1.41 10.58 -3.32
N ARG A 112 0.90 11.13 -2.24
CA ARG A 112 -0.25 10.56 -1.57
C ARG A 112 -1.43 10.44 -2.55
N ALA A 113 -2.03 11.57 -2.85
CA ALA A 113 -3.15 11.61 -3.77
C ALA A 113 -2.96 10.54 -4.85
N GLU A 114 -1.81 10.60 -5.49
CA GLU A 114 -1.48 9.66 -6.54
C GLU A 114 -1.65 8.22 -6.04
N TRP A 115 -1.01 7.95 -4.91
CA TRP A 115 -1.08 6.63 -4.31
C TRP A 115 -2.52 6.38 -3.88
N ILE A 116 -3.10 7.40 -3.26
CA ILE A 116 -4.47 7.31 -2.79
C ILE A 116 -5.41 7.09 -3.99
N GLU A 117 -5.66 8.17 -4.70
CA GLU A 117 -6.54 8.11 -5.86
C GLU A 117 -6.31 6.81 -6.62
N ALA A 118 -5.04 6.49 -6.83
CA ALA A 118 -4.68 5.28 -7.55
C ALA A 118 -5.46 4.10 -6.95
N ILE A 119 -5.27 3.88 -5.66
CA ILE A 119 -5.95 2.80 -4.98
C ILE A 119 -7.45 2.90 -5.23
N LYS A 120 -7.99 4.07 -4.92
CA LYS A 120 -9.42 4.32 -5.10
C LYS A 120 -9.85 3.78 -6.46
N LYS A 121 -9.00 4.03 -7.45
CA LYS A 121 -9.28 3.58 -8.80
C LYS A 121 -9.52 2.06 -8.79
N LEU A 122 -8.49 1.34 -8.39
CA LEU A 122 -8.56 -0.11 -8.34
C LEU A 122 -9.88 -0.52 -7.67
N THR A 123 -10.11 0.04 -6.49
CA THR A 123 -11.32 -0.25 -5.74
C THR A 123 -12.54 0.31 -6.47
N SER A 124 -13.70 0.09 -5.86
CA SER A 124 -14.94 0.56 -6.43
C SER A 124 -15.01 2.09 -6.33
N GLY A 125 -15.20 2.72 -7.48
CA GLY A 125 -15.28 4.17 -7.54
C GLY A 125 -16.34 4.62 -8.55
N PRO A 126 -16.61 5.95 -8.55
CA PRO A 126 -17.59 6.52 -9.46
C PRO A 126 -17.02 6.61 -10.88
N SER A 127 -15.86 7.23 -10.98
CA SER A 127 -15.21 7.39 -12.28
C SER A 127 -14.99 6.02 -12.92
N SER A 128 -15.69 5.80 -14.02
CA SER A 128 -15.58 4.53 -14.73
C SER A 128 -14.69 4.71 -15.97
N GLY A 129 -14.00 3.64 -16.31
CA GLY A 129 -13.12 3.66 -17.46
C GLY A 129 -11.71 4.11 -17.06
N GLY A 1 7.78 4.52 -21.19
CA GLY A 1 7.25 3.68 -22.25
C GLY A 1 8.20 2.51 -22.54
N SER A 2 7.91 1.39 -21.90
CA SER A 2 8.72 0.19 -22.09
C SER A 2 7.87 -1.05 -21.82
N SER A 3 7.90 -1.97 -22.79
CA SER A 3 7.15 -3.20 -22.66
C SER A 3 8.04 -4.39 -23.02
N GLY A 4 7.61 -5.57 -22.59
CA GLY A 4 8.35 -6.79 -22.86
C GLY A 4 8.11 -7.83 -21.76
N SER A 5 8.75 -8.98 -21.93
CA SER A 5 8.62 -10.05 -20.97
C SER A 5 9.83 -11.00 -21.08
N SER A 6 10.16 -11.60 -19.95
CA SER A 6 11.28 -12.53 -19.90
C SER A 6 11.07 -13.54 -18.77
N GLY A 7 11.79 -14.65 -18.88
CA GLY A 7 11.69 -15.70 -17.87
C GLY A 7 10.31 -16.36 -17.89
N SER A 8 10.20 -17.46 -17.17
CA SER A 8 8.95 -18.18 -17.09
C SER A 8 8.47 -18.25 -15.64
N LEU A 9 7.46 -17.45 -15.34
CA LEU A 9 6.89 -17.41 -14.01
C LEU A 9 5.37 -17.34 -14.09
N SER A 10 4.72 -18.00 -13.15
CA SER A 10 3.27 -18.02 -13.11
C SER A 10 2.77 -17.05 -12.05
N THR A 11 2.66 -15.78 -12.45
CA THR A 11 2.19 -14.75 -11.55
C THR A 11 0.75 -14.36 -11.87
N VAL A 12 0.09 -13.76 -10.90
CA VAL A 12 -1.29 -13.33 -11.08
C VAL A 12 -1.50 -12.00 -10.36
N GLU A 13 -1.37 -12.05 -9.04
CA GLU A 13 -1.55 -10.87 -8.22
C GLU A 13 -0.58 -9.77 -8.65
N LEU A 14 0.68 -10.17 -8.81
CA LEU A 14 1.72 -9.24 -9.21
C LEU A 14 1.74 -9.14 -10.75
N SER A 15 0.73 -9.75 -11.35
CA SER A 15 0.62 -9.74 -12.80
C SER A 15 -0.41 -8.71 -13.25
N GLY A 16 -0.17 -7.47 -12.84
CA GLY A 16 -1.08 -6.38 -13.18
C GLY A 16 -0.30 -5.19 -13.76
N THR A 17 -1.01 -4.40 -14.54
CA THR A 17 -0.41 -3.23 -15.16
C THR A 17 -0.04 -2.19 -14.11
N VAL A 18 1.26 -1.98 -13.96
CA VAL A 18 1.75 -1.01 -12.99
C VAL A 18 1.03 0.31 -13.18
N VAL A 19 0.34 0.73 -12.13
CA VAL A 19 -0.40 1.98 -12.16
C VAL A 19 0.29 3.01 -11.27
N LYS A 20 0.99 2.50 -10.26
CA LYS A 20 1.70 3.36 -9.32
C LYS A 20 2.89 2.59 -8.74
N GLN A 21 3.95 3.32 -8.48
CA GLN A 21 5.15 2.71 -7.91
C GLN A 21 5.93 3.76 -7.11
N GLY A 22 6.78 3.26 -6.22
CA GLY A 22 7.59 4.14 -5.39
C GLY A 22 7.84 3.50 -4.01
N TYR A 23 8.27 4.35 -3.08
CA TYR A 23 8.55 3.90 -1.73
C TYR A 23 7.61 4.56 -0.72
N LEU A 24 7.07 3.74 0.17
CA LEU A 24 6.16 4.24 1.18
C LEU A 24 6.64 3.77 2.56
N ALA A 25 6.04 4.36 3.59
CA ALA A 25 6.39 4.01 4.96
C ALA A 25 5.16 3.45 5.67
N LYS A 26 5.11 2.12 5.75
CA LYS A 26 3.99 1.46 6.39
C LYS A 26 4.31 1.28 7.88
N GLN A 27 3.27 1.48 8.70
CA GLN A 27 3.43 1.35 10.13
C GLN A 27 2.73 0.08 10.63
N GLY A 28 3.40 -0.61 11.54
CA GLY A 28 2.86 -1.84 12.10
C GLY A 28 3.57 -2.20 13.41
N HIS A 29 4.13 -3.39 13.42
CA HIS A 29 4.84 -3.87 14.60
C HIS A 29 6.12 -4.60 14.17
N LYS A 30 7.24 -4.08 14.63
CA LYS A 30 8.53 -4.66 14.31
C LYS A 30 9.60 -4.09 15.24
N ARG A 31 9.73 -2.77 15.19
CA ARG A 31 10.70 -2.08 16.01
C ARG A 31 10.57 -0.56 15.84
N LYS A 32 10.63 -0.13 14.59
CA LYS A 32 10.52 1.28 14.28
C LYS A 32 9.05 1.63 14.00
N ASN A 33 8.61 2.72 14.58
CA ASN A 33 7.24 3.16 14.41
C ASN A 33 6.85 3.03 12.93
N TRP A 34 7.64 3.67 12.08
CA TRP A 34 7.40 3.62 10.65
C TRP A 34 8.68 3.17 9.96
N LYS A 35 8.51 2.32 8.96
CA LYS A 35 9.65 1.81 8.21
C LYS A 35 9.39 1.98 6.71
N VAL A 36 10.39 2.53 6.03
CA VAL A 36 10.28 2.74 4.61
C VAL A 36 10.27 1.40 3.88
N ARG A 37 9.40 1.31 2.89
CA ARG A 37 9.26 0.09 2.11
C ARG A 37 8.87 0.41 0.67
N ARG A 38 9.47 -0.33 -0.25
CA ARG A 38 9.19 -0.13 -1.67
C ARG A 38 7.84 -0.75 -2.04
N PHE A 39 6.86 0.12 -2.25
CA PHE A 39 5.53 -0.34 -2.61
C PHE A 39 5.32 -0.29 -4.12
N VAL A 40 4.48 -1.20 -4.60
CA VAL A 40 4.20 -1.28 -6.02
C VAL A 40 2.68 -1.41 -6.22
N LEU A 41 2.18 -0.67 -7.20
CA LEU A 41 0.75 -0.70 -7.50
C LEU A 41 0.54 -1.31 -8.88
N ARG A 42 -0.47 -2.16 -8.97
CA ARG A 42 -0.79 -2.81 -10.23
C ARG A 42 -2.31 -2.92 -10.41
N LYS A 43 -2.72 -3.01 -11.66
CA LYS A 43 -4.13 -3.12 -11.99
C LYS A 43 -4.35 -4.30 -12.93
N ASP A 44 -5.48 -4.96 -12.74
CA ASP A 44 -5.83 -6.10 -13.57
C ASP A 44 -4.68 -7.12 -13.52
N PRO A 45 -4.61 -7.85 -12.38
CA PRO A 45 -5.56 -7.66 -11.31
C PRO A 45 -5.27 -6.38 -10.53
N ALA A 46 -6.19 -6.03 -9.64
CA ALA A 46 -6.04 -4.83 -8.84
C ALA A 46 -5.47 -5.22 -7.47
N PHE A 47 -4.14 -5.14 -7.38
CA PHE A 47 -3.46 -5.47 -6.15
C PHE A 47 -2.41 -4.41 -5.80
N LEU A 48 -1.77 -4.61 -4.66
CA LEU A 48 -0.74 -3.69 -4.21
C LEU A 48 0.25 -4.43 -3.30
N HIS A 49 1.47 -4.55 -3.78
CA HIS A 49 2.52 -5.22 -3.03
C HIS A 49 3.64 -4.24 -2.70
N TYR A 50 4.51 -4.67 -1.80
CA TYR A 50 5.63 -3.84 -1.40
C TYR A 50 6.78 -4.69 -0.85
N TYR A 51 7.99 -4.25 -1.15
CA TYR A 51 9.17 -4.97 -0.69
C TYR A 51 10.07 -4.07 0.16
N ASP A 52 10.85 -4.69 1.03
CA ASP A 52 11.74 -3.96 1.91
C ASP A 52 13.09 -3.79 1.21
N PRO A 53 13.55 -2.50 1.15
CA PRO A 53 14.81 -2.18 0.53
C PRO A 53 15.98 -2.60 1.42
N SER A 54 15.65 -3.10 2.60
CA SER A 54 16.66 -3.55 3.54
C SER A 54 16.60 -5.07 3.71
N LYS A 55 16.07 -5.72 2.69
CA LYS A 55 15.95 -7.17 2.70
C LYS A 55 16.58 -7.74 1.44
N GLU A 56 16.59 -9.07 1.37
CA GLU A 56 17.16 -9.76 0.23
C GLU A 56 16.41 -11.07 -0.03
N GLU A 57 15.32 -10.96 -0.78
CA GLU A 57 14.51 -12.11 -1.10
C GLU A 57 13.73 -11.87 -2.39
N ASN A 58 13.50 -12.95 -3.12
CA ASN A 58 12.75 -12.86 -4.36
C ASN A 58 11.26 -12.93 -4.07
N ARG A 59 10.83 -12.10 -3.13
CA ARG A 59 9.43 -12.07 -2.75
C ARG A 59 9.12 -10.78 -1.99
N PRO A 60 7.81 -10.38 -2.05
CA PRO A 60 7.38 -9.16 -1.38
C PRO A 60 7.27 -9.38 0.14
N VAL A 61 7.27 -8.28 0.87
CA VAL A 61 7.18 -8.35 2.32
C VAL A 61 5.72 -8.61 2.71
N GLY A 62 4.81 -8.11 1.89
CA GLY A 62 3.39 -8.28 2.14
C GLY A 62 2.59 -8.13 0.85
N GLY A 63 1.60 -7.24 0.92
CA GLY A 63 0.74 -7.00 -0.23
C GLY A 63 -0.67 -7.50 0.02
N PHE A 64 -1.63 -6.58 -0.08
CA PHE A 64 -3.03 -6.92 0.14
C PHE A 64 -3.85 -6.64 -1.12
N SER A 65 -4.91 -7.42 -1.27
CA SER A 65 -5.79 -7.27 -2.42
C SER A 65 -6.66 -6.02 -2.25
N LEU A 66 -6.62 -5.18 -3.28
CA LEU A 66 -7.40 -3.95 -3.25
C LEU A 66 -8.88 -4.28 -3.47
N ARG A 67 -9.11 -5.33 -4.25
CA ARG A 67 -10.46 -5.76 -4.54
C ARG A 67 -11.29 -5.80 -3.27
N GLY A 68 -12.02 -4.73 -3.03
CA GLY A 68 -12.86 -4.64 -1.85
C GLY A 68 -12.15 -3.90 -0.71
N SER A 69 -11.31 -2.94 -1.11
CA SER A 69 -10.56 -2.15 -0.15
C SER A 69 -11.00 -0.70 -0.21
N LEU A 70 -10.34 0.13 0.58
CA LEU A 70 -10.65 1.55 0.63
C LEU A 70 -9.40 2.33 1.03
N VAL A 71 -9.36 3.58 0.60
CA VAL A 71 -8.23 4.45 0.91
C VAL A 71 -8.75 5.82 1.32
N SER A 72 -8.10 6.39 2.33
CA SER A 72 -8.49 7.70 2.84
C SER A 72 -7.28 8.39 3.48
N ALA A 73 -7.34 9.72 3.50
CA ALA A 73 -6.27 10.50 4.08
C ALA A 73 -6.59 10.80 5.55
N LEU A 74 -5.54 10.97 6.33
CA LEU A 74 -5.71 11.26 7.75
C LEU A 74 -5.76 12.77 7.95
N GLU A 75 -6.24 13.17 9.11
CA GLU A 75 -6.35 14.58 9.45
C GLU A 75 -4.96 15.16 9.73
N ASP A 76 -4.90 16.49 9.78
CA ASP A 76 -3.65 17.17 10.04
C ASP A 76 -3.31 17.04 11.52
N ASN A 77 -4.27 17.42 12.36
CA ASN A 77 -4.07 17.35 13.80
C ASN A 77 -5.05 16.34 14.39
N GLY A 78 -4.78 15.95 15.63
CA GLY A 78 -5.64 14.99 16.31
C GLY A 78 -5.10 13.57 16.15
N VAL A 79 -4.96 12.89 17.28
CA VAL A 79 -4.46 11.52 17.27
C VAL A 79 -5.39 10.65 16.41
N PRO A 80 -4.76 9.93 15.44
CA PRO A 80 -5.52 9.06 14.56
C PRO A 80 -5.94 7.78 15.27
N THR A 81 -6.76 7.00 14.59
CA THR A 81 -7.25 5.75 15.15
C THR A 81 -6.10 4.78 15.37
N GLY A 82 -5.91 4.41 16.63
CA GLY A 82 -4.84 3.49 17.00
C GLY A 82 -3.53 3.90 16.33
N VAL A 83 -2.86 4.87 16.94
CA VAL A 83 -1.59 5.35 16.42
C VAL A 83 -0.75 5.91 17.57
N LYS A 84 0.31 5.18 17.90
CA LYS A 84 1.19 5.59 18.97
C LYS A 84 2.09 6.73 18.49
N GLY A 85 1.53 7.94 18.54
CA GLY A 85 2.25 9.11 18.11
C GLY A 85 1.60 9.75 16.88
N ASN A 86 0.67 10.66 17.15
CA ASN A 86 -0.03 11.34 16.08
C ASN A 86 0.95 11.69 14.96
N VAL A 87 0.90 10.89 13.90
CA VAL A 87 1.77 11.11 12.76
C VAL A 87 1.44 12.44 12.11
N GLN A 88 2.17 12.74 11.05
CA GLN A 88 1.95 13.98 10.31
C GLN A 88 2.59 13.89 8.92
N GLY A 89 2.08 14.74 8.03
CA GLY A 89 2.58 14.76 6.66
C GLY A 89 1.48 14.37 5.67
N ASN A 90 0.27 14.78 5.99
CA ASN A 90 -0.88 14.48 5.14
C ASN A 90 -0.80 13.02 4.68
N LEU A 91 -0.67 12.14 5.66
CA LEU A 91 -0.59 10.72 5.37
C LEU A 91 -1.97 10.19 4.99
N PHE A 92 -2.09 8.87 4.99
CA PHE A 92 -3.35 8.24 4.65
C PHE A 92 -3.38 6.78 5.13
N LYS A 93 -4.56 6.18 5.02
CA LYS A 93 -4.72 4.79 5.44
C LYS A 93 -5.56 4.05 4.40
N VAL A 94 -5.52 2.74 4.49
CA VAL A 94 -6.27 1.90 3.56
C VAL A 94 -7.20 0.98 4.35
N ILE A 95 -8.50 1.24 4.21
CA ILE A 95 -9.50 0.45 4.91
C ILE A 95 -9.92 -0.72 4.02
N THR A 96 -9.47 -1.91 4.40
CA THR A 96 -9.79 -3.10 3.65
C THR A 96 -11.18 -3.61 4.03
N LYS A 97 -11.56 -4.72 3.41
CA LYS A 97 -12.86 -5.32 3.67
C LYS A 97 -12.91 -5.80 5.12
N ASP A 98 -11.74 -5.82 5.74
CA ASP A 98 -11.64 -6.26 7.13
C ASP A 98 -11.54 -5.02 8.04
N ASP A 99 -11.85 -3.87 7.46
CA ASP A 99 -11.79 -2.62 8.20
C ASP A 99 -10.52 -2.59 9.04
N THR A 100 -9.43 -3.03 8.43
CA THR A 100 -8.15 -3.06 9.11
C THR A 100 -7.58 -1.64 9.24
N HIS A 101 -7.55 -0.94 8.12
CA HIS A 101 -7.04 0.42 8.09
C HIS A 101 -5.51 0.39 8.12
N TYR A 102 -4.93 0.24 6.95
CA TYR A 102 -3.48 0.21 6.82
C TYR A 102 -2.92 1.60 6.57
N TYR A 103 -2.26 2.14 7.59
CA TYR A 103 -1.67 3.46 7.49
C TYR A 103 -0.39 3.43 6.65
N ILE A 104 -0.31 4.36 5.70
CA ILE A 104 0.84 4.45 4.83
C ILE A 104 1.27 5.91 4.70
N GLN A 105 2.48 6.09 4.21
CA GLN A 105 3.01 7.44 4.03
C GLN A 105 3.68 7.56 2.66
N ALA A 106 3.58 8.76 2.09
CA ALA A 106 4.15 9.02 0.79
C ALA A 106 5.45 9.82 0.96
N SER A 107 6.18 9.96 -0.14
CA SER A 107 7.43 10.68 -0.12
C SER A 107 7.16 12.18 -0.32
N SER A 108 6.32 12.47 -1.29
CA SER A 108 5.96 13.86 -1.60
C SER A 108 4.46 14.06 -1.45
N LYS A 109 4.10 15.27 -1.04
CA LYS A 109 2.69 15.60 -0.86
C LYS A 109 1.88 14.97 -1.99
N ALA A 110 2.28 15.28 -3.22
CA ALA A 110 1.60 14.75 -4.39
C ALA A 110 1.65 13.22 -4.36
N GLU A 111 2.85 12.70 -4.14
CA GLU A 111 3.05 11.26 -4.09
C GLU A 111 1.94 10.60 -3.26
N ARG A 112 1.57 11.27 -2.18
CA ARG A 112 0.53 10.77 -1.31
C ARG A 112 -0.81 10.68 -2.06
N ALA A 113 -1.35 11.85 -2.36
CA ALA A 113 -2.62 11.92 -3.07
C ALA A 113 -2.59 10.94 -4.23
N GLU A 114 -1.43 10.85 -4.87
CA GLU A 114 -1.26 9.95 -6.00
C GLU A 114 -1.67 8.52 -5.61
N TRP A 115 -0.87 7.93 -4.74
CA TRP A 115 -1.13 6.58 -4.28
C TRP A 115 -2.61 6.48 -3.92
N ILE A 116 -3.09 7.49 -3.21
CA ILE A 116 -4.48 7.53 -2.80
C ILE A 116 -5.38 7.33 -4.02
N GLU A 117 -5.49 8.38 -4.81
CA GLU A 117 -6.32 8.33 -6.00
C GLU A 117 -6.10 7.00 -6.75
N ALA A 118 -4.84 6.60 -6.81
CA ALA A 118 -4.48 5.36 -7.48
C ALA A 118 -5.29 4.21 -6.88
N ILE A 119 -5.03 3.94 -5.60
CA ILE A 119 -5.72 2.88 -4.91
C ILE A 119 -7.22 2.95 -5.23
N LYS A 120 -7.79 4.11 -4.95
CA LYS A 120 -9.21 4.33 -5.20
C LYS A 120 -9.59 3.69 -6.54
N LYS A 121 -8.86 4.09 -7.58
CA LYS A 121 -9.10 3.56 -8.91
C LYS A 121 -9.39 2.06 -8.82
N LEU A 122 -8.41 1.34 -8.29
CA LEU A 122 -8.52 -0.10 -8.14
C LEU A 122 -9.86 -0.42 -7.47
N THR A 123 -10.05 0.17 -6.30
CA THR A 123 -11.27 -0.04 -5.54
C THR A 123 -12.47 0.54 -6.29
N SER A 124 -12.84 -0.13 -7.37
CA SER A 124 -13.96 0.30 -8.18
C SER A 124 -13.87 1.81 -8.45
N GLY A 125 -13.13 2.15 -9.49
CA GLY A 125 -12.95 3.54 -9.87
C GLY A 125 -12.94 3.70 -11.39
N PRO A 126 -13.84 4.60 -11.88
CA PRO A 126 -13.94 4.85 -13.30
C PRO A 126 -12.76 5.71 -13.79
N SER A 127 -12.49 5.60 -15.08
CA SER A 127 -11.40 6.35 -15.68
C SER A 127 -11.93 7.67 -16.25
N SER A 128 -11.19 8.73 -15.98
CA SER A 128 -11.57 10.05 -16.44
C SER A 128 -11.35 10.14 -17.95
N GLY A 129 -12.12 11.04 -18.57
CA GLY A 129 -12.03 11.24 -20.01
C GLY A 129 -10.74 11.98 -20.38
N GLY A 1 -20.01 -16.12 -11.40
CA GLY A 1 -19.48 -17.32 -12.05
C GLY A 1 -18.18 -17.01 -12.80
N SER A 2 -17.82 -17.92 -13.68
CA SER A 2 -16.61 -17.75 -14.47
C SER A 2 -16.82 -16.68 -15.54
N SER A 3 -15.97 -15.68 -15.49
CA SER A 3 -16.04 -14.58 -16.45
C SER A 3 -14.65 -14.15 -16.87
N GLY A 4 -13.86 -13.75 -15.87
CA GLY A 4 -12.50 -13.31 -16.13
C GLY A 4 -11.60 -14.50 -16.51
N SER A 5 -10.78 -14.27 -17.52
CA SER A 5 -9.87 -15.31 -17.99
C SER A 5 -8.46 -15.04 -17.45
N SER A 6 -8.09 -15.82 -16.45
CA SER A 6 -6.77 -15.68 -15.85
C SER A 6 -6.54 -16.82 -14.85
N GLY A 7 -5.68 -17.75 -15.25
CA GLY A 7 -5.36 -18.89 -14.41
C GLY A 7 -4.15 -18.59 -13.53
N SER A 8 -3.46 -19.66 -13.15
CA SER A 8 -2.27 -19.52 -12.31
C SER A 8 -1.04 -20.01 -13.08
N LEU A 9 -0.32 -19.04 -13.63
CA LEU A 9 0.88 -19.36 -14.39
C LEU A 9 2.01 -18.41 -13.98
N SER A 10 2.59 -18.70 -12.82
CA SER A 10 3.67 -17.88 -12.30
C SER A 10 3.20 -16.43 -12.15
N THR A 11 3.02 -16.03 -10.90
CA THR A 11 2.57 -14.67 -10.60
C THR A 11 1.13 -14.49 -11.04
N VAL A 12 0.38 -13.73 -10.24
CA VAL A 12 -1.01 -13.46 -10.54
C VAL A 12 -1.36 -12.04 -10.10
N GLU A 13 -1.36 -11.84 -8.79
CA GLU A 13 -1.67 -10.54 -8.21
C GLU A 13 -0.60 -9.52 -8.62
N LEU A 14 0.63 -10.00 -8.72
CA LEU A 14 1.73 -9.14 -9.10
C LEU A 14 1.75 -8.98 -10.63
N SER A 15 0.94 -9.79 -11.28
CA SER A 15 0.85 -9.75 -12.73
C SER A 15 -0.21 -8.73 -13.17
N GLY A 16 0.03 -7.49 -12.81
CA GLY A 16 -0.89 -6.42 -13.16
C GLY A 16 -0.14 -5.22 -13.74
N THR A 17 -0.87 -4.41 -14.50
CA THR A 17 -0.29 -3.23 -15.11
C THR A 17 0.08 -2.20 -14.04
N VAL A 18 1.37 -1.88 -13.99
CA VAL A 18 1.87 -0.92 -13.02
C VAL A 18 1.17 0.42 -13.24
N VAL A 19 0.55 0.92 -12.18
CA VAL A 19 -0.15 2.18 -12.24
C VAL A 19 0.58 3.21 -11.37
N LYS A 20 1.19 2.72 -10.31
CA LYS A 20 1.93 3.58 -9.41
C LYS A 20 3.07 2.78 -8.77
N GLN A 21 4.20 3.45 -8.60
CA GLN A 21 5.36 2.82 -8.00
C GLN A 21 6.15 3.83 -7.19
N GLY A 22 6.87 3.33 -6.19
CA GLY A 22 7.67 4.18 -5.33
C GLY A 22 7.92 3.51 -3.98
N TYR A 23 8.34 4.32 -3.02
CA TYR A 23 8.61 3.83 -1.68
C TYR A 23 7.71 4.50 -0.65
N LEU A 24 7.02 3.67 0.12
CA LEU A 24 6.12 4.17 1.15
C LEU A 24 6.60 3.71 2.52
N ALA A 25 6.01 4.28 3.55
CA ALA A 25 6.37 3.94 4.91
C ALA A 25 5.17 3.31 5.62
N LYS A 26 5.24 2.00 5.81
CA LYS A 26 4.17 1.28 6.47
C LYS A 26 4.40 1.29 7.97
N GLN A 27 3.56 2.05 8.67
CA GLN A 27 3.66 2.16 10.11
C GLN A 27 3.50 0.79 10.75
N GLY A 28 4.24 0.58 11.84
CA GLY A 28 4.19 -0.68 12.55
C GLY A 28 4.46 -0.47 14.04
N HIS A 29 5.11 -1.45 14.64
CA HIS A 29 5.44 -1.40 16.06
C HIS A 29 6.84 -1.97 16.29
N LYS A 30 7.61 -1.26 17.09
CA LYS A 30 8.97 -1.70 17.40
C LYS A 30 9.86 -1.46 16.19
N ARG A 31 11.13 -1.17 16.48
CA ARG A 31 12.09 -0.92 15.43
C ARG A 31 11.58 0.16 14.48
N LYS A 32 11.77 1.40 14.89
CA LYS A 32 11.34 2.53 14.09
C LYS A 32 9.81 2.58 14.07
N ASN A 33 9.28 3.79 14.08
CA ASN A 33 7.84 3.98 14.06
C ASN A 33 7.33 3.79 12.62
N TRP A 34 7.99 4.47 11.71
CA TRP A 34 7.61 4.40 10.30
C TRP A 34 8.75 3.71 9.55
N LYS A 35 8.45 2.52 9.04
CA LYS A 35 9.43 1.75 8.29
C LYS A 35 9.20 1.95 6.79
N VAL A 36 10.23 2.43 6.12
CA VAL A 36 10.15 2.67 4.69
C VAL A 36 10.16 1.32 3.95
N ARG A 37 9.39 1.26 2.88
CA ARG A 37 9.30 0.05 2.09
C ARG A 37 8.95 0.39 0.63
N ARG A 38 9.39 -0.48 -0.26
CA ARG A 38 9.12 -0.28 -1.68
C ARG A 38 7.74 -0.81 -2.04
N PHE A 39 6.81 0.12 -2.20
CA PHE A 39 5.45 -0.23 -2.55
C PHE A 39 5.22 -0.13 -4.06
N VAL A 40 4.51 -1.11 -4.59
CA VAL A 40 4.21 -1.15 -6.01
C VAL A 40 2.69 -1.20 -6.21
N LEU A 41 2.24 -0.39 -7.16
CA LEU A 41 0.81 -0.33 -7.46
C LEU A 41 0.56 -0.98 -8.82
N ARG A 42 -0.25 -2.03 -8.80
CA ARG A 42 -0.58 -2.75 -10.02
C ARG A 42 -2.10 -2.71 -10.27
N LYS A 43 -2.46 -2.86 -11.52
CA LYS A 43 -3.87 -2.85 -11.90
C LYS A 43 -4.14 -3.97 -12.90
N ASP A 44 -5.32 -4.55 -12.79
CA ASP A 44 -5.71 -5.64 -13.67
C ASP A 44 -4.58 -6.67 -13.74
N PRO A 45 -4.49 -7.50 -12.67
CA PRO A 45 -5.43 -7.40 -11.56
C PRO A 45 -5.10 -6.18 -10.69
N ALA A 46 -6.00 -5.91 -9.75
CA ALA A 46 -5.82 -4.79 -8.85
C ALA A 46 -5.24 -5.29 -7.52
N PHE A 47 -3.96 -5.01 -7.33
CA PHE A 47 -3.28 -5.43 -6.13
C PHE A 47 -2.10 -4.50 -5.81
N LEU A 48 -1.84 -4.35 -4.52
CA LEU A 48 -0.74 -3.50 -4.08
C LEU A 48 0.21 -4.31 -3.20
N HIS A 49 1.42 -4.50 -3.72
CA HIS A 49 2.43 -5.25 -3.01
C HIS A 49 3.67 -4.37 -2.78
N TYR A 50 4.40 -4.70 -1.73
CA TYR A 50 5.60 -3.95 -1.39
C TYR A 50 6.72 -4.89 -0.94
N TYR A 51 7.95 -4.48 -1.23
CA TYR A 51 9.11 -5.27 -0.85
C TYR A 51 10.08 -4.45 0.01
N ASP A 52 10.87 -5.16 0.80
CA ASP A 52 11.83 -4.52 1.68
C ASP A 52 13.08 -4.15 0.86
N PRO A 53 13.46 -2.85 0.95
CA PRO A 53 14.62 -2.37 0.23
C PRO A 53 15.91 -2.82 0.91
N SER A 54 15.75 -3.59 1.97
CA SER A 54 16.88 -4.10 2.72
C SER A 54 17.09 -5.58 2.42
N LYS A 55 15.99 -6.33 2.48
CA LYS A 55 16.04 -7.75 2.21
C LYS A 55 16.27 -7.98 0.72
N GLU A 56 16.27 -9.25 0.34
CA GLU A 56 16.48 -9.61 -1.05
C GLU A 56 15.89 -10.99 -1.34
N GLU A 57 14.68 -10.98 -1.88
CA GLU A 57 14.00 -12.23 -2.21
C GLU A 57 12.88 -11.96 -3.21
N ASN A 58 12.62 -12.97 -4.04
CA ASN A 58 11.58 -12.86 -5.04
C ASN A 58 10.21 -13.00 -4.38
N ARG A 59 9.92 -12.06 -3.50
CA ARG A 59 8.64 -12.06 -2.79
C ARG A 59 8.48 -10.76 -2.01
N PRO A 60 7.21 -10.24 -2.03
CA PRO A 60 6.90 -9.01 -1.32
C PRO A 60 6.83 -9.24 0.19
N VAL A 61 7.02 -8.16 0.94
CA VAL A 61 6.98 -8.24 2.39
C VAL A 61 5.55 -8.55 2.83
N GLY A 62 4.61 -8.16 2.00
CA GLY A 62 3.20 -8.39 2.29
C GLY A 62 2.33 -8.17 1.05
N GLY A 63 1.53 -7.11 1.11
CA GLY A 63 0.66 -6.78 0.00
C GLY A 63 -0.78 -7.25 0.28
N PHE A 64 -1.71 -6.35 0.05
CA PHE A 64 -3.11 -6.65 0.27
C PHE A 64 -3.95 -6.31 -0.97
N SER A 65 -5.09 -6.97 -1.07
CA SER A 65 -5.99 -6.75 -2.19
C SER A 65 -6.49 -5.31 -2.18
N LEU A 66 -7.07 -4.91 -3.31
CA LEU A 66 -7.58 -3.56 -3.45
C LEU A 66 -9.09 -3.62 -3.74
N ARG A 67 -9.46 -4.60 -4.57
CA ARG A 67 -10.85 -4.77 -4.93
C ARG A 67 -11.75 -4.61 -3.70
N GLY A 68 -11.50 -5.44 -2.71
CA GLY A 68 -12.27 -5.40 -1.48
C GLY A 68 -11.53 -4.61 -0.40
N SER A 69 -11.17 -3.38 -0.74
CA SER A 69 -10.47 -2.52 0.19
C SER A 69 -10.90 -1.07 -0.01
N LEU A 70 -10.27 -0.19 0.75
CA LEU A 70 -10.58 1.23 0.67
C LEU A 70 -9.35 2.04 1.08
N VAL A 71 -9.33 3.29 0.64
CA VAL A 71 -8.22 4.17 0.95
C VAL A 71 -8.77 5.53 1.42
N SER A 72 -7.98 6.21 2.23
CA SER A 72 -8.37 7.51 2.76
C SER A 72 -7.14 8.25 3.27
N ALA A 73 -7.25 9.57 3.30
CA ALA A 73 -6.17 10.41 3.78
C ALA A 73 -6.35 10.68 5.26
N LEU A 74 -5.24 11.04 5.91
CA LEU A 74 -5.27 11.33 7.34
C LEU A 74 -5.19 12.84 7.55
N GLU A 75 -5.79 13.28 8.64
CA GLU A 75 -5.80 14.70 8.97
C GLU A 75 -6.67 14.96 10.19
N ASP A 76 -6.05 15.54 11.21
CA ASP A 76 -6.77 15.84 12.44
C ASP A 76 -5.81 16.52 13.42
N ASN A 77 -5.38 17.72 13.05
CA ASN A 77 -4.47 18.48 13.88
C ASN A 77 -3.07 17.86 13.79
N GLY A 78 -2.95 16.66 14.33
CA GLY A 78 -1.68 15.95 14.32
C GLY A 78 -1.90 14.43 14.45
N VAL A 79 -2.21 14.01 15.66
CA VAL A 79 -2.44 12.61 15.93
C VAL A 79 -3.72 12.16 15.24
N PRO A 80 -3.64 10.98 14.58
CA PRO A 80 -4.79 10.44 13.87
C PRO A 80 -5.82 9.86 14.86
N THR A 81 -5.43 8.76 15.50
CA THR A 81 -6.29 8.11 16.45
C THR A 81 -5.47 7.34 17.48
N GLY A 82 -4.99 6.18 17.06
CA GLY A 82 -4.18 5.34 17.93
C GLY A 82 -2.74 5.25 17.42
N VAL A 83 -2.06 6.39 17.46
CA VAL A 83 -0.68 6.47 17.02
C VAL A 83 0.11 7.35 17.98
N LYS A 84 0.82 6.71 18.88
CA LYS A 84 1.62 7.42 19.86
C LYS A 84 2.31 8.61 19.18
N GLY A 85 2.61 9.62 19.99
CA GLY A 85 3.26 10.82 19.48
C GLY A 85 2.37 11.52 18.45
N ASN A 86 2.62 11.21 17.19
CA ASN A 86 1.86 11.81 16.10
C ASN A 86 2.51 11.45 14.77
N VAL A 87 1.65 11.12 13.81
CA VAL A 87 2.13 10.74 12.49
C VAL A 87 2.91 11.91 11.88
N GLN A 88 3.45 11.66 10.69
CA GLN A 88 4.23 12.68 10.00
C GLN A 88 3.31 13.81 9.52
N GLY A 89 2.65 13.55 8.39
CA GLY A 89 1.75 14.54 7.82
C GLY A 89 1.35 14.15 6.40
N ASN A 90 0.17 14.60 6.00
CA ASN A 90 -0.33 14.31 4.67
C ASN A 90 -0.15 12.82 4.38
N LEU A 91 -0.69 12.00 5.26
CA LEU A 91 -0.60 10.57 5.11
C LEU A 91 -1.96 10.02 4.66
N PHE A 92 -2.07 8.69 4.69
CA PHE A 92 -3.30 8.04 4.29
C PHE A 92 -3.35 6.61 4.81
N LYS A 93 -4.57 6.11 4.97
CA LYS A 93 -4.78 4.76 5.46
C LYS A 93 -5.59 3.96 4.44
N VAL A 94 -5.58 2.64 4.62
CA VAL A 94 -6.32 1.77 3.73
C VAL A 94 -7.19 0.82 4.56
N ILE A 95 -8.49 0.95 4.37
CA ILE A 95 -9.43 0.11 5.08
C ILE A 95 -9.82 -1.09 4.22
N THR A 96 -9.33 -2.25 4.62
CA THR A 96 -9.61 -3.47 3.89
C THR A 96 -10.96 -4.06 4.32
N LYS A 97 -11.31 -5.16 3.69
CA LYS A 97 -12.57 -5.83 3.99
C LYS A 97 -12.60 -6.22 5.47
N ASP A 98 -11.40 -6.28 6.05
CA ASP A 98 -11.29 -6.64 7.45
C ASP A 98 -11.42 -5.38 8.31
N ASP A 99 -11.84 -4.30 7.66
CA ASP A 99 -12.01 -3.04 8.35
C ASP A 99 -10.70 -2.65 9.05
N THR A 100 -9.60 -3.05 8.43
CA THR A 100 -8.28 -2.76 8.98
C THR A 100 -7.70 -1.52 8.31
N HIS A 101 -7.42 -0.52 9.12
CA HIS A 101 -6.85 0.72 8.63
C HIS A 101 -5.33 0.61 8.57
N TYR A 102 -4.81 0.54 7.35
CA TYR A 102 -3.38 0.44 7.15
C TYR A 102 -2.77 1.80 6.83
N TYR A 103 -2.12 2.36 7.85
CA TYR A 103 -1.49 3.66 7.70
C TYR A 103 -0.20 3.56 6.86
N ILE A 104 -0.17 4.32 5.79
CA ILE A 104 0.98 4.33 4.91
C ILE A 104 1.36 5.78 4.58
N GLN A 105 2.67 5.98 4.41
CA GLN A 105 3.19 7.31 4.10
C GLN A 105 3.60 7.38 2.63
N ALA A 106 3.42 8.56 2.05
CA ALA A 106 3.79 8.77 0.67
C ALA A 106 5.10 9.53 0.60
N SER A 107 5.79 9.37 -0.52
CA SER A 107 7.07 10.03 -0.73
C SER A 107 6.92 11.53 -0.49
N SER A 108 5.92 12.11 -1.15
CA SER A 108 5.66 13.53 -1.01
C SER A 108 4.16 13.77 -0.82
N LYS A 109 3.82 15.04 -0.71
CA LYS A 109 2.43 15.43 -0.52
C LYS A 109 1.62 15.02 -1.75
N ALA A 110 2.28 15.05 -2.89
CA ALA A 110 1.64 14.69 -4.14
C ALA A 110 1.54 13.16 -4.24
N GLU A 111 2.67 12.52 -4.01
CA GLU A 111 2.73 11.07 -4.07
C GLU A 111 1.54 10.46 -3.32
N ARG A 112 1.18 11.09 -2.22
CA ARG A 112 0.07 10.63 -1.40
C ARG A 112 -1.22 10.60 -2.24
N ALA A 113 -1.68 11.79 -2.59
CA ALA A 113 -2.89 11.91 -3.39
C ALA A 113 -2.84 10.92 -4.53
N GLU A 114 -1.67 10.81 -5.15
CA GLU A 114 -1.49 9.89 -6.26
C GLU A 114 -1.67 8.45 -5.80
N TRP A 115 -0.93 8.10 -4.75
CA TRP A 115 -0.99 6.76 -4.21
C TRP A 115 -2.44 6.49 -3.79
N ILE A 116 -3.11 7.55 -3.35
CA ILE A 116 -4.48 7.45 -2.93
C ILE A 116 -5.39 7.30 -4.14
N GLU A 117 -5.59 8.41 -4.84
CA GLU A 117 -6.43 8.41 -6.02
C GLU A 117 -6.28 7.08 -6.77
N ALA A 118 -5.04 6.64 -6.90
CA ALA A 118 -4.75 5.41 -7.59
C ALA A 118 -5.57 4.27 -6.96
N ILE A 119 -5.28 4.01 -5.71
CA ILE A 119 -5.99 2.96 -4.99
C ILE A 119 -7.48 3.04 -5.28
N LYS A 120 -8.05 4.19 -4.95
CA LYS A 120 -9.47 4.42 -5.19
C LYS A 120 -9.86 3.80 -6.53
N LYS A 121 -9.08 4.12 -7.54
CA LYS A 121 -9.34 3.61 -8.88
C LYS A 121 -9.55 2.09 -8.80
N LEU A 122 -8.52 1.40 -8.34
CA LEU A 122 -8.58 -0.05 -8.21
C LEU A 122 -9.87 -0.43 -7.48
N THR A 123 -10.00 0.11 -6.27
CA THR A 123 -11.17 -0.16 -5.45
C THR A 123 -12.40 0.57 -6.01
N SER A 124 -13.04 -0.06 -6.98
CA SER A 124 -14.22 0.52 -7.61
C SER A 124 -13.81 1.58 -8.63
N GLY A 125 -13.84 1.19 -9.90
CA GLY A 125 -13.48 2.09 -10.97
C GLY A 125 -13.24 1.32 -12.26
N PRO A 126 -14.35 0.79 -12.85
CA PRO A 126 -14.26 0.03 -14.08
C PRO A 126 -14.04 0.96 -15.28
N SER A 127 -12.85 0.90 -15.82
CA SER A 127 -12.49 1.72 -16.97
C SER A 127 -12.70 3.20 -16.64
N SER A 128 -11.63 3.83 -16.19
CA SER A 128 -11.67 5.23 -15.83
C SER A 128 -10.27 5.84 -15.90
N GLY A 129 -9.36 5.21 -15.18
CA GLY A 129 -7.98 5.68 -15.15
C GLY A 129 -7.13 4.96 -16.20
N GLY A 1 20.87 -31.42 -4.16
CA GLY A 1 20.13 -32.46 -3.45
C GLY A 1 19.14 -31.83 -2.46
N SER A 2 19.06 -32.45 -1.28
CA SER A 2 18.17 -31.96 -0.25
C SER A 2 16.71 -32.12 -0.70
N SER A 3 15.85 -32.41 0.26
CA SER A 3 14.44 -32.59 -0.04
C SER A 3 13.65 -31.34 0.38
N GLY A 4 12.78 -30.91 -0.51
CA GLY A 4 11.96 -29.73 -0.24
C GLY A 4 12.28 -28.61 -1.25
N SER A 5 11.22 -28.08 -1.84
CA SER A 5 11.38 -27.02 -2.82
C SER A 5 10.00 -26.58 -3.33
N SER A 6 9.92 -25.32 -3.72
CA SER A 6 8.68 -24.77 -4.22
C SER A 6 8.97 -23.54 -5.10
N GLY A 7 8.54 -23.63 -6.35
CA GLY A 7 8.74 -22.54 -7.29
C GLY A 7 7.79 -22.67 -8.48
N SER A 8 8.02 -21.81 -9.47
CA SER A 8 7.20 -21.80 -10.67
C SER A 8 5.72 -21.68 -10.29
N LEU A 9 5.23 -20.45 -10.35
CA LEU A 9 3.85 -20.17 -10.01
C LEU A 9 3.34 -19.01 -10.87
N SER A 10 2.51 -19.36 -11.86
CA SER A 10 1.96 -18.36 -12.75
C SER A 10 1.40 -17.18 -11.94
N THR A 11 2.17 -16.10 -11.93
CA THR A 11 1.77 -14.91 -11.20
C THR A 11 0.28 -14.62 -11.42
N VAL A 12 -0.27 -13.82 -10.53
CA VAL A 12 -1.68 -13.46 -10.61
C VAL A 12 -1.88 -12.03 -10.09
N GLU A 13 -1.81 -11.92 -8.76
CA GLU A 13 -1.98 -10.61 -8.13
C GLU A 13 -0.88 -9.66 -8.58
N LEU A 14 0.34 -10.19 -8.64
CA LEU A 14 1.48 -9.40 -9.04
C LEU A 14 1.53 -9.32 -10.57
N SER A 15 0.63 -10.06 -11.19
CA SER A 15 0.55 -10.08 -12.65
C SER A 15 -0.39 -8.98 -13.14
N GLY A 16 -0.18 -7.79 -12.60
CA GLY A 16 -0.99 -6.65 -12.97
C GLY A 16 -0.13 -5.52 -13.56
N THR A 17 -0.77 -4.69 -14.37
CA THR A 17 -0.08 -3.58 -14.99
C THR A 17 0.28 -2.51 -13.95
N VAL A 18 1.55 -2.15 -13.96
CA VAL A 18 2.05 -1.15 -13.02
C VAL A 18 1.33 0.18 -13.28
N VAL A 19 0.67 0.67 -12.25
CA VAL A 19 -0.06 1.92 -12.34
C VAL A 19 0.63 2.97 -11.47
N LYS A 20 1.22 2.51 -10.38
CA LYS A 20 1.92 3.39 -9.46
C LYS A 20 3.07 2.63 -8.81
N GLN A 21 4.17 3.34 -8.63
CA GLN A 21 5.35 2.74 -8.02
C GLN A 21 6.12 3.80 -7.21
N GLY A 22 6.81 3.32 -6.19
CA GLY A 22 7.58 4.21 -5.33
C GLY A 22 7.79 3.59 -3.95
N TYR A 23 8.45 4.36 -3.09
CA TYR A 23 8.72 3.89 -1.73
C TYR A 23 7.83 4.63 -0.72
N LEU A 24 7.27 3.85 0.19
CA LEU A 24 6.40 4.39 1.22
C LEU A 24 6.89 3.93 2.59
N ALA A 25 6.28 4.49 3.62
CA ALA A 25 6.63 4.14 4.99
C ALA A 25 5.43 3.46 5.66
N LYS A 26 5.52 2.14 5.75
CA LYS A 26 4.45 1.37 6.36
C LYS A 26 4.74 1.21 7.86
N GLN A 27 4.00 1.98 8.64
CA GLN A 27 4.17 1.94 10.09
C GLN A 27 4.24 0.50 10.59
N GLY A 28 3.18 -0.25 10.32
CA GLY A 28 3.12 -1.64 10.72
C GLY A 28 3.59 -1.81 12.16
N HIS A 29 2.76 -1.35 13.08
CA HIS A 29 3.08 -1.44 14.50
C HIS A 29 3.51 -2.87 14.83
N LYS A 30 4.79 -3.01 15.13
CA LYS A 30 5.34 -4.31 15.48
C LYS A 30 6.65 -4.13 16.25
N ARG A 31 7.47 -3.23 15.75
CA ARG A 31 8.74 -2.94 16.38
C ARG A 31 9.24 -1.54 15.98
N LYS A 32 9.32 -1.33 14.68
CA LYS A 32 9.77 -0.05 14.16
C LYS A 32 8.56 0.86 13.93
N ASN A 33 8.59 2.01 14.59
CA ASN A 33 7.51 2.97 14.46
C ASN A 33 7.11 3.10 12.99
N TRP A 34 8.11 3.41 12.17
CA TRP A 34 7.88 3.56 10.74
C TRP A 34 9.14 3.10 10.01
N LYS A 35 8.92 2.32 8.96
CA LYS A 35 10.03 1.80 8.17
C LYS A 35 9.69 1.94 6.68
N VAL A 36 10.67 2.42 5.93
CA VAL A 36 10.50 2.60 4.50
C VAL A 36 10.29 1.24 3.84
N ARG A 37 9.39 1.22 2.86
CA ARG A 37 9.10 -0.01 2.14
C ARG A 37 8.72 0.30 0.69
N ARG A 38 9.30 -0.48 -0.21
CA ARG A 38 9.04 -0.30 -1.63
C ARG A 38 7.67 -0.84 -1.99
N PHE A 39 6.73 0.09 -2.18
CA PHE A 39 5.37 -0.28 -2.53
C PHE A 39 5.15 -0.19 -4.04
N VAL A 40 4.52 -1.23 -4.58
CA VAL A 40 4.24 -1.27 -6.00
C VAL A 40 2.73 -1.33 -6.22
N LEU A 41 2.28 -0.61 -7.25
CA LEU A 41 0.87 -0.58 -7.57
C LEU A 41 0.65 -1.20 -8.95
N ARG A 42 -0.36 -2.06 -9.02
CA ARG A 42 -0.69 -2.73 -10.27
C ARG A 42 -2.19 -2.68 -10.53
N LYS A 43 -2.58 -3.13 -11.71
CA LYS A 43 -3.98 -3.14 -12.08
C LYS A 43 -4.24 -4.32 -13.03
N ASP A 44 -5.42 -4.91 -12.88
CA ASP A 44 -5.80 -6.03 -13.71
C ASP A 44 -4.69 -7.08 -13.70
N PRO A 45 -4.63 -7.83 -12.57
CA PRO A 45 -5.57 -7.64 -11.48
C PRO A 45 -5.24 -6.38 -10.69
N ALA A 46 -6.15 -6.03 -9.79
CA ALA A 46 -5.96 -4.84 -8.96
C ALA A 46 -5.41 -5.26 -7.60
N PHE A 47 -4.13 -4.99 -7.42
CA PHE A 47 -3.47 -5.33 -6.17
C PHE A 47 -2.29 -4.38 -5.89
N LEU A 48 -1.80 -4.45 -4.67
CA LEU A 48 -0.68 -3.62 -4.27
C LEU A 48 0.26 -4.41 -3.36
N HIS A 49 1.46 -4.66 -3.86
CA HIS A 49 2.45 -5.41 -3.10
C HIS A 49 3.66 -4.51 -2.81
N TYR A 50 4.48 -4.97 -1.87
CA TYR A 50 5.66 -4.23 -1.49
C TYR A 50 6.81 -5.17 -1.14
N TYR A 51 7.90 -4.57 -0.69
CA TYR A 51 9.08 -5.34 -0.31
C TYR A 51 9.96 -4.56 0.66
N ASP A 52 10.63 -5.30 1.53
CA ASP A 52 11.51 -4.69 2.51
C ASP A 52 12.87 -4.40 1.86
N PRO A 53 13.26 -3.10 1.91
CA PRO A 53 14.53 -2.68 1.34
C PRO A 53 15.70 -3.10 2.23
N SER A 54 15.36 -3.53 3.43
CA SER A 54 16.37 -3.96 4.39
C SER A 54 16.81 -5.39 4.06
N LYS A 55 15.88 -6.15 3.49
CA LYS A 55 16.16 -7.53 3.14
C LYS A 55 16.53 -7.60 1.65
N GLU A 56 16.65 -8.83 1.17
CA GLU A 56 16.99 -9.05 -0.22
C GLU A 56 16.38 -10.38 -0.71
N GLU A 57 15.25 -10.25 -1.41
CA GLU A 57 14.58 -11.42 -1.93
C GLU A 57 13.71 -11.03 -3.13
N ASN A 58 13.31 -12.04 -3.89
CA ASN A 58 12.49 -11.81 -5.06
C ASN A 58 11.02 -12.02 -4.69
N ARG A 59 10.74 -11.88 -3.40
CA ARG A 59 9.38 -12.05 -2.90
C ARG A 59 8.98 -10.85 -2.03
N PRO A 60 7.67 -10.49 -2.11
CA PRO A 60 7.16 -9.37 -1.34
C PRO A 60 7.01 -9.74 0.14
N VAL A 61 6.95 -8.72 0.97
CA VAL A 61 6.80 -8.92 2.40
C VAL A 61 5.36 -9.32 2.71
N GLY A 62 4.45 -8.83 1.89
CA GLY A 62 3.04 -9.12 2.06
C GLY A 62 2.25 -8.79 0.80
N GLY A 63 1.33 -7.83 0.95
CA GLY A 63 0.50 -7.42 -0.17
C GLY A 63 -0.97 -7.77 0.08
N PHE A 64 -1.82 -6.77 -0.10
CA PHE A 64 -3.25 -6.97 0.10
C PHE A 64 -4.03 -6.58 -1.15
N SER A 65 -5.26 -7.05 -1.22
CA SER A 65 -6.12 -6.76 -2.36
C SER A 65 -6.63 -5.32 -2.28
N LEU A 66 -6.98 -4.79 -3.44
CA LEU A 66 -7.49 -3.42 -3.51
C LEU A 66 -8.99 -3.45 -3.81
N ARG A 67 -9.37 -4.42 -4.63
CA ARG A 67 -10.78 -4.57 -5.00
C ARG A 67 -11.67 -4.26 -3.80
N GLY A 68 -11.65 -5.16 -2.84
CA GLY A 68 -12.45 -5.01 -1.64
C GLY A 68 -11.68 -4.25 -0.55
N SER A 69 -11.17 -3.09 -0.93
CA SER A 69 -10.41 -2.27 -0.01
C SER A 69 -10.89 -0.83 -0.07
N LEU A 70 -10.19 0.03 0.66
CA LEU A 70 -10.53 1.45 0.69
C LEU A 70 -9.29 2.26 1.07
N VAL A 71 -9.29 3.52 0.65
CA VAL A 71 -8.18 4.40 0.93
C VAL A 71 -8.72 5.78 1.30
N SER A 72 -8.08 6.39 2.29
CA SER A 72 -8.48 7.71 2.76
C SER A 72 -7.26 8.47 3.27
N ALA A 73 -7.45 9.78 3.43
CA ALA A 73 -6.38 10.64 3.90
C ALA A 73 -6.59 10.92 5.39
N LEU A 74 -5.51 11.34 6.04
CA LEU A 74 -5.56 11.66 7.45
C LEU A 74 -5.57 13.17 7.63
N GLU A 75 -6.44 13.63 8.54
CA GLU A 75 -6.55 15.05 8.81
C GLU A 75 -7.48 15.28 10.00
N ASP A 76 -7.57 16.54 10.40
CA ASP A 76 -8.41 16.91 11.53
C ASP A 76 -7.80 16.39 12.82
N ASN A 77 -7.69 15.07 12.89
CA ASN A 77 -7.11 14.43 14.06
C ASN A 77 -5.60 14.26 13.87
N GLY A 78 -4.85 14.76 14.85
CA GLY A 78 -3.41 14.67 14.79
C GLY A 78 -2.94 13.21 14.75
N VAL A 79 -2.61 12.70 15.92
CA VAL A 79 -2.16 11.32 16.03
C VAL A 79 -3.36 10.38 15.91
N PRO A 80 -3.15 9.28 15.15
CA PRO A 80 -4.20 8.30 14.94
C PRO A 80 -4.40 7.43 16.19
N THR A 81 -5.32 6.48 16.08
CA THR A 81 -5.60 5.59 17.19
C THR A 81 -4.31 5.00 17.76
N GLY A 82 -4.13 5.20 19.06
CA GLY A 82 -2.94 4.70 19.73
C GLY A 82 -1.67 5.14 19.01
N VAL A 83 -1.25 4.32 18.05
CA VAL A 83 -0.06 4.61 17.28
C VAL A 83 1.02 5.15 18.21
N LYS A 84 1.83 4.24 18.73
CA LYS A 84 2.91 4.61 19.63
C LYS A 84 3.54 5.92 19.14
N GLY A 85 4.09 5.86 17.94
CA GLY A 85 4.72 7.03 17.35
C GLY A 85 3.69 8.12 17.04
N ASN A 86 3.96 8.84 15.95
CA ASN A 86 3.06 9.90 15.53
C ASN A 86 3.66 10.61 14.32
N VAL A 87 3.06 10.36 13.17
CA VAL A 87 3.52 10.97 11.94
C VAL A 87 2.84 12.33 11.74
N GLN A 88 3.05 12.90 10.58
CA GLN A 88 2.46 14.19 10.26
C GLN A 88 2.50 14.44 8.75
N GLY A 89 2.14 15.66 8.37
CA GLY A 89 2.13 16.04 6.97
C GLY A 89 0.75 15.81 6.34
N ASN A 90 0.43 14.54 6.16
CA ASN A 90 -0.85 14.18 5.58
C ASN A 90 -1.05 12.67 5.69
N LEU A 91 -0.16 11.93 5.05
CA LEU A 91 -0.22 10.48 5.06
C LEU A 91 -1.62 10.03 4.67
N PHE A 92 -1.84 8.73 4.73
CA PHE A 92 -3.12 8.15 4.38
C PHE A 92 -3.26 6.72 4.92
N LYS A 93 -4.49 6.27 5.02
CA LYS A 93 -4.77 4.93 5.51
C LYS A 93 -5.55 4.15 4.44
N VAL A 94 -5.49 2.83 4.56
CA VAL A 94 -6.19 1.97 3.63
C VAL A 94 -7.02 0.95 4.39
N ILE A 95 -8.33 1.07 4.25
CA ILE A 95 -9.25 0.18 4.93
C ILE A 95 -9.58 -0.99 4.00
N THR A 96 -8.97 -2.13 4.30
CA THR A 96 -9.18 -3.33 3.51
C THR A 96 -10.47 -4.03 3.94
N LYS A 97 -10.80 -5.10 3.24
CA LYS A 97 -12.01 -5.85 3.53
C LYS A 97 -11.98 -6.29 4.99
N ASP A 98 -10.79 -6.27 5.57
CA ASP A 98 -10.61 -6.67 6.95
C ASP A 98 -10.79 -5.44 7.85
N ASP A 99 -11.36 -4.39 7.27
CA ASP A 99 -11.59 -3.16 8.00
C ASP A 99 -10.30 -2.72 8.68
N THR A 100 -9.19 -3.19 8.12
CA THR A 100 -7.88 -2.85 8.66
C THR A 100 -7.37 -1.55 8.03
N HIS A 101 -7.09 -0.59 8.90
CA HIS A 101 -6.59 0.70 8.44
C HIS A 101 -5.06 0.66 8.36
N TYR A 102 -4.56 0.58 7.14
CA TYR A 102 -3.13 0.54 6.92
C TYR A 102 -2.56 1.94 6.65
N TYR A 103 -1.94 2.50 7.68
CA TYR A 103 -1.37 3.83 7.56
C TYR A 103 -0.04 3.78 6.82
N ILE A 104 0.02 4.52 5.71
CA ILE A 104 1.22 4.57 4.90
C ILE A 104 1.64 6.03 4.71
N GLN A 105 2.86 6.20 4.23
CA GLN A 105 3.39 7.54 3.99
C GLN A 105 3.77 7.70 2.52
N ALA A 106 3.65 8.93 2.04
CA ALA A 106 3.98 9.23 0.66
C ALA A 106 5.21 10.14 0.62
N SER A 107 5.89 10.11 -0.52
CA SER A 107 7.08 10.93 -0.70
C SER A 107 6.77 12.38 -0.39
N SER A 108 5.72 12.89 -1.04
CA SER A 108 5.30 14.26 -0.85
C SER A 108 3.78 14.32 -0.66
N LYS A 109 3.28 15.55 -0.56
CA LYS A 109 1.86 15.76 -0.38
C LYS A 109 1.11 15.26 -1.61
N ALA A 110 1.73 15.46 -2.76
CA ALA A 110 1.14 15.03 -4.02
C ALA A 110 1.22 13.51 -4.13
N GLU A 111 2.42 13.00 -3.92
CA GLU A 111 2.65 11.56 -3.98
C GLU A 111 1.55 10.82 -3.23
N ARG A 112 1.12 11.42 -2.13
CA ARG A 112 0.08 10.82 -1.31
C ARG A 112 -1.20 10.63 -2.13
N ALA A 113 -1.81 11.75 -2.49
CA ALA A 113 -3.03 11.72 -3.28
C ALA A 113 -2.86 10.74 -4.43
N GLU A 114 -1.72 10.83 -5.09
CA GLU A 114 -1.43 9.96 -6.22
C GLU A 114 -1.69 8.51 -5.83
N TRP A 115 -1.00 8.07 -4.79
CA TRP A 115 -1.15 6.70 -4.32
C TRP A 115 -2.61 6.49 -3.93
N ILE A 116 -3.15 7.47 -3.21
CA ILE A 116 -4.53 7.39 -2.77
C ILE A 116 -5.44 7.22 -3.99
N GLU A 117 -5.66 8.32 -4.69
CA GLU A 117 -6.50 8.30 -5.87
C GLU A 117 -6.25 7.02 -6.68
N ALA A 118 -4.98 6.66 -6.78
CA ALA A 118 -4.59 5.46 -7.51
C ALA A 118 -5.38 4.26 -6.98
N ILE A 119 -5.24 4.04 -5.67
CA ILE A 119 -5.93 2.94 -5.02
C ILE A 119 -7.43 3.06 -5.26
N LYS A 120 -7.95 4.24 -4.96
CA LYS A 120 -9.37 4.51 -5.13
C LYS A 120 -9.82 3.98 -6.49
N LYS A 121 -8.92 4.11 -7.47
CA LYS A 121 -9.21 3.65 -8.81
C LYS A 121 -9.49 2.13 -8.78
N LEU A 122 -8.47 1.40 -8.36
CA LEU A 122 -8.59 -0.04 -8.28
C LEU A 122 -9.90 -0.41 -7.58
N THR A 123 -10.04 0.07 -6.36
CA THR A 123 -11.24 -0.20 -5.58
C THR A 123 -12.48 0.23 -6.37
N SER A 124 -12.36 1.35 -7.05
CA SER A 124 -13.46 1.88 -7.83
C SER A 124 -13.18 3.32 -8.23
N GLY A 125 -12.66 3.47 -9.45
CA GLY A 125 -12.34 4.79 -9.96
C GLY A 125 -13.46 5.32 -10.87
N PRO A 126 -13.99 6.51 -10.48
CA PRO A 126 -15.06 7.13 -11.23
C PRO A 126 -14.54 7.74 -12.53
N SER A 127 -15.46 8.05 -13.43
CA SER A 127 -15.10 8.63 -14.70
C SER A 127 -14.79 10.12 -14.52
N SER A 128 -13.57 10.48 -14.91
CA SER A 128 -13.12 11.86 -14.79
C SER A 128 -13.21 12.32 -13.35
N GLY A 129 -12.64 13.48 -13.08
CA GLY A 129 -12.64 14.04 -11.74
C GLY A 129 -12.85 15.56 -11.78
N GLY A 1 18.47 -14.58 4.56
CA GLY A 1 19.18 -15.80 4.90
C GLY A 1 18.62 -16.99 4.14
N SER A 2 18.09 -17.95 4.88
CA SER A 2 17.52 -19.14 4.29
C SER A 2 16.33 -18.77 3.41
N SER A 3 16.36 -19.25 2.17
CA SER A 3 15.30 -18.98 1.23
C SER A 3 14.56 -20.28 0.88
N GLY A 4 13.33 -20.12 0.43
CA GLY A 4 12.51 -21.26 0.05
C GLY A 4 12.21 -21.25 -1.44
N SER A 5 11.52 -22.30 -1.88
CA SER A 5 11.16 -22.42 -3.28
C SER A 5 10.28 -23.66 -3.49
N SER A 6 9.51 -23.62 -4.57
CA SER A 6 8.62 -24.73 -4.88
C SER A 6 8.51 -24.88 -6.40
N GLY A 7 8.05 -23.82 -7.04
CA GLY A 7 7.89 -23.82 -8.49
C GLY A 7 6.42 -23.63 -8.87
N SER A 8 6.22 -22.91 -9.96
CA SER A 8 4.88 -22.64 -10.45
C SER A 8 4.94 -21.90 -11.79
N LEU A 9 5.57 -20.73 -11.75
CA LEU A 9 5.71 -19.92 -12.94
C LEU A 9 4.32 -19.49 -13.41
N SER A 10 3.61 -18.81 -12.53
CA SER A 10 2.27 -18.33 -12.85
C SER A 10 1.83 -17.27 -11.85
N THR A 11 1.90 -16.03 -12.28
CA THR A 11 1.51 -14.91 -11.43
C THR A 11 0.04 -14.57 -11.64
N VAL A 12 -0.49 -13.77 -10.72
CA VAL A 12 -1.88 -13.35 -10.80
C VAL A 12 -2.02 -11.95 -10.20
N GLU A 13 -1.99 -11.90 -8.88
CA GLU A 13 -2.12 -10.63 -8.19
C GLU A 13 -1.05 -9.64 -8.68
N LEU A 14 0.17 -10.15 -8.82
CA LEU A 14 1.28 -9.34 -9.28
C LEU A 14 1.27 -9.29 -10.81
N SER A 15 0.48 -10.18 -11.40
CA SER A 15 0.37 -10.25 -12.84
C SER A 15 -0.59 -9.18 -13.34
N GLY A 16 -0.24 -7.93 -13.09
CA GLY A 16 -1.07 -6.82 -13.52
C GLY A 16 -0.21 -5.65 -14.02
N THR A 17 -0.88 -4.67 -14.60
CA THR A 17 -0.19 -3.50 -15.11
C THR A 17 0.19 -2.56 -13.97
N VAL A 18 1.35 -1.93 -14.13
CA VAL A 18 1.84 -1.00 -13.13
C VAL A 18 1.14 0.35 -13.29
N VAL A 19 0.60 0.84 -12.19
CA VAL A 19 -0.10 2.12 -12.21
C VAL A 19 0.71 3.15 -11.41
N LYS A 20 1.20 2.70 -10.26
CA LYS A 20 2.00 3.56 -9.40
C LYS A 20 3.09 2.73 -8.72
N GLN A 21 4.26 3.34 -8.62
CA GLN A 21 5.40 2.67 -7.99
C GLN A 21 6.25 3.68 -7.23
N GLY A 22 6.87 3.21 -6.16
CA GLY A 22 7.72 4.06 -5.35
C GLY A 22 7.97 3.42 -3.98
N TYR A 23 8.37 4.27 -3.03
CA TYR A 23 8.63 3.81 -1.68
C TYR A 23 7.73 4.51 -0.66
N LEU A 24 6.98 3.70 0.05
CA LEU A 24 6.06 4.23 1.06
C LEU A 24 6.52 3.78 2.45
N ALA A 25 5.90 4.37 3.46
CA ALA A 25 6.23 4.05 4.83
C ALA A 25 5.00 3.46 5.53
N LYS A 26 5.04 2.16 5.74
CA LYS A 26 3.94 1.47 6.40
C LYS A 26 4.16 1.49 7.91
N GLN A 27 3.28 2.20 8.60
CA GLN A 27 3.36 2.31 10.05
C GLN A 27 3.72 0.94 10.66
N GLY A 28 4.83 0.93 11.37
CA GLY A 28 5.29 -0.30 12.02
C GLY A 28 4.29 -0.77 13.07
N HIS A 29 3.80 0.18 13.85
CA HIS A 29 2.84 -0.13 14.90
C HIS A 29 3.54 -0.86 16.06
N LYS A 30 3.91 -2.11 15.78
CA LYS A 30 4.59 -2.92 16.78
C LYS A 30 6.09 -2.87 16.53
N ARG A 31 6.50 -3.52 15.45
CA ARG A 31 7.91 -3.56 15.09
C ARG A 31 8.57 -2.21 15.37
N LYS A 32 8.03 -1.18 14.73
CA LYS A 32 8.56 0.17 14.90
C LYS A 32 7.45 1.18 14.64
N ASN A 33 7.84 2.44 14.60
CA ASN A 33 6.89 3.51 14.36
C ASN A 33 6.44 3.49 12.90
N TRP A 34 7.38 3.80 12.02
CA TRP A 34 7.10 3.81 10.59
C TRP A 34 8.35 3.31 9.86
N LYS A 35 8.13 2.34 8.97
CA LYS A 35 9.22 1.78 8.22
C LYS A 35 8.97 2.01 6.73
N VAL A 36 10.03 2.40 6.03
CA VAL A 36 9.95 2.66 4.60
C VAL A 36 10.05 1.34 3.84
N ARG A 37 9.24 1.22 2.81
CA ARG A 37 9.23 0.03 1.98
C ARG A 37 8.84 0.37 0.55
N ARG A 38 9.37 -0.41 -0.38
CA ARG A 38 9.09 -0.20 -1.79
C ARG A 38 7.72 -0.79 -2.15
N PHE A 39 6.75 0.11 -2.28
CA PHE A 39 5.40 -0.30 -2.61
C PHE A 39 5.14 -0.19 -4.12
N VAL A 40 4.43 -1.17 -4.65
CA VAL A 40 4.12 -1.19 -6.06
C VAL A 40 2.60 -1.27 -6.24
N LEU A 41 2.11 -0.50 -7.20
CA LEU A 41 0.69 -0.46 -7.48
C LEU A 41 0.44 -1.08 -8.86
N ARG A 42 -0.27 -2.20 -8.85
CA ARG A 42 -0.59 -2.90 -10.09
C ARG A 42 -2.10 -2.93 -10.30
N LYS A 43 -2.49 -2.95 -11.56
CA LYS A 43 -3.90 -2.99 -11.91
C LYS A 43 -4.17 -4.20 -12.83
N ASP A 44 -5.40 -4.67 -12.79
CA ASP A 44 -5.80 -5.80 -13.61
C ASP A 44 -4.68 -6.85 -13.58
N PRO A 45 -4.65 -7.63 -12.47
CA PRO A 45 -5.63 -7.46 -11.41
C PRO A 45 -5.31 -6.21 -10.58
N ALA A 46 -6.26 -5.86 -9.71
CA ALA A 46 -6.10 -4.70 -8.86
C ALA A 46 -5.54 -5.14 -7.50
N PHE A 47 -4.27 -4.83 -7.30
CA PHE A 47 -3.61 -5.19 -6.05
C PHE A 47 -2.48 -4.21 -5.73
N LEU A 48 -1.84 -4.45 -4.59
CA LEU A 48 -0.74 -3.60 -4.16
C LEU A 48 0.21 -4.42 -3.29
N HIS A 49 1.45 -4.52 -3.75
CA HIS A 49 2.46 -5.27 -3.02
C HIS A 49 3.67 -4.37 -2.76
N TYR A 50 4.51 -4.81 -1.83
CA TYR A 50 5.70 -4.06 -1.48
C TYR A 50 6.90 -5.00 -1.27
N TYR A 51 8.02 -4.40 -0.89
CA TYR A 51 9.23 -5.16 -0.65
C TYR A 51 10.20 -4.39 0.25
N ASP A 52 10.92 -5.14 1.07
CA ASP A 52 11.88 -4.54 1.98
C ASP A 52 13.15 -4.18 1.20
N PRO A 53 13.53 -2.88 1.28
CA PRO A 53 14.72 -2.39 0.60
C PRO A 53 15.99 -2.84 1.33
N SER A 54 15.78 -3.57 2.42
CA SER A 54 16.90 -4.06 3.21
C SER A 54 17.15 -5.54 2.90
N LYS A 55 16.07 -6.31 2.92
CA LYS A 55 16.16 -7.73 2.64
C LYS A 55 16.53 -7.94 1.17
N GLU A 56 16.58 -9.21 0.78
CA GLU A 56 16.91 -9.55 -0.59
C GLU A 56 16.25 -10.87 -0.99
N GLU A 57 15.18 -10.75 -1.75
CA GLU A 57 14.45 -11.91 -2.21
C GLU A 57 13.63 -11.58 -3.45
N ASN A 58 13.02 -12.62 -4.03
CA ASN A 58 12.21 -12.45 -5.22
C ASN A 58 10.74 -12.48 -4.83
N ARG A 59 10.47 -12.08 -3.60
CA ARG A 59 9.10 -12.07 -3.09
C ARG A 59 8.88 -10.82 -2.23
N PRO A 60 7.61 -10.33 -2.26
CA PRO A 60 7.24 -9.15 -1.49
C PRO A 60 7.12 -9.49 0.00
N VAL A 61 7.15 -8.44 0.81
CA VAL A 61 7.05 -8.61 2.24
C VAL A 61 5.63 -9.03 2.61
N GLY A 62 4.69 -8.61 1.77
CA GLY A 62 3.29 -8.93 1.98
C GLY A 62 2.45 -8.61 0.75
N GLY A 63 1.51 -7.69 0.94
CA GLY A 63 0.64 -7.28 -0.15
C GLY A 63 -0.81 -7.71 0.11
N PHE A 64 -1.72 -6.78 -0.12
CA PHE A 64 -3.13 -7.04 0.09
C PHE A 64 -3.95 -6.67 -1.14
N SER A 65 -5.15 -7.20 -1.20
CA SER A 65 -6.05 -6.93 -2.32
C SER A 65 -6.64 -5.53 -2.18
N LEU A 66 -6.94 -4.93 -3.33
CA LEU A 66 -7.52 -3.61 -3.35
C LEU A 66 -9.02 -3.71 -3.63
N ARG A 67 -9.37 -4.71 -4.42
CA ARG A 67 -10.76 -4.93 -4.77
C ARG A 67 -11.67 -4.63 -3.58
N GLY A 68 -11.41 -5.35 -2.48
CA GLY A 68 -12.19 -5.17 -1.27
C GLY A 68 -11.41 -4.35 -0.24
N SER A 69 -10.77 -3.30 -0.73
CA SER A 69 -10.01 -2.42 0.14
C SER A 69 -10.54 -0.98 0.05
N LEU A 70 -9.84 -0.09 0.71
CA LEU A 70 -10.23 1.31 0.73
C LEU A 70 -8.99 2.18 0.99
N VAL A 71 -9.17 3.49 0.79
CA VAL A 71 -8.09 4.43 1.01
C VAL A 71 -8.68 5.79 1.35
N SER A 72 -7.97 6.51 2.22
CA SER A 72 -8.41 7.83 2.64
C SER A 72 -7.24 8.60 3.25
N ALA A 73 -7.40 9.92 3.30
CA ALA A 73 -6.37 10.77 3.86
C ALA A 73 -6.66 11.02 5.34
N LEU A 74 -5.61 10.93 6.14
CA LEU A 74 -5.74 11.15 7.57
C LEU A 74 -5.96 12.64 7.84
N GLU A 75 -7.19 12.96 8.21
CA GLU A 75 -7.54 14.34 8.50
C GLU A 75 -7.53 14.58 10.01
N ASP A 76 -8.03 15.75 10.39
CA ASP A 76 -8.09 16.12 11.80
C ASP A 76 -6.67 16.05 12.40
N ASN A 77 -5.98 17.17 12.31
CA ASN A 77 -4.63 17.24 12.84
C ASN A 77 -4.58 16.57 14.22
N GLY A 78 -3.36 16.27 14.65
CA GLY A 78 -3.17 15.63 15.93
C GLY A 78 -2.98 14.13 15.78
N VAL A 79 -2.67 13.48 16.90
CA VAL A 79 -2.46 12.04 16.90
C VAL A 79 -3.79 11.34 16.64
N PRO A 80 -3.80 10.53 15.55
CA PRO A 80 -5.02 9.80 15.17
C PRO A 80 -5.23 8.61 16.10
N THR A 81 -6.46 8.50 16.59
CA THR A 81 -6.83 7.42 17.49
C THR A 81 -5.74 7.22 18.55
N GLY A 82 -5.01 6.13 18.40
CA GLY A 82 -3.94 5.82 19.34
C GLY A 82 -2.66 5.44 18.60
N VAL A 83 -2.33 6.24 17.59
CA VAL A 83 -1.13 5.99 16.81
C VAL A 83 0.11 6.10 17.70
N LYS A 84 -0.11 6.69 18.87
CA LYS A 84 0.98 6.87 19.82
C LYS A 84 2.19 7.48 19.11
N GLY A 85 2.01 8.72 18.66
CA GLY A 85 3.06 9.43 17.97
C GLY A 85 2.53 10.07 16.69
N ASN A 86 2.12 11.32 16.81
CA ASN A 86 1.60 12.06 15.68
C ASN A 86 2.44 11.74 14.44
N VAL A 87 1.77 11.15 13.46
CA VAL A 87 2.43 10.78 12.21
C VAL A 87 3.14 12.01 11.64
N GLN A 88 3.66 11.85 10.43
CA GLN A 88 4.36 12.93 9.76
C GLN A 88 3.41 14.10 9.52
N GLY A 89 2.89 14.18 8.30
CA GLY A 89 1.98 15.25 7.95
C GLY A 89 0.54 14.73 7.88
N ASN A 90 0.03 14.65 6.67
CA ASN A 90 -1.34 14.19 6.46
C ASN A 90 -1.33 12.67 6.32
N LEU A 91 -0.66 12.20 5.28
CA LEU A 91 -0.57 10.78 5.02
C LEU A 91 -1.96 10.24 4.67
N PHE A 92 -2.04 8.91 4.60
CA PHE A 92 -3.30 8.26 4.28
C PHE A 92 -3.37 6.87 4.90
N LYS A 93 -4.58 6.32 4.92
CA LYS A 93 -4.79 5.00 5.48
C LYS A 93 -5.40 4.08 4.41
N VAL A 94 -5.39 2.80 4.70
CA VAL A 94 -5.93 1.81 3.78
C VAL A 94 -6.85 0.86 4.53
N ILE A 95 -8.15 1.10 4.42
CA ILE A 95 -9.13 0.28 5.10
C ILE A 95 -9.45 -0.94 4.22
N THR A 96 -9.14 -2.11 4.75
CA THR A 96 -9.39 -3.35 4.03
C THR A 96 -10.80 -3.87 4.33
N LYS A 97 -11.03 -5.11 3.95
CA LYS A 97 -12.33 -5.74 4.16
C LYS A 97 -12.44 -6.16 5.63
N ASP A 98 -11.32 -6.08 6.33
CA ASP A 98 -11.28 -6.46 7.73
C ASP A 98 -11.33 -5.18 8.59
N ASP A 99 -11.49 -4.06 7.92
CA ASP A 99 -11.56 -2.78 8.61
C ASP A 99 -10.30 -2.60 9.45
N THR A 100 -9.19 -3.07 8.92
CA THR A 100 -7.92 -2.97 9.62
C THR A 100 -7.45 -1.52 9.65
N HIS A 101 -7.31 -0.94 8.47
CA HIS A 101 -6.88 0.44 8.35
C HIS A 101 -5.36 0.51 8.50
N TYR A 102 -4.68 0.50 7.36
CA TYR A 102 -3.23 0.56 7.35
C TYR A 102 -2.74 1.96 6.97
N TYR A 103 -2.08 2.60 7.93
CA TYR A 103 -1.56 3.95 7.70
C TYR A 103 -0.23 3.89 6.95
N ILE A 104 -0.26 4.43 5.74
CA ILE A 104 0.94 4.46 4.91
C ILE A 104 1.33 5.90 4.62
N GLN A 105 2.56 6.07 4.14
CA GLN A 105 3.06 7.40 3.84
C GLN A 105 3.45 7.48 2.36
N ALA A 106 3.50 8.72 1.87
CA ALA A 106 3.85 8.95 0.48
C ALA A 106 5.19 9.71 0.42
N SER A 107 5.91 9.47 -0.67
CA SER A 107 7.19 10.13 -0.86
C SER A 107 7.04 11.65 -0.70
N SER A 108 6.04 12.19 -1.36
CA SER A 108 5.77 13.61 -1.30
C SER A 108 4.26 13.87 -1.20
N LYS A 109 3.92 15.02 -0.66
CA LYS A 109 2.53 15.39 -0.50
C LYS A 109 1.75 14.97 -1.75
N ALA A 110 2.39 15.14 -2.90
CA ALA A 110 1.77 14.78 -4.16
C ALA A 110 1.64 13.26 -4.25
N GLU A 111 2.78 12.59 -4.15
CA GLU A 111 2.81 11.15 -4.21
C GLU A 111 1.61 10.55 -3.46
N ARG A 112 1.31 11.17 -2.33
CA ARG A 112 0.20 10.73 -1.50
C ARG A 112 -1.09 10.71 -2.32
N ALA A 113 -1.58 11.90 -2.63
CA ALA A 113 -2.80 12.02 -3.40
C ALA A 113 -2.81 10.99 -4.52
N GLU A 114 -1.70 10.94 -5.25
CA GLU A 114 -1.56 10.00 -6.35
C GLU A 114 -1.73 8.56 -5.85
N TRP A 115 -0.87 8.19 -4.91
CA TRP A 115 -0.91 6.85 -4.34
C TRP A 115 -2.36 6.57 -3.92
N ILE A 116 -3.02 7.62 -3.43
CA ILE A 116 -4.39 7.49 -2.99
C ILE A 116 -5.31 7.32 -4.21
N GLU A 117 -5.50 8.42 -4.92
CA GLU A 117 -6.35 8.40 -6.11
C GLU A 117 -6.20 7.07 -6.85
N ALA A 118 -4.95 6.61 -6.95
CA ALA A 118 -4.67 5.36 -7.62
C ALA A 118 -5.47 4.24 -6.96
N ILE A 119 -5.14 3.99 -5.70
CA ILE A 119 -5.82 2.95 -4.95
C ILE A 119 -7.32 3.01 -5.24
N LYS A 120 -7.92 4.14 -4.89
CA LYS A 120 -9.34 4.34 -5.12
C LYS A 120 -9.74 3.69 -6.44
N LYS A 121 -9.03 4.07 -7.49
CA LYS A 121 -9.31 3.53 -8.81
C LYS A 121 -9.54 2.02 -8.70
N LEU A 122 -8.54 1.33 -8.16
CA LEU A 122 -8.63 -0.10 -7.99
C LEU A 122 -9.94 -0.45 -7.27
N THR A 123 -10.11 0.14 -6.10
CA THR A 123 -11.30 -0.10 -5.30
C THR A 123 -12.54 0.40 -6.05
N SER A 124 -12.98 -0.41 -7.00
CA SER A 124 -14.16 -0.05 -7.79
C SER A 124 -13.81 1.05 -8.79
N GLY A 125 -14.32 0.89 -10.00
CA GLY A 125 -14.08 1.86 -11.05
C GLY A 125 -14.44 3.28 -10.58
N PRO A 126 -13.49 4.22 -10.82
CA PRO A 126 -13.69 5.60 -10.43
C PRO A 126 -14.68 6.30 -11.38
N SER A 127 -15.12 7.47 -10.95
CA SER A 127 -16.07 8.25 -11.74
C SER A 127 -15.67 9.72 -11.75
N SER A 128 -15.24 10.18 -12.91
CA SER A 128 -14.82 11.57 -13.06
C SER A 128 -16.03 12.44 -13.39
N GLY A 129 -16.64 12.13 -14.53
CA GLY A 129 -17.80 12.88 -14.98
C GLY A 129 -18.33 12.34 -16.31
N GLY A 1 -11.39 -36.17 -0.97
CA GLY A 1 -11.94 -35.04 -1.70
C GLY A 1 -11.29 -33.73 -1.25
N SER A 2 -11.73 -32.64 -1.86
CA SER A 2 -11.20 -31.33 -1.52
C SER A 2 -9.67 -31.37 -1.51
N SER A 3 -9.13 -31.58 -0.32
CA SER A 3 -7.68 -31.64 -0.14
C SER A 3 -7.08 -30.25 -0.28
N GLY A 4 -7.29 -29.66 -1.45
CA GLY A 4 -6.77 -28.33 -1.72
C GLY A 4 -5.69 -28.37 -2.82
N SER A 5 -5.88 -27.53 -3.82
CA SER A 5 -4.94 -27.46 -4.92
C SER A 5 -4.95 -26.05 -5.53
N SER A 6 -3.96 -25.81 -6.38
CA SER A 6 -3.84 -24.52 -7.04
C SER A 6 -2.92 -24.63 -8.25
N GLY A 7 -3.09 -23.68 -9.17
CA GLY A 7 -2.27 -23.67 -10.37
C GLY A 7 -2.32 -22.28 -11.04
N SER A 8 -1.35 -21.46 -10.67
CA SER A 8 -1.26 -20.12 -11.22
C SER A 8 -0.64 -20.16 -12.62
N LEU A 9 -0.88 -19.11 -13.37
CA LEU A 9 -0.35 -19.01 -14.72
C LEU A 9 0.66 -17.87 -14.79
N SER A 10 1.91 -18.21 -14.55
CA SER A 10 2.98 -17.23 -14.57
C SER A 10 2.54 -15.95 -13.87
N THR A 11 2.48 -16.03 -12.54
CA THR A 11 2.07 -14.90 -11.74
C THR A 11 0.59 -14.59 -11.97
N VAL A 12 0.04 -13.76 -11.09
CA VAL A 12 -1.35 -13.39 -11.18
C VAL A 12 -1.55 -11.98 -10.58
N GLU A 13 -1.53 -11.94 -9.26
CA GLU A 13 -1.69 -10.67 -8.56
C GLU A 13 -0.56 -9.71 -8.94
N LEU A 14 0.64 -10.26 -9.02
CA LEU A 14 1.81 -9.47 -9.37
C LEU A 14 1.90 -9.34 -10.89
N SER A 15 0.89 -9.87 -11.56
CA SER A 15 0.85 -9.83 -13.01
C SER A 15 -0.19 -8.81 -13.48
N GLY A 16 0.07 -7.56 -13.12
CA GLY A 16 -0.83 -6.47 -13.49
C GLY A 16 -0.05 -5.28 -14.04
N THR A 17 -0.79 -4.33 -14.60
CA THR A 17 -0.19 -3.14 -15.16
C THR A 17 0.16 -2.14 -14.05
N VAL A 18 1.43 -1.78 -14.00
CA VAL A 18 1.90 -0.84 -13.00
C VAL A 18 1.16 0.48 -13.15
N VAL A 19 0.53 0.91 -12.06
CA VAL A 19 -0.22 2.15 -12.07
C VAL A 19 0.51 3.18 -11.21
N LYS A 20 1.27 2.67 -10.24
CA LYS A 20 2.01 3.53 -9.35
C LYS A 20 3.17 2.74 -8.72
N GLN A 21 4.31 3.41 -8.59
CA GLN A 21 5.48 2.77 -8.01
C GLN A 21 6.30 3.80 -7.23
N GLY A 22 6.90 3.33 -6.15
CA GLY A 22 7.71 4.19 -5.30
C GLY A 22 7.95 3.55 -3.94
N TYR A 23 8.45 4.36 -3.02
CA TYR A 23 8.73 3.89 -1.67
C TYR A 23 7.83 4.59 -0.65
N LEU A 24 7.06 3.79 0.07
CA LEU A 24 6.17 4.31 1.08
C LEU A 24 6.60 3.79 2.46
N ALA A 25 6.02 4.39 3.49
CA ALA A 25 6.33 4.01 4.86
C ALA A 25 5.09 3.39 5.50
N LYS A 26 5.27 2.17 6.00
CA LYS A 26 4.17 1.46 6.63
C LYS A 26 4.43 1.39 8.14
N GLN A 27 3.41 1.73 8.91
CA GLN A 27 3.51 1.71 10.36
C GLN A 27 3.27 0.29 10.88
N GLY A 28 4.23 -0.18 11.65
CA GLY A 28 4.14 -1.52 12.23
C GLY A 28 4.67 -1.54 13.66
N HIS A 29 5.81 -2.18 13.83
CA HIS A 29 6.44 -2.28 15.13
C HIS A 29 7.93 -1.90 15.02
N LYS A 30 8.67 -2.28 16.05
CA LYS A 30 10.10 -2.00 16.09
C LYS A 30 10.30 -0.51 16.38
N ARG A 31 11.36 -0.23 17.13
CA ARG A 31 11.67 1.14 17.49
C ARG A 31 11.78 2.01 16.23
N LYS A 32 12.09 3.28 16.45
CA LYS A 32 12.23 4.22 15.35
C LYS A 32 10.86 4.45 14.71
N ASN A 33 10.79 5.50 13.90
CA ASN A 33 9.55 5.84 13.22
C ASN A 33 9.12 4.66 12.35
N TRP A 34 8.24 4.96 11.40
CA TRP A 34 7.73 3.94 10.50
C TRP A 34 8.92 3.36 9.74
N LYS A 35 8.61 2.46 8.82
CA LYS A 35 9.65 1.81 8.03
C LYS A 35 9.38 2.07 6.55
N VAL A 36 10.42 2.52 5.86
CA VAL A 36 10.31 2.81 4.43
C VAL A 36 10.33 1.50 3.65
N ARG A 37 9.23 1.22 2.99
CA ARG A 37 9.12 0.01 2.19
C ARG A 37 8.79 0.35 0.74
N ARG A 38 9.28 -0.49 -0.16
CA ARG A 38 9.04 -0.29 -1.58
C ARG A 38 7.68 -0.83 -1.97
N PHE A 39 6.74 0.09 -2.16
CA PHE A 39 5.38 -0.28 -2.55
C PHE A 39 5.19 -0.18 -4.06
N VAL A 40 4.49 -1.16 -4.60
CA VAL A 40 4.22 -1.20 -6.03
C VAL A 40 2.72 -1.28 -6.27
N LEU A 41 2.26 -0.53 -7.26
CA LEU A 41 0.85 -0.51 -7.59
C LEU A 41 0.66 -1.08 -9.00
N ARG A 42 -0.31 -1.99 -9.11
CA ARG A 42 -0.60 -2.61 -10.39
C ARG A 42 -2.11 -2.58 -10.66
N LYS A 43 -2.45 -2.89 -11.90
CA LYS A 43 -3.85 -2.90 -12.30
C LYS A 43 -4.09 -4.05 -13.27
N ASP A 44 -5.25 -4.69 -13.12
CA ASP A 44 -5.60 -5.81 -13.97
C ASP A 44 -4.45 -6.82 -13.98
N PRO A 45 -4.37 -7.60 -12.88
CA PRO A 45 -5.32 -7.45 -11.78
C PRO A 45 -5.02 -6.20 -10.96
N ALA A 46 -5.95 -5.88 -10.07
CA ALA A 46 -5.79 -4.70 -9.22
C ALA A 46 -5.29 -5.14 -7.85
N PHE A 47 -3.99 -4.97 -7.66
CA PHE A 47 -3.37 -5.34 -6.39
C PHE A 47 -2.25 -4.37 -6.02
N LEU A 48 -1.80 -4.47 -4.78
CA LEU A 48 -0.74 -3.61 -4.30
C LEU A 48 0.19 -4.41 -3.39
N HIS A 49 1.43 -4.58 -3.85
CA HIS A 49 2.42 -5.32 -3.09
C HIS A 49 3.58 -4.39 -2.72
N TYR A 50 4.28 -4.78 -1.66
CA TYR A 50 5.41 -4.01 -1.19
C TYR A 50 6.56 -4.91 -0.73
N TYR A 51 7.77 -4.48 -1.04
CA TYR A 51 8.94 -5.25 -0.67
C TYR A 51 9.78 -4.50 0.36
N ASP A 52 10.59 -5.25 1.08
CA ASP A 52 11.44 -4.68 2.12
C ASP A 52 12.85 -4.47 1.54
N PRO A 53 13.32 -3.19 1.62
CA PRO A 53 14.64 -2.84 1.12
C PRO A 53 15.74 -3.34 2.06
N SER A 54 15.50 -3.14 3.35
CA SER A 54 16.45 -3.56 4.35
C SER A 54 16.92 -4.99 4.08
N LYS A 55 15.98 -5.82 3.66
CA LYS A 55 16.29 -7.20 3.34
C LYS A 55 16.67 -7.32 1.87
N GLU A 56 16.81 -8.56 1.42
CA GLU A 56 17.19 -8.81 0.03
C GLU A 56 16.57 -10.13 -0.44
N GLU A 57 15.47 -10.01 -1.18
CA GLU A 57 14.79 -11.17 -1.71
C GLU A 57 14.02 -10.82 -2.98
N ASN A 58 13.65 -11.85 -3.72
CA ASN A 58 12.91 -11.66 -4.96
C ASN A 58 11.41 -11.77 -4.68
N ARG A 59 11.06 -11.55 -3.42
CA ARG A 59 9.67 -11.62 -3.01
C ARG A 59 9.31 -10.42 -2.14
N PRO A 60 8.00 -10.05 -2.18
CA PRO A 60 7.51 -8.92 -1.40
C PRO A 60 7.40 -9.30 0.08
N VAL A 61 7.15 -8.28 0.89
CA VAL A 61 7.02 -8.48 2.32
C VAL A 61 5.56 -8.82 2.65
N GLY A 62 4.68 -8.47 1.72
CA GLY A 62 3.26 -8.75 1.90
C GLY A 62 2.49 -8.44 0.62
N GLY A 63 1.33 -7.81 0.80
CA GLY A 63 0.48 -7.46 -0.32
C GLY A 63 -0.98 -7.82 -0.04
N PHE A 64 -1.82 -6.80 -0.10
CA PHE A 64 -3.24 -7.00 0.13
C PHE A 64 -4.06 -6.66 -1.11
N SER A 65 -5.30 -7.13 -1.11
CA SER A 65 -6.19 -6.89 -2.24
C SER A 65 -6.66 -5.44 -2.23
N LEU A 66 -7.00 -4.96 -3.42
CA LEU A 66 -7.46 -3.59 -3.58
C LEU A 66 -8.96 -3.59 -3.88
N ARG A 67 -9.35 -4.51 -4.75
CA ARG A 67 -10.74 -4.63 -5.14
C ARG A 67 -11.64 -4.63 -3.90
N GLY A 68 -11.11 -5.18 -2.82
CA GLY A 68 -11.84 -5.26 -1.56
C GLY A 68 -11.13 -4.47 -0.47
N SER A 69 -10.78 -3.24 -0.80
CA SER A 69 -10.10 -2.36 0.14
C SER A 69 -10.54 -0.91 -0.07
N LEU A 70 -9.90 -0.02 0.66
CA LEU A 70 -10.22 1.39 0.57
C LEU A 70 -8.98 2.22 0.95
N VAL A 71 -9.07 3.51 0.69
CA VAL A 71 -7.98 4.41 0.99
C VAL A 71 -8.54 5.78 1.37
N SER A 72 -7.81 6.46 2.24
CA SER A 72 -8.22 7.78 2.69
C SER A 72 -7.03 8.53 3.28
N ALA A 73 -7.22 9.83 3.47
CA ALA A 73 -6.17 10.68 4.03
C ALA A 73 -6.35 10.76 5.55
N LEU A 74 -5.27 11.17 6.21
CA LEU A 74 -5.29 11.30 7.66
C LEU A 74 -5.30 12.78 8.03
N GLU A 75 -4.12 13.36 8.10
CA GLU A 75 -3.97 14.76 8.44
C GLU A 75 -4.94 15.13 9.56
N ASP A 76 -4.47 14.91 10.79
CA ASP A 76 -5.27 15.22 11.96
C ASP A 76 -4.53 16.24 12.84
N ASN A 77 -3.23 16.01 12.98
CA ASN A 77 -2.39 16.89 13.78
C ASN A 77 -1.07 16.18 14.10
N GLY A 78 -1.18 15.07 14.79
CA GLY A 78 -0.01 14.30 15.16
C GLY A 78 -0.35 12.81 15.32
N VAL A 79 0.29 12.19 16.29
CA VAL A 79 0.06 10.78 16.55
C VAL A 79 -1.43 10.48 16.44
N PRO A 80 -1.76 9.50 15.57
CA PRO A 80 -3.14 9.10 15.36
C PRO A 80 -3.66 8.28 16.54
N THR A 81 -3.34 6.98 16.50
CA THR A 81 -3.76 6.08 17.55
C THR A 81 -2.69 5.02 17.80
N GLY A 82 -2.16 5.02 19.02
CA GLY A 82 -1.14 4.07 19.40
C GLY A 82 -0.16 3.83 18.24
N VAL A 83 0.66 4.83 17.98
CA VAL A 83 1.65 4.74 16.91
C VAL A 83 3.04 5.00 17.49
N LYS A 84 3.93 4.05 17.23
CA LYS A 84 5.29 4.16 17.72
C LYS A 84 5.83 5.57 17.43
N GLY A 85 6.15 5.80 16.17
CA GLY A 85 6.67 7.09 15.75
C GLY A 85 5.65 8.20 16.02
N ASN A 86 5.53 9.09 15.04
CA ASN A 86 4.59 10.19 15.14
C ASN A 86 4.55 10.96 13.82
N VAL A 87 3.78 10.41 12.88
CA VAL A 87 3.66 11.02 11.57
C VAL A 87 2.91 12.35 11.71
N GLN A 88 2.79 13.05 10.59
CA GLN A 88 2.12 14.33 10.57
C GLN A 88 1.65 14.67 9.15
N GLY A 89 2.54 14.41 8.20
CA GLY A 89 2.23 14.68 6.80
C GLY A 89 0.81 14.23 6.47
N ASN A 90 0.36 14.65 5.29
CA ASN A 90 -0.98 14.31 4.83
C ASN A 90 -1.26 12.84 5.15
N LEU A 91 -0.27 12.01 4.87
CA LEU A 91 -0.39 10.59 5.13
C LEU A 91 -1.72 10.08 4.56
N PHE A 92 -1.99 8.81 4.80
CA PHE A 92 -3.22 8.20 4.32
C PHE A 92 -3.37 6.77 4.86
N LYS A 93 -4.62 6.39 5.12
CA LYS A 93 -4.91 5.07 5.63
C LYS A 93 -5.54 4.23 4.52
N VAL A 94 -5.61 2.93 4.77
CA VAL A 94 -6.19 2.01 3.80
C VAL A 94 -7.12 1.03 4.53
N ILE A 95 -8.41 1.24 4.36
CA ILE A 95 -9.40 0.39 4.98
C ILE A 95 -9.64 -0.84 4.10
N THR A 96 -9.17 -1.98 4.59
CA THR A 96 -9.32 -3.23 3.87
C THR A 96 -10.66 -3.89 4.22
N LYS A 97 -10.92 -5.01 3.57
CA LYS A 97 -12.15 -5.75 3.80
C LYS A 97 -12.24 -6.13 5.28
N ASP A 98 -11.07 -6.22 5.90
CA ASP A 98 -11.00 -6.58 7.31
C ASP A 98 -11.20 -5.32 8.16
N ASP A 99 -11.53 -4.23 7.48
CA ASP A 99 -11.74 -2.96 8.17
C ASP A 99 -10.62 -2.75 9.19
N THR A 100 -9.41 -3.06 8.75
CA THR A 100 -8.24 -2.89 9.62
C THR A 100 -7.77 -1.44 9.59
N HIS A 101 -7.62 -0.93 8.38
CA HIS A 101 -7.17 0.45 8.20
C HIS A 101 -5.65 0.51 8.38
N TYR A 102 -4.95 0.40 7.26
CA TYR A 102 -3.50 0.45 7.28
C TYR A 102 -2.99 1.86 7.02
N TYR A 103 -2.14 2.34 7.92
CA TYR A 103 -1.58 3.67 7.79
C TYR A 103 -0.27 3.63 6.99
N ILE A 104 -0.22 4.49 5.97
CA ILE A 104 0.95 4.57 5.12
C ILE A 104 1.31 6.04 4.90
N GLN A 105 2.55 6.26 4.48
CA GLN A 105 3.02 7.60 4.22
C GLN A 105 3.45 7.74 2.76
N ALA A 106 3.34 8.97 2.26
CA ALA A 106 3.71 9.24 0.88
C ALA A 106 5.04 10.01 0.86
N SER A 107 5.76 9.86 -0.25
CA SER A 107 7.04 10.53 -0.40
C SER A 107 6.83 12.05 -0.42
N SER A 108 5.82 12.47 -1.18
CA SER A 108 5.52 13.88 -1.28
C SER A 108 4.02 14.11 -1.11
N LYS A 109 3.66 15.37 -0.92
CA LYS A 109 2.27 15.72 -0.74
C LYS A 109 1.46 15.23 -1.94
N ALA A 110 2.15 15.10 -3.07
CA ALA A 110 1.51 14.63 -4.29
C ALA A 110 1.47 13.10 -4.29
N GLU A 111 2.64 12.53 -4.09
CA GLU A 111 2.76 11.08 -4.06
C GLU A 111 1.56 10.46 -3.34
N ARG A 112 1.17 11.11 -2.25
CA ARG A 112 0.05 10.63 -1.46
C ARG A 112 -1.22 10.61 -2.31
N ALA A 113 -1.74 11.80 -2.56
CA ALA A 113 -2.95 11.93 -3.36
C ALA A 113 -2.90 10.96 -4.54
N GLU A 114 -1.68 10.73 -5.02
CA GLU A 114 -1.48 9.83 -6.14
C GLU A 114 -1.63 8.38 -5.67
N TRP A 115 -0.92 8.05 -4.61
CA TRP A 115 -0.97 6.71 -4.06
C TRP A 115 -2.39 6.43 -3.59
N ILE A 116 -3.11 7.51 -3.31
CA ILE A 116 -4.48 7.40 -2.85
C ILE A 116 -5.39 7.18 -4.05
N GLU A 117 -5.66 8.26 -4.78
CA GLU A 117 -6.50 8.18 -5.96
C GLU A 117 -6.26 6.87 -6.71
N ALA A 118 -4.99 6.53 -6.84
CA ALA A 118 -4.60 5.30 -7.53
C ALA A 118 -5.34 4.12 -6.90
N ILE A 119 -5.10 3.94 -5.61
CA ILE A 119 -5.72 2.84 -4.87
C ILE A 119 -7.23 2.86 -5.13
N LYS A 120 -7.84 4.01 -4.83
CA LYS A 120 -9.27 4.16 -5.02
C LYS A 120 -9.68 3.51 -6.35
N LYS A 121 -8.97 3.89 -7.39
CA LYS A 121 -9.25 3.36 -8.71
C LYS A 121 -9.50 1.86 -8.61
N LEU A 122 -8.49 1.16 -8.12
CA LEU A 122 -8.59 -0.29 -7.96
C LEU A 122 -9.85 -0.62 -7.17
N THR A 123 -9.95 0.00 -6.00
CA THR A 123 -11.10 -0.23 -5.13
C THR A 123 -12.36 0.42 -5.73
N SER A 124 -12.77 -0.10 -6.88
CA SER A 124 -13.94 0.41 -7.56
C SER A 124 -14.27 -0.49 -8.76
N GLY A 125 -15.46 -0.27 -9.30
CA GLY A 125 -15.92 -1.04 -10.45
C GLY A 125 -15.44 -0.42 -11.75
N PRO A 126 -16.31 -0.50 -12.78
CA PRO A 126 -15.99 0.05 -14.10
C PRO A 126 -16.08 1.59 -14.08
N SER A 127 -15.06 2.21 -14.64
CA SER A 127 -15.01 3.66 -14.70
C SER A 127 -14.18 4.11 -15.91
N SER A 128 -14.16 5.42 -16.12
CA SER A 128 -13.42 5.99 -17.23
C SER A 128 -13.49 7.51 -17.18
N GLY A 129 -12.68 8.14 -18.02
CA GLY A 129 -12.64 9.59 -18.08
C GLY A 129 -12.08 10.19 -16.79
N GLY A 1 -19.62 -16.67 1.15
CA GLY A 1 -18.85 -17.83 0.72
C GLY A 1 -17.91 -17.45 -0.43
N SER A 2 -17.96 -18.27 -1.49
CA SER A 2 -17.13 -18.04 -2.65
C SER A 2 -15.66 -18.25 -2.30
N SER A 3 -14.85 -18.44 -3.33
CA SER A 3 -13.43 -18.66 -3.13
C SER A 3 -12.73 -18.74 -4.50
N GLY A 4 -11.45 -18.39 -4.49
CA GLY A 4 -10.66 -18.42 -5.71
C GLY A 4 -9.16 -18.40 -5.38
N SER A 5 -8.36 -18.60 -6.42
CA SER A 5 -6.92 -18.59 -6.27
C SER A 5 -6.26 -17.93 -7.48
N SER A 6 -6.50 -18.53 -8.65
CA SER A 6 -5.94 -18.01 -9.87
C SER A 6 -4.41 -18.10 -9.84
N GLY A 7 -3.84 -18.32 -11.01
CA GLY A 7 -2.39 -18.43 -11.12
C GLY A 7 -2.00 -19.44 -12.20
N SER A 8 -0.97 -19.09 -12.96
CA SER A 8 -0.49 -19.96 -14.02
C SER A 8 0.79 -20.67 -13.58
N LEU A 9 1.79 -19.86 -13.25
CA LEU A 9 3.06 -20.40 -12.81
C LEU A 9 3.88 -19.29 -12.15
N SER A 10 4.30 -18.34 -12.98
CA SER A 10 5.09 -17.22 -12.50
C SER A 10 4.21 -15.96 -12.40
N THR A 11 4.24 -15.36 -11.23
CA THR A 11 3.45 -14.15 -10.99
C THR A 11 1.96 -14.45 -11.19
N VAL A 12 1.16 -13.84 -10.31
CA VAL A 12 -0.28 -14.02 -10.38
C VAL A 12 -0.98 -12.70 -10.07
N GLU A 13 -0.78 -12.25 -8.84
CA GLU A 13 -1.38 -10.99 -8.39
C GLU A 13 -0.51 -9.82 -8.82
N LEU A 14 0.77 -10.09 -9.00
CA LEU A 14 1.72 -9.07 -9.41
C LEU A 14 1.66 -8.91 -10.93
N SER A 15 0.83 -9.72 -11.55
CA SER A 15 0.67 -9.70 -12.99
C SER A 15 -0.29 -8.58 -13.39
N GLY A 16 0.00 -7.38 -12.91
CA GLY A 16 -0.83 -6.23 -13.21
C GLY A 16 0.01 -5.06 -13.73
N THR A 17 -0.62 -4.24 -14.56
CA THR A 17 0.06 -3.10 -15.14
C THR A 17 0.35 -2.05 -14.06
N VAL A 18 1.64 -1.78 -13.88
CA VAL A 18 2.06 -0.81 -12.89
C VAL A 18 1.23 0.46 -13.03
N VAL A 19 0.56 0.82 -11.94
CA VAL A 19 -0.28 2.00 -11.92
C VAL A 19 0.36 3.07 -11.05
N LYS A 20 1.28 2.62 -10.20
CA LYS A 20 1.98 3.52 -9.29
C LYS A 20 3.14 2.78 -8.63
N GLN A 21 4.25 3.49 -8.50
CA GLN A 21 5.43 2.90 -7.89
C GLN A 21 6.15 3.95 -7.03
N GLY A 22 6.81 3.46 -5.99
CA GLY A 22 7.55 4.33 -5.09
C GLY A 22 7.79 3.65 -3.74
N TYR A 23 8.44 4.39 -2.86
CA TYR A 23 8.75 3.86 -1.53
C TYR A 23 7.93 4.59 -0.46
N LEU A 24 7.17 3.81 0.30
CA LEU A 24 6.35 4.37 1.35
C LEU A 24 6.82 3.81 2.70
N ALA A 25 6.25 4.36 3.76
CA ALA A 25 6.59 3.93 5.10
C ALA A 25 5.34 3.41 5.81
N LYS A 26 5.27 2.10 5.96
CA LYS A 26 4.15 1.47 6.61
C LYS A 26 4.26 1.67 8.13
N GLN A 27 3.09 1.77 8.76
CA GLN A 27 3.05 1.96 10.21
C GLN A 27 2.30 0.80 10.87
N GLY A 28 2.95 0.22 11.88
CA GLY A 28 2.37 -0.90 12.60
C GLY A 28 3.45 -1.89 13.03
N HIS A 29 4.03 -1.62 14.19
CA HIS A 29 5.07 -2.48 14.72
C HIS A 29 5.56 -1.91 16.06
N LYS A 30 6.14 -2.80 16.85
CA LYS A 30 6.65 -2.42 18.16
C LYS A 30 8.15 -2.12 18.04
N ARG A 31 8.49 -1.36 17.00
CA ARG A 31 9.88 -1.01 16.77
C ARG A 31 10.00 -0.15 15.50
N LYS A 32 10.14 1.14 15.72
CA LYS A 32 10.27 2.07 14.61
C LYS A 32 8.87 2.49 14.13
N ASN A 33 8.01 1.49 13.99
CA ASN A 33 6.65 1.75 13.55
C ASN A 33 6.65 2.09 12.05
N TRP A 34 7.27 3.22 11.74
CA TRP A 34 7.35 3.67 10.37
C TRP A 34 8.64 3.11 9.76
N LYS A 35 8.47 2.18 8.83
CA LYS A 35 9.60 1.56 8.17
C LYS A 35 9.45 1.71 6.65
N VAL A 36 10.41 2.41 6.06
CA VAL A 36 10.40 2.63 4.63
C VAL A 36 10.35 1.28 3.90
N ARG A 37 9.43 1.19 2.96
CA ARG A 37 9.27 -0.04 2.19
C ARG A 37 8.92 0.29 0.74
N ARG A 38 9.37 -0.58 -0.15
CA ARG A 38 9.12 -0.40 -1.57
C ARG A 38 7.71 -0.89 -1.92
N PHE A 39 6.81 0.08 -2.10
CA PHE A 39 5.43 -0.24 -2.44
C PHE A 39 5.21 -0.13 -3.95
N VAL A 40 4.65 -1.19 -4.51
CA VAL A 40 4.37 -1.23 -5.93
C VAL A 40 2.85 -1.30 -6.15
N LEU A 41 2.41 -0.58 -7.16
CA LEU A 41 0.99 -0.54 -7.50
C LEU A 41 0.78 -1.10 -8.90
N ARG A 42 -0.11 -2.08 -8.99
CA ARG A 42 -0.41 -2.70 -10.27
C ARG A 42 -1.91 -2.66 -10.54
N LYS A 43 -2.26 -2.91 -11.80
CA LYS A 43 -3.65 -2.90 -12.20
C LYS A 43 -3.92 -4.06 -13.16
N ASP A 44 -5.11 -4.61 -13.05
CA ASP A 44 -5.50 -5.73 -13.91
C ASP A 44 -4.39 -6.80 -13.88
N PRO A 45 -4.37 -7.57 -12.76
CA PRO A 45 -5.34 -7.37 -11.69
C PRO A 45 -5.01 -6.12 -10.87
N ALA A 46 -5.95 -5.76 -10.01
CA ALA A 46 -5.78 -4.60 -9.16
C ALA A 46 -5.26 -5.04 -7.79
N PHE A 47 -3.94 -4.99 -7.66
CA PHE A 47 -3.30 -5.38 -6.41
C PHE A 47 -2.12 -4.46 -6.08
N LEU A 48 -1.79 -4.42 -4.80
CA LEU A 48 -0.68 -3.59 -4.35
C LEU A 48 0.25 -4.42 -3.47
N HIS A 49 1.46 -4.63 -3.97
CA HIS A 49 2.45 -5.40 -3.24
C HIS A 49 3.63 -4.50 -2.87
N TYR A 50 4.41 -4.97 -1.91
CA TYR A 50 5.56 -4.23 -1.44
C TYR A 50 6.71 -5.17 -1.04
N TYR A 51 7.92 -4.72 -1.31
CA TYR A 51 9.09 -5.51 -0.98
C TYR A 51 10.01 -4.75 -0.01
N ASP A 52 10.69 -5.52 0.83
CA ASP A 52 11.61 -4.93 1.80
C ASP A 52 12.94 -4.62 1.11
N PRO A 53 13.33 -3.32 1.18
CA PRO A 53 14.58 -2.88 0.57
C PRO A 53 15.77 -3.33 1.41
N SER A 54 15.48 -4.00 2.52
CA SER A 54 16.52 -4.49 3.40
C SER A 54 16.73 -5.98 3.19
N LYS A 55 15.71 -6.62 2.64
CA LYS A 55 15.78 -8.05 2.38
C LYS A 55 16.06 -8.29 0.90
N GLU A 56 16.88 -9.30 0.63
CA GLU A 56 17.23 -9.64 -0.73
C GLU A 56 16.54 -10.94 -1.16
N GLU A 57 15.22 -10.88 -1.24
CA GLU A 57 14.44 -12.04 -1.63
C GLU A 57 13.64 -11.74 -2.90
N ASN A 58 13.52 -12.76 -3.73
CA ASN A 58 12.78 -12.61 -4.98
C ASN A 58 11.28 -12.79 -4.71
N ARG A 59 10.74 -11.83 -3.98
CA ARG A 59 9.33 -11.87 -3.64
C ARG A 59 8.97 -10.69 -2.73
N PRO A 60 7.64 -10.38 -2.68
CA PRO A 60 7.16 -9.29 -1.85
C PRO A 60 7.16 -9.68 -0.37
N VAL A 61 6.84 -8.71 0.46
CA VAL A 61 6.80 -8.94 1.90
C VAL A 61 5.37 -9.31 2.31
N GLY A 62 4.42 -8.89 1.48
CA GLY A 62 3.03 -9.18 1.74
C GLY A 62 2.17 -8.95 0.51
N GLY A 63 1.22 -8.02 0.64
CA GLY A 63 0.34 -7.69 -0.46
C GLY A 63 -1.12 -8.03 -0.12
N PHE A 64 -1.96 -7.01 -0.22
CA PHE A 64 -3.38 -7.20 0.08
C PHE A 64 -4.24 -6.85 -1.14
N SER A 65 -5.44 -7.41 -1.15
CA SER A 65 -6.36 -7.17 -2.24
C SER A 65 -6.84 -5.73 -2.21
N LEU A 66 -7.13 -5.20 -3.40
CA LEU A 66 -7.60 -3.83 -3.52
C LEU A 66 -9.13 -3.84 -3.68
N ARG A 67 -9.60 -4.71 -4.56
CA ARG A 67 -11.03 -4.83 -4.81
C ARG A 67 -11.81 -4.63 -3.51
N GLY A 68 -11.47 -5.45 -2.52
CA GLY A 68 -12.13 -5.37 -1.24
C GLY A 68 -11.28 -4.58 -0.23
N SER A 69 -10.98 -3.35 -0.61
CA SER A 69 -10.18 -2.48 0.25
C SER A 69 -10.72 -1.05 0.18
N LEU A 70 -10.04 -0.16 0.89
CA LEU A 70 -10.43 1.23 0.93
C LEU A 70 -9.23 2.09 1.29
N VAL A 71 -9.27 3.33 0.83
CA VAL A 71 -8.18 4.27 1.09
C VAL A 71 -8.77 5.66 1.38
N SER A 72 -8.12 6.35 2.29
CA SER A 72 -8.57 7.69 2.67
C SER A 72 -7.41 8.46 3.32
N ALA A 73 -7.58 9.77 3.39
CA ALA A 73 -6.58 10.63 3.98
C ALA A 73 -6.93 10.91 5.43
N LEU A 74 -5.90 11.15 6.24
CA LEU A 74 -6.08 11.42 7.65
C LEU A 74 -6.36 12.91 7.84
N GLU A 75 -7.55 13.19 8.34
CA GLU A 75 -7.95 14.57 8.58
C GLU A 75 -7.57 15.00 9.99
N ASP A 76 -6.29 14.87 10.29
CA ASP A 76 -5.78 15.24 11.60
C ASP A 76 -4.42 15.93 11.44
N ASN A 77 -4.21 16.95 12.27
CA ASN A 77 -2.96 17.70 12.23
C ASN A 77 -2.04 17.21 13.36
N GLY A 78 -2.55 17.30 14.57
CA GLY A 78 -1.80 16.87 15.74
C GLY A 78 -1.66 15.35 15.77
N VAL A 79 -2.49 14.72 16.58
CA VAL A 79 -2.47 13.27 16.72
C VAL A 79 -3.67 12.68 15.98
N PRO A 80 -3.35 11.81 14.97
CA PRO A 80 -4.39 11.18 14.18
C PRO A 80 -5.07 10.06 14.97
N THR A 81 -5.78 10.48 16.01
CA THR A 81 -6.49 9.53 16.85
C THR A 81 -5.58 8.33 17.19
N GLY A 82 -6.06 7.15 16.84
CA GLY A 82 -5.30 5.94 17.10
C GLY A 82 -3.94 5.97 16.39
N VAL A 83 -3.00 6.68 17.00
CA VAL A 83 -1.67 6.80 16.44
C VAL A 83 -0.70 7.22 17.54
N LYS A 84 -1.13 8.18 18.33
CA LYS A 84 -0.31 8.69 19.42
C LYS A 84 0.86 9.47 18.84
N GLY A 85 1.71 8.74 18.12
CA GLY A 85 2.88 9.34 17.51
C GLY A 85 2.48 10.33 16.41
N ASN A 86 2.16 11.55 16.84
CA ASN A 86 1.77 12.59 15.92
C ASN A 86 2.63 12.50 14.66
N VAL A 87 2.03 11.94 13.61
CA VAL A 87 2.73 11.78 12.35
C VAL A 87 2.58 13.07 11.53
N GLN A 88 3.19 13.06 10.36
CA GLN A 88 3.13 14.21 9.47
C GLN A 88 1.68 14.60 9.21
N GLY A 89 1.51 15.50 8.24
CA GLY A 89 0.19 15.96 7.88
C GLY A 89 -0.08 15.75 6.39
N ASN A 90 0.47 14.67 5.86
CA ASN A 90 0.31 14.34 4.46
C ASN A 90 0.40 12.83 4.27
N LEU A 91 -0.38 12.11 5.07
CA LEU A 91 -0.39 10.67 5.00
C LEU A 91 -1.82 10.19 4.68
N PHE A 92 -2.01 8.88 4.81
CA PHE A 92 -3.31 8.28 4.55
C PHE A 92 -3.41 6.90 5.17
N LYS A 93 -4.61 6.34 5.10
CA LYS A 93 -4.86 5.01 5.65
C LYS A 93 -5.55 4.15 4.61
N VAL A 94 -5.38 2.84 4.75
CA VAL A 94 -5.98 1.90 3.83
C VAL A 94 -6.85 0.91 4.61
N ILE A 95 -8.15 1.14 4.55
CA ILE A 95 -9.10 0.28 5.24
C ILE A 95 -9.44 -0.91 4.35
N THR A 96 -8.90 -2.06 4.72
CA THR A 96 -9.14 -3.28 3.97
C THR A 96 -10.45 -3.93 4.41
N LYS A 97 -10.82 -5.00 3.72
CA LYS A 97 -12.04 -5.71 4.02
C LYS A 97 -11.99 -6.22 5.47
N ASP A 98 -10.78 -6.20 6.01
CA ASP A 98 -10.57 -6.66 7.38
C ASP A 98 -10.76 -5.49 8.34
N ASP A 99 -11.43 -4.46 7.84
CA ASP A 99 -11.69 -3.27 8.63
C ASP A 99 -10.38 -2.82 9.30
N THR A 100 -9.28 -3.17 8.65
CA THR A 100 -7.97 -2.81 9.17
C THR A 100 -7.46 -1.54 8.49
N HIS A 101 -7.18 -0.54 9.31
CA HIS A 101 -6.70 0.73 8.80
C HIS A 101 -5.17 0.71 8.75
N TYR A 102 -4.65 0.64 7.53
CA TYR A 102 -3.21 0.62 7.33
C TYR A 102 -2.68 1.99 6.94
N TYR A 103 -2.09 2.67 7.91
CA TYR A 103 -1.54 4.00 7.67
C TYR A 103 -0.23 3.91 6.89
N ILE A 104 -0.18 4.67 5.80
CA ILE A 104 1.01 4.69 4.96
C ILE A 104 1.48 6.13 4.78
N GLN A 105 2.71 6.27 4.36
CA GLN A 105 3.30 7.59 4.15
C GLN A 105 3.81 7.72 2.71
N ALA A 106 3.37 8.79 2.06
CA ALA A 106 3.78 9.05 0.69
C ALA A 106 5.15 9.69 0.67
N SER A 107 5.73 9.77 -0.51
CA SER A 107 7.04 10.37 -0.67
C SER A 107 6.92 11.89 -0.77
N SER A 108 5.99 12.32 -1.61
CA SER A 108 5.76 13.75 -1.80
C SER A 108 4.28 14.07 -1.59
N LYS A 109 3.98 15.36 -1.64
CA LYS A 109 2.61 15.81 -1.45
C LYS A 109 1.70 15.09 -2.45
N ALA A 110 2.02 15.27 -3.73
CA ALA A 110 1.25 14.65 -4.79
C ALA A 110 1.19 13.14 -4.55
N GLU A 111 2.36 12.54 -4.40
CA GLU A 111 2.46 11.11 -4.16
C GLU A 111 1.33 10.66 -3.24
N ARG A 112 1.07 11.46 -2.23
CA ARG A 112 0.03 11.15 -1.27
C ARG A 112 -1.29 10.87 -1.99
N ALA A 113 -1.88 11.93 -2.54
CA ALA A 113 -3.13 11.82 -3.26
C ALA A 113 -2.99 10.76 -4.36
N GLU A 114 -1.86 10.84 -5.07
CA GLU A 114 -1.59 9.91 -6.14
C GLU A 114 -1.85 8.47 -5.69
N TRP A 115 -1.08 8.05 -4.70
CA TRP A 115 -1.23 6.70 -4.17
C TRP A 115 -2.68 6.51 -3.76
N ILE A 116 -3.22 7.53 -3.10
CA ILE A 116 -4.60 7.48 -2.66
C ILE A 116 -5.52 7.19 -3.85
N GLU A 117 -5.76 8.23 -4.64
CA GLU A 117 -6.61 8.09 -5.81
C GLU A 117 -6.34 6.75 -6.51
N ALA A 118 -5.06 6.48 -6.72
CA ALA A 118 -4.66 5.25 -7.38
C ALA A 118 -5.43 4.08 -6.78
N ILE A 119 -5.25 3.91 -5.47
CA ILE A 119 -5.93 2.83 -4.77
C ILE A 119 -7.44 2.94 -5.00
N LYS A 120 -7.93 4.17 -4.93
CA LYS A 120 -9.34 4.42 -5.12
C LYS A 120 -9.75 3.92 -6.51
N LYS A 121 -8.96 4.29 -7.50
CA LYS A 121 -9.23 3.89 -8.87
C LYS A 121 -9.47 2.38 -8.92
N LEU A 122 -8.46 1.64 -8.50
CA LEU A 122 -8.55 0.19 -8.50
C LEU A 122 -9.86 -0.23 -7.84
N THR A 123 -10.05 0.21 -6.61
CA THR A 123 -11.26 -0.11 -5.86
C THR A 123 -12.45 0.67 -6.43
N SER A 124 -13.60 0.45 -5.80
CA SER A 124 -14.81 1.12 -6.23
C SER A 124 -14.61 2.64 -6.19
N GLY A 125 -14.37 3.14 -4.99
CA GLY A 125 -14.18 4.56 -4.80
C GLY A 125 -15.46 5.34 -5.09
N PRO A 126 -15.42 6.66 -4.75
CA PRO A 126 -16.57 7.53 -4.96
C PRO A 126 -16.73 7.87 -6.45
N SER A 127 -15.61 8.17 -7.08
CA SER A 127 -15.61 8.51 -8.48
C SER A 127 -14.26 8.15 -9.12
N SER A 128 -14.34 7.28 -10.12
CA SER A 128 -13.15 6.83 -10.81
C SER A 128 -13.50 6.38 -12.24
N GLY A 129 -14.40 5.41 -12.31
CA GLY A 129 -14.83 4.88 -13.60
C GLY A 129 -16.35 4.99 -13.74
N GLY A 1 -4.58 -41.90 -10.31
CA GLY A 1 -5.00 -40.54 -10.60
C GLY A 1 -3.84 -39.72 -11.17
N SER A 2 -4.20 -38.61 -11.80
CA SER A 2 -3.20 -37.74 -12.38
C SER A 2 -3.73 -36.31 -12.45
N SER A 3 -2.82 -35.38 -12.71
CA SER A 3 -3.18 -33.98 -12.82
C SER A 3 -2.02 -33.17 -13.39
N GLY A 4 -2.34 -31.97 -13.86
CA GLY A 4 -1.34 -31.10 -14.44
C GLY A 4 -1.98 -29.80 -14.94
N SER A 5 -1.11 -28.91 -15.43
CA SER A 5 -1.57 -27.63 -15.94
C SER A 5 -0.57 -27.09 -16.96
N SER A 6 -1.03 -26.10 -17.72
CA SER A 6 -0.19 -25.49 -18.73
C SER A 6 -0.43 -23.97 -18.77
N GLY A 7 0.50 -23.28 -19.42
CA GLY A 7 0.40 -21.84 -19.54
C GLY A 7 1.62 -21.15 -18.91
N SER A 8 1.55 -19.83 -18.85
CA SER A 8 2.63 -19.05 -18.28
C SER A 8 3.02 -19.62 -16.91
N LEU A 9 2.01 -19.76 -16.06
CA LEU A 9 2.24 -20.28 -14.73
C LEU A 9 3.52 -19.68 -14.15
N SER A 10 3.35 -18.55 -13.47
CA SER A 10 4.48 -17.86 -12.87
C SER A 10 3.98 -16.84 -11.84
N THR A 11 3.35 -15.80 -12.36
CA THR A 11 2.83 -14.75 -11.50
C THR A 11 1.41 -14.36 -11.92
N VAL A 12 0.65 -13.82 -10.98
CA VAL A 12 -0.71 -13.42 -11.24
C VAL A 12 -1.00 -12.09 -10.52
N GLU A 13 -0.91 -12.14 -9.20
CA GLU A 13 -1.16 -10.96 -8.40
C GLU A 13 -0.19 -9.85 -8.79
N LEU A 14 1.08 -10.20 -8.85
CA LEU A 14 2.11 -9.24 -9.21
C LEU A 14 2.16 -9.10 -10.73
N SER A 15 1.30 -9.86 -11.39
CA SER A 15 1.24 -9.83 -12.84
C SER A 15 0.16 -8.85 -13.30
N GLY A 16 0.39 -7.58 -12.98
CA GLY A 16 -0.55 -6.54 -13.34
C GLY A 16 0.19 -5.29 -13.84
N THR A 17 -0.55 -4.44 -14.54
CA THR A 17 0.02 -3.22 -15.08
C THR A 17 0.37 -2.25 -13.94
N VAL A 18 1.66 -2.01 -13.78
CA VAL A 18 2.15 -1.11 -12.75
C VAL A 18 1.69 0.32 -13.06
N VAL A 19 0.84 0.84 -12.19
CA VAL A 19 0.32 2.19 -12.36
C VAL A 19 1.07 3.13 -11.41
N LYS A 20 1.49 2.59 -10.29
CA LYS A 20 2.22 3.37 -9.30
C LYS A 20 3.27 2.50 -8.62
N GLN A 21 4.39 3.12 -8.29
CA GLN A 21 5.47 2.41 -7.64
C GLN A 21 6.49 3.40 -7.07
N GLY A 22 6.82 3.19 -5.79
CA GLY A 22 7.78 4.05 -5.13
C GLY A 22 8.18 3.47 -3.77
N TYR A 23 8.43 4.38 -2.83
CA TYR A 23 8.83 3.96 -1.50
C TYR A 23 7.94 4.62 -0.43
N LEU A 24 7.11 3.80 0.19
CA LEU A 24 6.21 4.28 1.23
C LEU A 24 6.72 3.85 2.60
N ALA A 25 6.09 4.38 3.63
CA ALA A 25 6.48 4.05 4.99
C ALA A 25 5.26 3.51 5.75
N LYS A 26 5.23 2.20 5.90
CA LYS A 26 4.13 1.55 6.59
C LYS A 26 4.44 1.50 8.08
N GLN A 27 3.56 2.13 8.86
CA GLN A 27 3.73 2.17 10.31
C GLN A 27 3.39 0.81 10.92
N GLY A 28 4.12 0.48 11.98
CA GLY A 28 3.90 -0.79 12.65
C GLY A 28 4.82 -0.92 13.87
N HIS A 29 4.59 -1.97 14.64
CA HIS A 29 5.37 -2.21 15.84
C HIS A 29 6.72 -2.83 15.45
N LYS A 30 7.70 -1.96 15.28
CA LYS A 30 9.04 -2.41 14.90
C LYS A 30 10.07 -1.40 15.41
N ARG A 31 11.34 -1.78 15.28
CA ARG A 31 12.42 -0.92 15.72
C ARG A 31 12.11 0.54 15.38
N LYS A 32 11.83 0.76 14.11
CA LYS A 32 11.52 2.11 13.63
C LYS A 32 10.00 2.29 13.58
N ASN A 33 9.56 3.46 14.03
CA ASN A 33 8.15 3.77 14.03
C ASN A 33 7.59 3.62 12.61
N TRP A 34 8.20 4.34 11.69
CA TRP A 34 7.78 4.30 10.30
C TRP A 34 8.92 3.72 9.47
N LYS A 35 8.71 2.49 9.00
CA LYS A 35 9.71 1.82 8.20
C LYS A 35 9.43 2.07 6.71
N VAL A 36 10.47 2.48 6.00
CA VAL A 36 10.34 2.76 4.58
C VAL A 36 10.35 1.43 3.81
N ARG A 37 9.37 1.30 2.91
CA ARG A 37 9.26 0.10 2.12
C ARG A 37 8.92 0.47 0.66
N ARG A 38 9.25 -0.44 -0.23
CA ARG A 38 8.99 -0.23 -1.65
C ARG A 38 7.62 -0.81 -2.03
N PHE A 39 6.66 0.09 -2.17
CA PHE A 39 5.30 -0.31 -2.53
C PHE A 39 5.08 -0.19 -4.03
N VAL A 40 4.34 -1.15 -4.57
CA VAL A 40 4.05 -1.16 -6.00
C VAL A 40 2.53 -1.23 -6.18
N LEU A 41 2.06 -0.47 -7.16
CA LEU A 41 0.64 -0.43 -7.46
C LEU A 41 0.40 -1.00 -8.87
N ARG A 42 -0.36 -2.09 -8.90
CA ARG A 42 -0.67 -2.74 -10.16
C ARG A 42 -2.18 -2.70 -10.42
N LYS A 43 -2.52 -2.69 -11.70
CA LYS A 43 -3.91 -2.65 -12.10
C LYS A 43 -4.17 -3.75 -13.13
N ASP A 44 -5.40 -4.26 -13.11
CA ASP A 44 -5.79 -5.30 -14.04
C ASP A 44 -4.64 -6.30 -14.19
N PRO A 45 -4.52 -7.20 -13.18
CA PRO A 45 -5.44 -7.18 -12.05
C PRO A 45 -5.12 -6.02 -11.10
N ALA A 46 -6.07 -5.74 -10.23
CA ALA A 46 -5.91 -4.66 -9.27
C ALA A 46 -5.33 -5.22 -7.97
N PHE A 47 -4.11 -4.82 -7.67
CA PHE A 47 -3.44 -5.27 -6.47
C PHE A 47 -2.34 -4.28 -6.05
N LEU A 48 -2.00 -4.34 -4.77
CA LEU A 48 -0.97 -3.46 -4.22
C LEU A 48 -0.01 -4.27 -3.37
N HIS A 49 1.22 -4.38 -3.84
CA HIS A 49 2.24 -5.12 -3.12
C HIS A 49 3.40 -4.20 -2.76
N TYR A 50 4.26 -4.68 -1.87
CA TYR A 50 5.40 -3.91 -1.44
C TYR A 50 6.52 -4.82 -0.94
N TYR A 51 7.75 -4.44 -1.26
CA TYR A 51 8.91 -5.20 -0.86
C TYR A 51 9.81 -4.40 0.08
N ASP A 52 10.69 -5.11 0.77
CA ASP A 52 11.60 -4.47 1.70
C ASP A 52 12.90 -4.12 0.97
N PRO A 53 13.25 -2.80 1.01
CA PRO A 53 14.45 -2.32 0.35
C PRO A 53 15.70 -2.71 1.15
N SER A 54 15.47 -3.41 2.25
CA SER A 54 16.55 -3.86 3.11
C SER A 54 16.84 -5.34 2.88
N LYS A 55 15.78 -6.12 2.94
CA LYS A 55 15.89 -7.56 2.74
C LYS A 55 16.34 -7.84 1.30
N GLU A 56 16.39 -9.12 0.96
CA GLU A 56 16.80 -9.53 -0.37
C GLU A 56 16.11 -10.83 -0.76
N GLU A 57 14.95 -10.70 -1.37
CA GLU A 57 14.19 -11.86 -1.79
C GLU A 57 13.36 -11.53 -3.04
N ASN A 58 13.30 -12.49 -3.94
CA ASN A 58 12.55 -12.32 -5.18
C ASN A 58 11.06 -12.48 -4.89
N ARG A 59 10.57 -11.65 -3.97
CA ARG A 59 9.17 -11.70 -3.60
C ARG A 59 8.83 -10.52 -2.68
N PRO A 60 7.52 -10.16 -2.66
CA PRO A 60 7.05 -9.06 -1.84
C PRO A 60 6.99 -9.47 -0.37
N VAL A 61 7.03 -8.46 0.50
CA VAL A 61 6.99 -8.70 1.93
C VAL A 61 5.55 -9.07 2.33
N GLY A 62 4.60 -8.51 1.60
CA GLY A 62 3.20 -8.77 1.87
C GLY A 62 2.33 -8.40 0.67
N GLY A 63 1.48 -7.41 0.87
CA GLY A 63 0.59 -6.96 -0.18
C GLY A 63 -0.82 -7.51 0.01
N PHE A 64 -1.79 -6.60 0.02
CA PHE A 64 -3.18 -6.98 0.21
C PHE A 64 -3.97 -6.76 -1.08
N SER A 65 -5.27 -7.03 -0.99
CA SER A 65 -6.15 -6.85 -2.14
C SER A 65 -6.69 -5.43 -2.18
N LEU A 66 -7.18 -5.04 -3.34
CA LEU A 66 -7.72 -3.71 -3.53
C LEU A 66 -9.23 -3.81 -3.72
N ARG A 67 -9.64 -4.83 -4.44
CA ARG A 67 -11.05 -5.06 -4.71
C ARG A 67 -11.89 -4.71 -3.48
N GLY A 68 -11.66 -5.48 -2.42
CA GLY A 68 -12.39 -5.27 -1.18
C GLY A 68 -11.54 -4.48 -0.18
N SER A 69 -10.97 -3.38 -0.67
CA SER A 69 -10.14 -2.54 0.16
C SER A 69 -10.68 -1.11 0.16
N LEU A 70 -9.91 -0.22 0.77
CA LEU A 70 -10.30 1.18 0.83
C LEU A 70 -9.05 2.05 1.03
N VAL A 71 -9.24 3.34 0.87
CA VAL A 71 -8.14 4.29 1.03
C VAL A 71 -8.69 5.64 1.44
N SER A 72 -7.95 6.31 2.30
CA SER A 72 -8.35 7.63 2.78
C SER A 72 -7.13 8.39 3.32
N ALA A 73 -7.26 9.70 3.33
CA ALA A 73 -6.18 10.55 3.81
C ALA A 73 -6.40 10.85 5.30
N LEU A 74 -5.29 11.11 5.98
CA LEU A 74 -5.34 11.40 7.40
C LEU A 74 -5.29 12.92 7.61
N GLU A 75 -6.05 13.37 8.59
CA GLU A 75 -6.09 14.80 8.90
C GLU A 75 -4.99 15.15 9.90
N ASP A 76 -4.74 16.45 10.00
CA ASP A 76 -3.72 16.94 10.91
C ASP A 76 -4.38 17.55 12.14
N ASN A 77 -3.72 17.39 13.28
CA ASN A 77 -4.23 17.92 14.53
C ASN A 77 -3.30 17.52 15.67
N GLY A 78 -3.12 16.22 15.81
CA GLY A 78 -2.25 15.70 16.87
C GLY A 78 -2.49 14.20 17.07
N VAL A 79 -1.63 13.41 16.43
CA VAL A 79 -1.74 11.96 16.54
C VAL A 79 -3.08 11.51 15.96
N PRO A 80 -3.00 10.47 15.08
CA PRO A 80 -4.20 9.93 14.44
C PRO A 80 -5.00 9.08 15.43
N THR A 81 -4.39 7.99 15.84
CA THR A 81 -5.04 7.07 16.77
C THR A 81 -4.01 6.12 17.39
N GLY A 82 -3.76 6.33 18.69
CA GLY A 82 -2.81 5.49 19.40
C GLY A 82 -1.64 5.10 18.50
N VAL A 83 -0.91 6.10 18.03
CA VAL A 83 0.23 5.88 17.17
C VAL A 83 1.51 6.32 17.88
N LYS A 84 1.38 7.37 18.67
CA LYS A 84 2.50 7.91 19.42
C LYS A 84 3.57 8.39 18.43
N GLY A 85 3.84 9.68 18.49
CA GLY A 85 4.84 10.27 17.61
C GLY A 85 4.22 11.36 16.74
N ASN A 86 2.89 11.37 16.72
CA ASN A 86 2.16 12.36 15.92
C ASN A 86 2.72 12.36 14.49
N VAL A 87 2.07 11.59 13.64
CA VAL A 87 2.47 11.49 12.25
C VAL A 87 2.36 12.87 11.60
N GLN A 88 3.06 13.02 10.49
CA GLN A 88 3.05 14.27 9.75
C GLN A 88 1.62 14.82 9.66
N GLY A 89 0.98 14.51 8.55
CA GLY A 89 -0.39 14.96 8.34
C GLY A 89 -0.88 14.57 6.94
N ASN A 90 -0.07 14.88 5.95
CA ASN A 90 -0.42 14.57 4.57
C ASN A 90 -0.15 13.08 4.31
N LEU A 91 -0.84 12.25 5.09
CA LEU A 91 -0.68 10.82 4.95
C LEU A 91 -2.03 10.19 4.61
N PHE A 92 -2.05 8.86 4.57
CA PHE A 92 -3.27 8.14 4.24
C PHE A 92 -3.26 6.74 4.86
N LYS A 93 -4.41 6.11 4.84
CA LYS A 93 -4.55 4.77 5.39
C LYS A 93 -5.26 3.87 4.37
N VAL A 94 -5.20 2.57 4.65
CA VAL A 94 -5.84 1.61 3.76
C VAL A 94 -6.77 0.72 4.59
N ILE A 95 -8.06 0.94 4.40
CA ILE A 95 -9.08 0.17 5.11
C ILE A 95 -9.43 -1.07 4.30
N THR A 96 -9.04 -2.23 4.83
CA THR A 96 -9.31 -3.49 4.17
C THR A 96 -10.74 -3.95 4.46
N LYS A 97 -11.06 -5.12 3.94
CA LYS A 97 -12.39 -5.68 4.13
C LYS A 97 -12.56 -6.09 5.59
N ASP A 98 -11.45 -6.04 6.32
CA ASP A 98 -11.47 -6.40 7.73
C ASP A 98 -11.37 -5.12 8.57
N ASP A 99 -11.70 -4.01 7.94
CA ASP A 99 -11.65 -2.73 8.61
C ASP A 99 -10.37 -2.63 9.44
N THR A 100 -9.28 -3.08 8.84
CA THR A 100 -7.99 -3.05 9.50
C THR A 100 -7.48 -1.61 9.62
N HIS A 101 -7.36 -0.96 8.47
CA HIS A 101 -6.89 0.42 8.43
C HIS A 101 -5.37 0.43 8.57
N TYR A 102 -4.71 0.35 7.44
CA TYR A 102 -3.25 0.35 7.43
C TYR A 102 -2.71 1.75 7.11
N TYR A 103 -2.03 2.33 8.08
CA TYR A 103 -1.46 3.66 7.90
C TYR A 103 -0.15 3.60 7.11
N ILE A 104 -0.13 4.37 6.03
CA ILE A 104 1.06 4.42 5.18
C ILE A 104 1.40 5.88 4.87
N GLN A 105 2.63 6.07 4.43
CA GLN A 105 3.10 7.41 4.10
C GLN A 105 3.57 7.46 2.65
N ALA A 106 3.43 8.64 2.05
CA ALA A 106 3.84 8.83 0.67
C ALA A 106 5.19 9.55 0.64
N SER A 107 5.84 9.46 -0.51
CA SER A 107 7.14 10.10 -0.69
C SER A 107 6.98 11.62 -0.66
N SER A 108 5.96 12.10 -1.35
CA SER A 108 5.69 13.53 -1.41
C SER A 108 4.21 13.79 -1.14
N LYS A 109 3.90 15.06 -0.90
CA LYS A 109 2.53 15.46 -0.62
C LYS A 109 1.63 15.02 -1.79
N ALA A 110 2.21 15.07 -2.98
CA ALA A 110 1.48 14.68 -4.18
C ALA A 110 1.40 13.15 -4.24
N GLU A 111 2.55 12.52 -4.09
CA GLU A 111 2.62 11.07 -4.13
C GLU A 111 1.45 10.46 -3.35
N ARG A 112 1.10 11.13 -2.26
CA ARG A 112 0.00 10.66 -1.43
C ARG A 112 -1.30 10.63 -2.22
N ALA A 113 -1.80 11.83 -2.52
CA ALA A 113 -3.04 11.94 -3.28
C ALA A 113 -3.01 10.96 -4.45
N GLU A 114 -1.85 10.87 -5.08
CA GLU A 114 -1.69 9.96 -6.21
C GLU A 114 -1.88 8.51 -5.76
N TRP A 115 -1.05 8.12 -4.80
CA TRP A 115 -1.11 6.76 -4.28
C TRP A 115 -2.56 6.48 -3.86
N ILE A 116 -3.21 7.52 -3.36
CA ILE A 116 -4.59 7.40 -2.91
C ILE A 116 -5.49 7.23 -4.14
N GLU A 117 -5.73 8.33 -4.83
CA GLU A 117 -6.57 8.32 -6.01
C GLU A 117 -6.41 7.00 -6.75
N ALA A 118 -5.15 6.60 -6.92
CA ALA A 118 -4.85 5.36 -7.62
C ALA A 118 -5.66 4.22 -7.00
N ILE A 119 -5.32 3.89 -5.76
CA ILE A 119 -6.01 2.83 -5.05
C ILE A 119 -7.51 2.93 -5.31
N LYS A 120 -8.06 4.09 -4.97
CA LYS A 120 -9.48 4.33 -5.16
C LYS A 120 -9.91 3.75 -6.51
N LYS A 121 -9.19 4.16 -7.55
CA LYS A 121 -9.49 3.69 -8.89
C LYS A 121 -9.76 2.18 -8.86
N LEU A 122 -8.75 1.45 -8.41
CA LEU A 122 -8.88 0.00 -8.33
C LEU A 122 -10.15 -0.36 -7.57
N THR A 123 -10.26 0.18 -6.37
CA THR A 123 -11.43 -0.07 -5.53
C THR A 123 -12.67 0.59 -6.14
N SER A 124 -13.23 -0.07 -7.13
CA SER A 124 -14.41 0.44 -7.80
C SER A 124 -14.84 -0.51 -8.92
N GLY A 125 -16.06 -0.29 -9.40
CA GLY A 125 -16.59 -1.12 -10.47
C GLY A 125 -16.28 -0.52 -11.84
N PRO A 126 -17.38 -0.18 -12.57
CA PRO A 126 -17.24 0.41 -13.90
C PRO A 126 -16.80 1.87 -13.81
N SER A 127 -15.81 2.21 -14.62
CA SER A 127 -15.29 3.58 -14.65
C SER A 127 -15.59 4.23 -16.00
N SER A 128 -15.66 5.55 -15.97
CA SER A 128 -15.93 6.31 -17.19
C SER A 128 -14.63 6.84 -17.78
N GLY A 129 -14.51 6.73 -19.09
CA GLY A 129 -13.33 7.19 -19.79
C GLY A 129 -13.47 6.99 -21.30
N GLY A 1 1.89 -21.68 3.92
CA GLY A 1 2.34 -21.94 2.56
C GLY A 1 1.84 -23.31 2.08
N SER A 2 1.14 -23.29 0.96
CA SER A 2 0.61 -24.51 0.38
C SER A 2 0.77 -24.48 -1.14
N SER A 3 0.56 -25.64 -1.74
CA SER A 3 0.68 -25.77 -3.18
C SER A 3 2.10 -25.40 -3.62
N GLY A 4 2.52 -26.02 -4.72
CA GLY A 4 3.85 -25.77 -5.25
C GLY A 4 4.19 -26.75 -6.36
N SER A 5 4.82 -26.23 -7.40
CA SER A 5 5.21 -27.05 -8.54
C SER A 5 6.64 -26.71 -8.98
N SER A 6 7.17 -27.54 -9.86
CA SER A 6 8.52 -27.35 -10.35
C SER A 6 8.48 -26.55 -11.67
N GLY A 7 9.27 -25.48 -11.70
CA GLY A 7 9.33 -24.64 -12.88
C GLY A 7 7.94 -24.47 -13.50
N SER A 8 7.02 -23.98 -12.68
CA SER A 8 5.66 -23.77 -13.13
C SER A 8 4.85 -23.04 -12.06
N LEU A 9 4.51 -21.79 -12.35
CA LEU A 9 3.75 -20.98 -11.42
C LEU A 9 3.25 -19.73 -12.14
N SER A 10 4.20 -18.88 -12.52
CA SER A 10 3.88 -17.64 -13.20
C SER A 10 3.15 -16.69 -12.24
N THR A 11 3.50 -15.42 -12.35
CA THR A 11 2.89 -14.40 -11.51
C THR A 11 1.40 -14.27 -11.82
N VAL A 12 0.68 -13.76 -10.84
CA VAL A 12 -0.76 -13.58 -10.99
C VAL A 12 -1.17 -12.26 -10.33
N GLU A 13 -0.98 -12.20 -9.02
CA GLU A 13 -1.33 -11.01 -8.27
C GLU A 13 -0.44 -9.85 -8.67
N LEU A 14 0.84 -10.14 -8.82
CA LEU A 14 1.82 -9.13 -9.21
C LEU A 14 1.87 -9.04 -10.73
N SER A 15 0.91 -9.69 -11.37
CA SER A 15 0.85 -9.71 -12.82
C SER A 15 -0.21 -8.71 -13.30
N GLY A 16 0.02 -7.44 -12.98
CA GLY A 16 -0.90 -6.39 -13.38
C GLY A 16 -0.14 -5.18 -13.91
N THR A 17 -0.86 -4.33 -14.64
CA THR A 17 -0.27 -3.13 -15.20
C THR A 17 0.10 -2.15 -14.09
N VAL A 18 1.37 -1.74 -14.11
CA VAL A 18 1.87 -0.81 -13.12
C VAL A 18 1.13 0.53 -13.27
N VAL A 19 0.51 0.95 -12.18
CA VAL A 19 -0.22 2.20 -12.17
C VAL A 19 0.53 3.22 -11.30
N LYS A 20 1.25 2.70 -10.32
CA LYS A 20 2.01 3.55 -9.41
C LYS A 20 3.16 2.73 -8.80
N GLN A 21 4.29 3.39 -8.65
CA GLN A 21 5.47 2.75 -8.08
C GLN A 21 6.30 3.76 -7.29
N GLY A 22 6.99 3.26 -6.28
CA GLY A 22 7.82 4.11 -5.45
C GLY A 22 8.08 3.45 -4.09
N TYR A 23 8.49 4.27 -3.14
CA TYR A 23 8.78 3.79 -1.80
C TYR A 23 7.90 4.50 -0.76
N LEU A 24 7.13 3.70 -0.04
CA LEU A 24 6.24 4.23 0.99
C LEU A 24 6.74 3.79 2.36
N ALA A 25 6.15 4.39 3.39
CA ALA A 25 6.53 4.06 4.76
C ALA A 25 5.29 3.56 5.51
N LYS A 26 5.25 2.25 5.70
CA LYS A 26 4.14 1.62 6.40
C LYS A 26 4.47 1.53 7.89
N GLN A 27 3.49 1.88 8.71
CA GLN A 27 3.67 1.83 10.15
C GLN A 27 3.17 0.49 10.70
N GLY A 28 4.12 -0.32 11.14
CA GLY A 28 3.79 -1.63 11.70
C GLY A 28 4.12 -1.68 13.19
N HIS A 29 4.06 -2.89 13.72
CA HIS A 29 4.35 -3.10 15.13
C HIS A 29 5.85 -3.33 15.32
N LYS A 30 6.50 -2.33 15.88
CA LYS A 30 7.93 -2.40 16.12
C LYS A 30 8.38 -1.16 16.90
N ARG A 31 9.47 -1.33 17.63
CA ARG A 31 10.02 -0.23 18.42
C ARG A 31 10.35 0.96 17.52
N LYS A 32 11.17 0.68 16.51
CA LYS A 32 11.58 1.71 15.57
C LYS A 32 10.33 2.46 15.08
N ASN A 33 10.59 3.55 14.37
CA ASN A 33 9.50 4.37 13.84
C ASN A 33 9.04 3.76 12.51
N TRP A 34 8.36 4.60 11.72
CA TRP A 34 7.85 4.17 10.44
C TRP A 34 9.02 3.54 9.66
N LYS A 35 8.68 2.51 8.89
CA LYS A 35 9.68 1.82 8.09
C LYS A 35 9.39 2.06 6.61
N VAL A 36 10.44 2.38 5.88
CA VAL A 36 10.31 2.63 4.45
C VAL A 36 10.30 1.29 3.70
N ARG A 37 9.28 1.14 2.87
CA ARG A 37 9.13 -0.08 2.08
C ARG A 37 8.77 0.25 0.63
N ARG A 38 9.38 -0.49 -0.28
CA ARG A 38 9.12 -0.28 -1.69
C ARG A 38 7.74 -0.83 -2.07
N PHE A 39 6.81 0.08 -2.26
CA PHE A 39 5.46 -0.29 -2.63
C PHE A 39 5.26 -0.22 -4.13
N VAL A 40 4.48 -1.16 -4.65
CA VAL A 40 4.19 -1.21 -6.07
C VAL A 40 2.69 -1.25 -6.29
N LEU A 41 2.24 -0.45 -7.25
CA LEU A 41 0.82 -0.39 -7.57
C LEU A 41 0.59 -0.93 -8.98
N ARG A 42 -0.27 -1.92 -9.06
CA ARG A 42 -0.60 -2.54 -10.34
C ARG A 42 -2.11 -2.58 -10.55
N LYS A 43 -2.49 -2.83 -11.79
CA LYS A 43 -3.90 -2.89 -12.14
C LYS A 43 -4.14 -4.06 -13.09
N ASP A 44 -5.26 -4.73 -12.89
CA ASP A 44 -5.61 -5.87 -13.72
C ASP A 44 -4.45 -6.87 -13.74
N PRO A 45 -4.35 -7.65 -12.63
CA PRO A 45 -5.29 -7.52 -11.54
C PRO A 45 -5.01 -6.27 -10.71
N ALA A 46 -5.90 -6.00 -9.77
CA ALA A 46 -5.77 -4.83 -8.91
C ALA A 46 -5.21 -5.27 -7.56
N PHE A 47 -3.92 -5.08 -7.40
CA PHE A 47 -3.25 -5.44 -6.15
C PHE A 47 -2.07 -4.52 -5.86
N LEU A 48 -1.78 -4.36 -4.58
CA LEU A 48 -0.67 -3.51 -4.17
C LEU A 48 0.25 -4.30 -3.24
N HIS A 49 1.47 -4.52 -3.72
CA HIS A 49 2.45 -5.26 -2.96
C HIS A 49 3.64 -4.35 -2.62
N TYR A 50 4.43 -4.79 -1.66
CA TYR A 50 5.59 -4.02 -1.23
C TYR A 50 6.80 -4.93 -1.03
N TYR A 51 7.93 -4.30 -0.73
CA TYR A 51 9.15 -5.04 -0.50
C TYR A 51 10.12 -4.25 0.38
N ASP A 52 10.71 -4.95 1.34
CA ASP A 52 11.65 -4.33 2.26
C ASP A 52 13.00 -4.15 1.55
N PRO A 53 13.46 -2.87 1.53
CA PRO A 53 14.72 -2.55 0.90
C PRO A 53 15.90 -2.98 1.77
N SER A 54 15.75 -2.76 3.07
CA SER A 54 16.79 -3.12 4.02
C SER A 54 17.28 -4.55 3.73
N LYS A 55 16.37 -5.36 3.22
CA LYS A 55 16.70 -6.74 2.90
C LYS A 55 17.11 -6.83 1.43
N GLU A 56 17.43 -8.05 1.01
CA GLU A 56 17.84 -8.28 -0.36
C GLU A 56 17.03 -9.43 -0.96
N GLU A 57 15.79 -9.12 -1.31
CA GLU A 57 14.90 -10.11 -1.90
C GLU A 57 14.01 -9.47 -2.96
N ASN A 58 13.47 -10.31 -3.82
CA ASN A 58 12.60 -9.84 -4.89
C ASN A 58 11.14 -9.96 -4.45
N ARG A 59 10.87 -11.03 -3.70
CA ARG A 59 9.53 -11.27 -3.21
C ARG A 59 9.09 -10.16 -2.28
N PRO A 60 7.76 -9.87 -2.30
CA PRO A 60 7.20 -8.82 -1.46
C PRO A 60 7.10 -9.28 0.00
N VAL A 61 7.06 -8.31 0.89
CA VAL A 61 6.98 -8.59 2.31
C VAL A 61 5.57 -9.11 2.63
N GLY A 62 4.62 -8.69 1.82
CA GLY A 62 3.24 -9.11 2.01
C GLY A 62 2.40 -8.81 0.77
N GLY A 63 1.39 -7.96 0.96
CA GLY A 63 0.52 -7.57 -0.12
C GLY A 63 -0.94 -7.85 0.23
N PHE A 64 -1.75 -6.79 0.18
CA PHE A 64 -3.16 -6.91 0.49
C PHE A 64 -4.01 -6.60 -0.74
N SER A 65 -5.20 -7.18 -0.75
CA SER A 65 -6.13 -6.98 -1.86
C SER A 65 -6.55 -5.51 -1.91
N LEU A 66 -7.01 -5.11 -3.09
CA LEU A 66 -7.46 -3.74 -3.29
C LEU A 66 -8.95 -3.73 -3.62
N ARG A 67 -9.35 -4.66 -4.48
CA ARG A 67 -10.73 -4.78 -4.88
C ARG A 67 -11.65 -4.53 -3.68
N GLY A 68 -11.48 -5.35 -2.66
CA GLY A 68 -12.28 -5.23 -1.45
C GLY A 68 -11.54 -4.42 -0.38
N SER A 69 -11.12 -3.23 -0.76
CA SER A 69 -10.41 -2.35 0.15
C SER A 69 -10.85 -0.91 -0.05
N LEU A 70 -10.23 -0.01 0.71
CA LEU A 70 -10.56 1.40 0.63
C LEU A 70 -9.34 2.21 1.08
N VAL A 71 -9.25 3.43 0.54
CA VAL A 71 -8.15 4.32 0.88
C VAL A 71 -8.71 5.69 1.25
N SER A 72 -7.99 6.37 2.13
CA SER A 72 -8.40 7.70 2.56
C SER A 72 -7.23 8.42 3.23
N ALA A 73 -7.35 9.74 3.30
CA ALA A 73 -6.31 10.55 3.90
C ALA A 73 -6.68 10.83 5.36
N LEU A 74 -5.66 11.14 6.15
CA LEU A 74 -5.86 11.44 7.56
C LEU A 74 -5.95 12.96 7.75
N GLU A 75 -7.06 13.39 8.30
CA GLU A 75 -7.28 14.81 8.55
C GLU A 75 -5.98 15.48 8.99
N ASP A 76 -5.89 16.77 8.73
CA ASP A 76 -4.71 17.53 9.10
C ASP A 76 -4.54 17.49 10.62
N ASN A 77 -3.63 16.62 11.06
CA ASN A 77 -3.36 16.47 12.47
C ASN A 77 -2.05 15.71 12.66
N GLY A 78 -1.24 16.20 13.60
CA GLY A 78 0.04 15.57 13.89
C GLY A 78 -0.06 14.05 13.76
N VAL A 79 -0.55 13.43 14.82
CA VAL A 79 -0.69 11.98 14.84
C VAL A 79 -2.15 11.63 15.16
N PRO A 80 -2.69 10.69 14.34
CA PRO A 80 -4.07 10.25 14.51
C PRO A 80 -4.20 9.33 15.73
N THR A 81 -5.33 8.62 15.77
CA THR A 81 -5.59 7.70 16.86
C THR A 81 -4.33 6.90 17.20
N GLY A 82 -3.68 7.32 18.28
CA GLY A 82 -2.46 6.66 18.73
C GLY A 82 -1.38 6.70 17.64
N VAL A 83 -1.41 5.70 16.78
CA VAL A 83 -0.45 5.61 15.69
C VAL A 83 0.92 6.08 16.20
N LYS A 84 1.49 5.29 17.11
CA LYS A 84 2.78 5.61 17.67
C LYS A 84 3.74 6.03 16.55
N GLY A 85 4.69 6.87 16.90
CA GLY A 85 5.67 7.35 15.94
C GLY A 85 5.34 8.78 15.49
N ASN A 86 4.10 8.97 15.06
CA ASN A 86 3.67 10.27 14.60
C ASN A 86 4.57 10.75 13.47
N VAL A 87 4.07 10.58 12.25
CA VAL A 87 4.83 10.99 11.07
C VAL A 87 4.17 12.23 10.47
N GLN A 88 2.90 12.41 10.77
CA GLN A 88 2.16 13.55 10.27
C GLN A 88 2.46 13.76 8.78
N GLY A 89 1.96 14.87 8.26
CA GLY A 89 2.17 15.20 6.86
C GLY A 89 0.94 14.84 6.02
N ASN A 90 -0.20 14.79 6.69
CA ASN A 90 -1.45 14.46 6.03
C ASN A 90 -1.34 13.06 5.42
N LEU A 91 -0.92 12.12 6.25
CA LEU A 91 -0.76 10.74 5.81
C LEU A 91 -2.12 10.19 5.38
N PHE A 92 -2.11 8.92 4.98
CA PHE A 92 -3.34 8.27 4.56
C PHE A 92 -3.40 6.83 5.07
N LYS A 93 -4.61 6.29 5.10
CA LYS A 93 -4.82 4.94 5.57
C LYS A 93 -5.59 4.14 4.51
N VAL A 94 -5.58 2.83 4.66
CA VAL A 94 -6.27 1.96 3.73
C VAL A 94 -7.23 1.06 4.50
N ILE A 95 -8.51 1.37 4.39
CA ILE A 95 -9.54 0.61 5.07
C ILE A 95 -9.92 -0.60 4.21
N THR A 96 -9.44 -1.76 4.64
CA THR A 96 -9.72 -3.00 3.92
C THR A 96 -11.14 -3.47 4.21
N LYS A 97 -11.38 -4.74 3.92
CA LYS A 97 -12.69 -5.33 4.14
C LYS A 97 -12.84 -5.68 5.63
N ASP A 98 -11.70 -5.79 6.30
CA ASP A 98 -11.70 -6.12 7.71
C ASP A 98 -11.52 -4.84 8.52
N ASP A 99 -11.89 -3.72 7.91
CA ASP A 99 -11.78 -2.43 8.57
C ASP A 99 -10.47 -2.38 9.37
N THR A 100 -9.41 -2.82 8.72
CA THR A 100 -8.10 -2.84 9.36
C THR A 100 -7.51 -1.43 9.42
N HIS A 101 -7.43 -0.80 8.25
CA HIS A 101 -6.90 0.55 8.17
C HIS A 101 -5.38 0.50 8.23
N TYR A 102 -4.76 0.40 7.06
CA TYR A 102 -3.31 0.36 6.98
C TYR A 102 -2.73 1.73 6.64
N TYR A 103 -2.13 2.34 7.65
CA TYR A 103 -1.53 3.65 7.50
C TYR A 103 -0.20 3.56 6.75
N ILE A 104 -0.07 4.39 5.72
CA ILE A 104 1.15 4.40 4.93
C ILE A 104 1.58 5.86 4.71
N GLN A 105 2.81 6.01 4.23
CA GLN A 105 3.35 7.33 3.96
C GLN A 105 3.78 7.45 2.50
N ALA A 106 3.63 8.66 1.97
CA ALA A 106 4.00 8.91 0.58
C ALA A 106 5.31 9.71 0.55
N SER A 107 6.00 9.57 -0.57
CA SER A 107 7.27 10.28 -0.74
C SER A 107 7.05 11.78 -0.68
N SER A 108 6.10 12.25 -1.49
CA SER A 108 5.79 13.67 -1.53
C SER A 108 4.28 13.87 -1.40
N LYS A 109 3.88 15.13 -1.26
CA LYS A 109 2.48 15.46 -1.13
C LYS A 109 1.71 14.87 -2.31
N ALA A 110 2.23 15.11 -3.50
CA ALA A 110 1.59 14.62 -4.71
C ALA A 110 1.56 13.08 -4.67
N GLU A 111 2.72 12.51 -4.40
CA GLU A 111 2.84 11.06 -4.33
C GLU A 111 1.70 10.48 -3.49
N ARG A 112 1.36 11.20 -2.44
CA ARG A 112 0.29 10.76 -1.55
C ARG A 112 -1.03 10.69 -2.31
N ALA A 113 -1.61 11.86 -2.55
CA ALA A 113 -2.87 11.94 -3.26
C ALA A 113 -2.88 10.93 -4.41
N GLU A 114 -1.70 10.77 -5.01
CA GLU A 114 -1.56 9.85 -6.13
C GLU A 114 -1.67 8.41 -5.62
N TRP A 115 -0.84 8.08 -4.65
CA TRP A 115 -0.83 6.74 -4.09
C TRP A 115 -2.24 6.44 -3.58
N ILE A 116 -2.98 7.51 -3.28
CA ILE A 116 -4.34 7.37 -2.79
C ILE A 116 -5.29 7.19 -3.98
N GLU A 117 -5.55 8.30 -4.66
CA GLU A 117 -6.43 8.27 -5.82
C GLU A 117 -6.24 6.98 -6.61
N ALA A 118 -4.99 6.57 -6.71
CA ALA A 118 -4.65 5.35 -7.43
C ALA A 118 -5.47 4.19 -6.87
N ILE A 119 -5.20 3.88 -5.60
CA ILE A 119 -5.89 2.80 -4.93
C ILE A 119 -7.39 2.91 -5.21
N LYS A 120 -7.92 4.09 -4.91
CA LYS A 120 -9.34 4.34 -5.12
C LYS A 120 -9.76 3.79 -6.49
N LYS A 121 -8.93 4.08 -7.49
CA LYS A 121 -9.20 3.62 -8.83
C LYS A 121 -9.46 2.11 -8.82
N LEU A 122 -8.50 1.38 -8.28
CA LEU A 122 -8.61 -0.07 -8.19
C LEU A 122 -9.90 -0.43 -7.45
N THR A 123 -10.04 0.12 -6.26
CA THR A 123 -11.21 -0.14 -5.45
C THR A 123 -12.48 0.24 -6.21
N SER A 124 -12.34 1.23 -7.08
CA SER A 124 -13.47 1.69 -7.87
C SER A 124 -13.01 2.79 -8.83
N GLY A 125 -13.26 2.56 -10.10
CA GLY A 125 -12.89 3.53 -11.13
C GLY A 125 -13.89 4.68 -11.19
N PRO A 126 -13.39 5.90 -10.86
CA PRO A 126 -14.23 7.09 -10.87
C PRO A 126 -14.50 7.55 -12.31
N SER A 127 -15.79 7.60 -12.65
CA SER A 127 -16.20 8.02 -13.98
C SER A 127 -15.25 7.42 -15.03
N SER A 128 -15.60 6.22 -15.46
CA SER A 128 -14.80 5.53 -16.46
C SER A 128 -15.61 4.40 -17.09
N GLY A 129 -15.40 4.22 -18.39
CA GLY A 129 -16.10 3.18 -19.12
C GLY A 129 -16.09 3.46 -20.62
N GLY A 1 15.53 -23.22 11.19
CA GLY A 1 14.93 -22.93 9.90
C GLY A 1 14.25 -21.55 9.91
N SER A 2 14.01 -21.03 8.71
CA SER A 2 13.38 -19.73 8.58
C SER A 2 12.75 -19.60 7.18
N SER A 3 11.44 -19.45 7.17
CA SER A 3 10.72 -19.31 5.93
C SER A 3 10.87 -20.58 5.09
N GLY A 4 9.78 -20.98 4.47
CA GLY A 4 9.78 -22.18 3.63
C GLY A 4 8.93 -21.97 2.38
N SER A 5 8.18 -23.02 2.04
CA SER A 5 7.32 -22.97 0.86
C SER A 5 8.15 -22.74 -0.40
N SER A 6 7.52 -23.00 -1.53
CA SER A 6 8.20 -22.84 -2.81
C SER A 6 7.24 -23.16 -3.96
N GLY A 7 7.63 -22.76 -5.15
CA GLY A 7 6.81 -23.00 -6.33
C GLY A 7 7.33 -22.19 -7.52
N SER A 8 6.85 -20.95 -7.61
CA SER A 8 7.25 -20.07 -8.69
C SER A 8 7.00 -20.75 -10.04
N LEU A 9 5.88 -20.37 -10.66
CA LEU A 9 5.51 -20.92 -11.95
C LEU A 9 4.86 -19.84 -12.80
N SER A 10 3.76 -19.31 -12.30
CA SER A 10 3.04 -18.27 -13.01
C SER A 10 2.46 -17.25 -12.01
N THR A 11 2.70 -15.99 -12.30
CA THR A 11 2.20 -14.92 -11.43
C THR A 11 0.75 -14.57 -11.79
N VAL A 12 0.13 -13.81 -10.91
CA VAL A 12 -1.25 -13.41 -11.11
C VAL A 12 -1.47 -12.02 -10.49
N GLU A 13 -1.43 -11.99 -9.17
CA GLU A 13 -1.62 -10.75 -8.44
C GLU A 13 -0.58 -9.70 -8.89
N LEU A 14 0.66 -10.15 -8.95
CA LEU A 14 1.75 -9.28 -9.37
C LEU A 14 1.81 -9.23 -10.90
N SER A 15 0.82 -9.86 -11.51
CA SER A 15 0.76 -9.90 -12.97
C SER A 15 -0.25 -8.87 -13.48
N GLY A 16 0.04 -7.61 -13.20
CA GLY A 16 -0.83 -6.52 -13.61
C GLY A 16 -0.01 -5.31 -14.06
N THR A 17 -0.69 -4.39 -14.72
CA THR A 17 -0.05 -3.17 -15.20
C THR A 17 0.32 -2.26 -14.03
N VAL A 18 1.48 -1.63 -14.15
CA VAL A 18 1.96 -0.73 -13.12
C VAL A 18 1.19 0.59 -13.20
N VAL A 19 0.61 0.97 -12.08
CA VAL A 19 -0.15 2.21 -12.02
C VAL A 19 0.63 3.24 -11.20
N LYS A 20 1.30 2.74 -10.16
CA LYS A 20 2.08 3.60 -9.29
C LYS A 20 3.20 2.77 -8.63
N GLN A 21 4.36 3.38 -8.52
CA GLN A 21 5.50 2.72 -7.90
C GLN A 21 6.34 3.73 -7.12
N GLY A 22 6.88 3.26 -6.01
CA GLY A 22 7.71 4.11 -5.17
C GLY A 22 7.95 3.45 -3.81
N TYR A 23 8.46 4.26 -2.87
CA TYR A 23 8.75 3.77 -1.54
C TYR A 23 7.92 4.52 -0.50
N LEU A 24 7.12 3.75 0.24
CA LEU A 24 6.28 4.33 1.28
C LEU A 24 6.74 3.84 2.65
N ALA A 25 6.13 4.40 3.69
CA ALA A 25 6.48 4.03 5.04
C ALA A 25 5.23 3.47 5.74
N LYS A 26 5.28 2.17 5.99
CA LYS A 26 4.17 1.49 6.65
C LYS A 26 4.37 1.56 8.16
N GLN A 27 3.27 1.83 8.85
CA GLN A 27 3.31 1.92 10.31
C GLN A 27 2.98 0.56 10.94
N GLY A 28 3.97 0.03 11.65
CA GLY A 28 3.79 -1.27 12.30
C GLY A 28 2.74 -1.17 13.41
N HIS A 29 3.23 -1.21 14.64
CA HIS A 29 2.34 -1.14 15.79
C HIS A 29 3.07 -0.43 16.95
N LYS A 30 4.11 -1.08 17.43
CA LYS A 30 4.89 -0.52 18.52
C LYS A 30 6.37 -0.87 18.31
N ARG A 31 7.20 -0.29 19.18
CA ARG A 31 8.64 -0.53 19.09
C ARG A 31 9.18 -0.03 17.76
N LYS A 32 9.05 -0.87 16.74
CA LYS A 32 9.52 -0.54 15.42
C LYS A 32 8.65 0.58 14.83
N ASN A 33 9.23 1.77 14.75
CA ASN A 33 8.53 2.92 14.22
C ASN A 33 8.20 2.67 12.75
N TRP A 34 8.02 3.77 12.03
CA TRP A 34 7.71 3.70 10.61
C TRP A 34 8.91 3.09 9.89
N LYS A 35 8.62 2.29 8.88
CA LYS A 35 9.66 1.63 8.10
C LYS A 35 9.42 1.90 6.61
N VAL A 36 10.46 2.37 5.95
CA VAL A 36 10.38 2.67 4.53
C VAL A 36 10.38 1.37 3.74
N ARG A 37 9.29 1.14 3.03
CA ARG A 37 9.15 -0.06 2.23
C ARG A 37 8.82 0.31 0.78
N ARG A 38 9.21 -0.59 -0.13
CA ARG A 38 8.97 -0.37 -1.55
C ARG A 38 7.58 -0.91 -1.93
N PHE A 39 6.65 0.03 -2.10
CA PHE A 39 5.30 -0.34 -2.47
C PHE A 39 5.08 -0.22 -3.98
N VAL A 40 4.42 -1.22 -4.53
CA VAL A 40 4.15 -1.23 -5.96
C VAL A 40 2.63 -1.28 -6.18
N LEU A 41 2.19 -0.49 -7.14
CA LEU A 41 0.76 -0.44 -7.46
C LEU A 41 0.55 -1.01 -8.86
N ARG A 42 -0.14 -2.15 -8.91
CA ARG A 42 -0.43 -2.80 -10.17
C ARG A 42 -1.94 -2.92 -10.38
N LYS A 43 -2.35 -2.82 -11.64
CA LYS A 43 -3.75 -2.92 -11.99
C LYS A 43 -3.97 -4.11 -12.93
N ASP A 44 -5.21 -4.56 -12.98
CA ASP A 44 -5.56 -5.69 -13.83
C ASP A 44 -4.42 -6.72 -13.79
N PRO A 45 -4.41 -7.52 -12.71
CA PRO A 45 -5.43 -7.39 -11.67
C PRO A 45 -5.16 -6.16 -10.79
N ALA A 46 -6.18 -5.77 -10.05
CA ALA A 46 -6.07 -4.62 -9.17
C ALA A 46 -5.55 -5.08 -7.80
N PHE A 47 -4.26 -4.90 -7.62
CA PHE A 47 -3.62 -5.29 -6.36
C PHE A 47 -2.54 -4.29 -5.97
N LEU A 48 -1.99 -4.50 -4.78
CA LEU A 48 -0.94 -3.62 -4.28
C LEU A 48 0.00 -4.44 -3.38
N HIS A 49 1.24 -4.58 -3.84
CA HIS A 49 2.24 -5.32 -3.09
C HIS A 49 3.42 -4.40 -2.76
N TYR A 50 4.17 -4.80 -1.75
CA TYR A 50 5.32 -4.02 -1.33
C TYR A 50 6.50 -4.94 -0.96
N TYR A 51 7.69 -4.49 -1.32
CA TYR A 51 8.89 -5.25 -1.03
C TYR A 51 9.79 -4.52 -0.04
N ASP A 52 10.62 -5.29 0.65
CA ASP A 52 11.52 -4.73 1.63
C ASP A 52 12.89 -4.49 0.98
N PRO A 53 13.41 -3.24 1.18
CA PRO A 53 14.70 -2.88 0.61
C PRO A 53 15.84 -3.51 1.41
N SER A 54 15.67 -3.53 2.71
CA SER A 54 16.68 -4.10 3.60
C SER A 54 16.96 -5.54 3.20
N LYS A 55 15.90 -6.26 2.89
CA LYS A 55 16.01 -7.65 2.49
C LYS A 55 15.82 -7.76 0.97
N GLU A 56 15.74 -9.00 0.50
CA GLU A 56 15.56 -9.26 -0.91
C GLU A 56 14.38 -10.20 -1.13
N GLU A 57 14.70 -11.45 -1.41
CA GLU A 57 13.68 -12.46 -1.64
C GLU A 57 12.95 -12.18 -2.96
N ASN A 58 12.75 -13.24 -3.73
CA ASN A 58 12.08 -13.12 -5.00
C ASN A 58 10.57 -12.97 -4.77
N ARG A 59 10.20 -11.84 -4.20
CA ARG A 59 8.80 -11.56 -3.91
C ARG A 59 8.68 -10.40 -2.92
N PRO A 60 7.42 -9.88 -2.80
CA PRO A 60 7.17 -8.77 -1.89
C PRO A 60 7.16 -9.24 -0.44
N VAL A 61 7.04 -8.27 0.45
CA VAL A 61 7.02 -8.56 1.88
C VAL A 61 5.60 -8.89 2.31
N GLY A 62 4.66 -8.58 1.43
CA GLY A 62 3.26 -8.84 1.71
C GLY A 62 2.40 -8.61 0.46
N GLY A 63 1.39 -7.76 0.62
CA GLY A 63 0.49 -7.44 -0.48
C GLY A 63 -0.96 -7.82 -0.13
N PHE A 64 -1.85 -6.88 -0.35
CA PHE A 64 -3.25 -7.10 -0.07
C PHE A 64 -4.12 -6.63 -1.24
N SER A 65 -5.24 -7.31 -1.42
CA SER A 65 -6.17 -6.99 -2.50
C SER A 65 -6.74 -5.59 -2.27
N LEU A 66 -7.14 -4.97 -3.37
CA LEU A 66 -7.71 -3.63 -3.31
C LEU A 66 -9.21 -3.71 -3.61
N ARG A 67 -9.58 -4.73 -4.37
CA ARG A 67 -10.97 -4.92 -4.73
C ARG A 67 -11.88 -4.60 -3.55
N GLY A 68 -11.59 -5.25 -2.43
CA GLY A 68 -12.38 -5.04 -1.22
C GLY A 68 -11.58 -4.24 -0.18
N SER A 69 -10.94 -3.19 -0.66
CA SER A 69 -10.13 -2.34 0.21
C SER A 69 -10.68 -0.91 0.17
N LEU A 70 -9.99 -0.04 0.90
CA LEU A 70 -10.38 1.35 0.96
C LEU A 70 -9.15 2.22 1.30
N VAL A 71 -9.19 3.45 0.82
CA VAL A 71 -8.10 4.37 1.06
C VAL A 71 -8.66 5.72 1.51
N SER A 72 -7.97 6.35 2.45
CA SER A 72 -8.40 7.63 2.97
C SER A 72 -7.17 8.43 3.44
N ALA A 73 -7.37 9.74 3.54
CA ALA A 73 -6.30 10.62 3.98
C ALA A 73 -6.48 10.92 5.47
N LEU A 74 -5.38 11.31 6.09
CA LEU A 74 -5.39 11.64 7.51
C LEU A 74 -5.39 13.15 7.68
N GLU A 75 -6.59 13.71 7.81
CA GLU A 75 -6.74 15.14 7.99
C GLU A 75 -7.49 15.44 9.29
N ASP A 76 -7.44 16.71 9.67
CA ASP A 76 -8.12 17.14 10.88
C ASP A 76 -7.37 16.57 12.10
N ASN A 77 -7.23 17.42 13.12
CA ASN A 77 -6.55 17.01 14.34
C ASN A 77 -5.10 16.64 14.00
N GLY A 78 -4.18 17.38 14.60
CA GLY A 78 -2.77 17.13 14.38
C GLY A 78 -2.46 15.64 14.35
N VAL A 79 -2.56 15.02 15.52
CA VAL A 79 -2.31 13.60 15.63
C VAL A 79 -3.35 12.83 14.82
N PRO A 80 -2.85 11.83 14.03
CA PRO A 80 -3.73 11.02 13.21
C PRO A 80 -4.49 10.00 14.06
N THR A 81 -5.80 9.99 13.87
CA THR A 81 -6.65 9.08 14.62
C THR A 81 -6.23 9.03 16.08
N GLY A 82 -5.53 7.96 16.43
CA GLY A 82 -5.07 7.77 17.79
C GLY A 82 -3.57 7.46 17.82
N VAL A 83 -2.91 7.78 16.72
CA VAL A 83 -1.48 7.54 16.61
C VAL A 83 -0.75 8.28 17.74
N LYS A 84 0.25 7.60 18.28
CA LYS A 84 1.02 8.17 19.37
C LYS A 84 1.51 9.57 18.97
N GLY A 85 2.74 9.62 18.48
CA GLY A 85 3.32 10.87 18.05
C GLY A 85 2.91 11.22 16.62
N ASN A 86 2.21 12.35 16.49
CA ASN A 86 1.74 12.80 15.19
C ASN A 86 2.84 12.55 14.16
N VAL A 87 2.41 12.35 12.92
CA VAL A 87 3.34 12.11 11.83
C VAL A 87 3.55 13.40 11.04
N GLN A 88 3.60 13.27 9.73
CA GLN A 88 3.80 14.41 8.86
C GLN A 88 2.52 15.25 8.80
N GLY A 89 1.58 14.79 8.00
CA GLY A 89 0.32 15.48 7.84
C GLY A 89 -0.50 14.90 6.68
N ASN A 90 0.01 15.14 5.48
CA ASN A 90 -0.65 14.65 4.28
C ASN A 90 -0.42 13.14 4.15
N LEU A 91 -0.91 12.42 5.15
CA LEU A 91 -0.77 10.97 5.17
C LEU A 91 -2.08 10.34 4.70
N PHE A 92 -2.12 9.01 4.77
CA PHE A 92 -3.29 8.27 4.36
C PHE A 92 -3.26 6.83 4.91
N LYS A 93 -4.45 6.27 5.03
CA LYS A 93 -4.57 4.90 5.55
C LYS A 93 -5.28 4.04 4.51
N VAL A 94 -5.19 2.73 4.71
CA VAL A 94 -5.82 1.78 3.81
C VAL A 94 -6.71 0.83 4.61
N ILE A 95 -8.01 1.10 4.54
CA ILE A 95 -8.98 0.29 5.26
C ILE A 95 -9.41 -0.88 4.36
N THR A 96 -9.09 -2.08 4.82
CA THR A 96 -9.42 -3.28 4.08
C THR A 96 -10.82 -3.78 4.46
N LYS A 97 -11.15 -4.96 3.99
CA LYS A 97 -12.45 -5.55 4.27
C LYS A 97 -12.50 -5.97 5.74
N ASP A 98 -11.32 -6.01 6.35
CA ASP A 98 -11.22 -6.39 7.75
C ASP A 98 -11.15 -5.13 8.62
N ASP A 99 -11.53 -4.02 8.01
CA ASP A 99 -11.53 -2.75 8.71
C ASP A 99 -10.23 -2.62 9.52
N THR A 100 -9.18 -3.22 8.99
CA THR A 100 -7.89 -3.20 9.65
C THR A 100 -7.37 -1.76 9.74
N HIS A 101 -7.28 -1.13 8.58
CA HIS A 101 -6.81 0.25 8.51
C HIS A 101 -5.28 0.26 8.60
N TYR A 102 -4.66 0.29 7.43
CA TYR A 102 -3.21 0.32 7.35
C TYR A 102 -2.69 1.73 7.05
N TYR A 103 -2.06 2.32 8.06
CA TYR A 103 -1.52 3.65 7.92
C TYR A 103 -0.20 3.64 7.14
N ILE A 104 -0.13 4.49 6.13
CA ILE A 104 1.05 4.59 5.31
C ILE A 104 1.38 6.05 5.05
N GLN A 105 2.58 6.29 4.54
CA GLN A 105 3.02 7.63 4.24
C GLN A 105 3.55 7.72 2.81
N ALA A 106 3.43 8.90 2.22
CA ALA A 106 3.89 9.12 0.87
C ALA A 106 5.17 9.96 0.90
N SER A 107 5.88 9.95 -0.22
CA SER A 107 7.11 10.70 -0.34
C SER A 107 6.82 12.20 -0.26
N SER A 108 5.78 12.60 -0.98
CA SER A 108 5.39 14.00 -1.00
C SER A 108 3.86 14.12 -0.92
N LYS A 109 3.40 15.34 -0.73
CA LYS A 109 1.98 15.60 -0.64
C LYS A 109 1.28 15.04 -1.89
N ALA A 110 1.95 15.20 -3.01
CA ALA A 110 1.41 14.72 -4.28
C ALA A 110 1.45 13.19 -4.29
N GLU A 111 2.64 12.66 -4.02
CA GLU A 111 2.82 11.22 -3.99
C GLU A 111 1.64 10.53 -3.31
N ARG A 112 1.15 11.19 -2.26
CA ARG A 112 0.03 10.65 -1.51
C ARG A 112 -1.22 10.60 -2.39
N ALA A 113 -1.72 11.79 -2.70
CA ALA A 113 -2.92 11.90 -3.54
C ALA A 113 -2.86 10.84 -4.64
N GLU A 114 -1.69 10.74 -5.25
CA GLU A 114 -1.49 9.78 -6.33
C GLU A 114 -1.69 8.35 -5.80
N TRP A 115 -0.90 8.01 -4.79
CA TRP A 115 -0.98 6.69 -4.20
C TRP A 115 -2.43 6.45 -3.78
N ILE A 116 -3.09 7.52 -3.38
CA ILE A 116 -4.48 7.44 -2.96
C ILE A 116 -5.37 7.26 -4.19
N GLU A 117 -5.57 8.36 -4.90
CA GLU A 117 -6.40 8.33 -6.09
C GLU A 117 -6.23 7.00 -6.83
N ALA A 118 -4.99 6.55 -6.91
CA ALA A 118 -4.69 5.29 -7.57
C ALA A 118 -5.51 4.18 -6.93
N ILE A 119 -5.18 3.90 -5.67
CA ILE A 119 -5.87 2.85 -4.94
C ILE A 119 -7.38 2.92 -5.25
N LYS A 120 -7.96 4.06 -4.95
CA LYS A 120 -9.38 4.26 -5.19
C LYS A 120 -9.76 3.63 -6.53
N LYS A 121 -8.99 3.98 -7.56
CA LYS A 121 -9.23 3.46 -8.89
C LYS A 121 -9.46 1.95 -8.80
N LEU A 122 -8.44 1.25 -8.30
CA LEU A 122 -8.52 -0.19 -8.16
C LEU A 122 -9.85 -0.56 -7.49
N THR A 123 -10.06 0.00 -6.30
CA THR A 123 -11.27 -0.27 -5.55
C THR A 123 -12.48 0.34 -6.27
N SER A 124 -13.00 -0.40 -7.24
CA SER A 124 -14.15 0.06 -8.00
C SER A 124 -15.16 0.72 -7.06
N GLY A 125 -15.70 1.83 -7.53
CA GLY A 125 -16.68 2.57 -6.75
C GLY A 125 -17.06 3.89 -7.45
N PRO A 126 -17.39 4.91 -6.61
CA PRO A 126 -17.78 6.20 -7.14
C PRO A 126 -16.56 6.98 -7.65
N SER A 127 -16.44 7.02 -8.96
CA SER A 127 -15.33 7.72 -9.59
C SER A 127 -15.82 9.02 -10.22
N SER A 128 -14.89 9.97 -10.33
CA SER A 128 -15.22 11.26 -10.93
C SER A 128 -14.15 11.65 -11.95
N GLY A 129 -14.63 12.00 -13.14
CA GLY A 129 -13.73 12.40 -14.21
C GLY A 129 -13.87 13.89 -14.52
N GLY A 1 15.52 -19.54 -13.52
CA GLY A 1 14.26 -20.27 -13.56
C GLY A 1 13.64 -20.37 -12.16
N SER A 2 13.31 -19.22 -11.62
CA SER A 2 12.71 -19.17 -10.29
C SER A 2 13.54 -20.01 -9.32
N SER A 3 14.65 -19.43 -8.89
CA SER A 3 15.53 -20.12 -7.95
C SER A 3 14.78 -20.45 -6.66
N GLY A 4 15.04 -21.64 -6.16
CA GLY A 4 14.40 -22.09 -4.94
C GLY A 4 12.90 -22.32 -5.15
N SER A 5 12.60 -23.30 -5.99
CA SER A 5 11.22 -23.62 -6.29
C SER A 5 11.09 -25.09 -6.68
N SER A 6 9.85 -25.56 -6.72
CA SER A 6 9.59 -26.95 -7.09
C SER A 6 8.71 -27.00 -8.33
N GLY A 7 9.37 -27.13 -9.47
CA GLY A 7 8.67 -27.21 -10.75
C GLY A 7 8.55 -25.81 -11.38
N SER A 8 7.31 -25.36 -11.50
CA SER A 8 7.04 -24.05 -12.09
C SER A 8 5.86 -23.39 -11.39
N LEU A 9 5.70 -22.11 -11.66
CA LEU A 9 4.61 -21.35 -11.05
C LEU A 9 4.47 -20.01 -11.78
N SER A 10 3.22 -19.66 -12.07
CA SER A 10 2.94 -18.40 -12.76
C SER A 10 2.51 -17.34 -11.74
N THR A 11 2.49 -16.10 -12.22
CA THR A 11 2.10 -15.00 -11.37
C THR A 11 0.74 -14.45 -11.80
N VAL A 12 0.05 -13.83 -10.84
CA VAL A 12 -1.26 -13.26 -11.11
C VAL A 12 -1.38 -11.91 -10.39
N GLU A 13 -1.31 -11.97 -9.07
CA GLU A 13 -1.41 -10.78 -8.26
C GLU A 13 -0.33 -9.77 -8.66
N LEU A 14 0.89 -10.27 -8.75
CA LEU A 14 2.02 -9.43 -9.13
C LEU A 14 2.07 -9.30 -10.65
N SER A 15 1.07 -9.89 -11.30
CA SER A 15 0.99 -9.84 -12.74
C SER A 15 -0.08 -8.84 -13.18
N GLY A 16 0.21 -7.57 -12.95
CA GLY A 16 -0.71 -6.51 -13.30
C GLY A 16 0.03 -5.29 -13.86
N THR A 17 -0.69 -4.48 -14.61
CA THR A 17 -0.12 -3.29 -15.21
C THR A 17 0.21 -2.27 -14.12
N VAL A 18 1.50 -2.00 -13.98
CA VAL A 18 1.97 -1.04 -12.99
C VAL A 18 1.21 0.28 -13.17
N VAL A 19 0.58 0.72 -12.08
CA VAL A 19 -0.17 1.96 -12.11
C VAL A 19 0.55 3.01 -11.27
N LYS A 20 1.24 2.52 -10.25
CA LYS A 20 1.98 3.41 -9.36
C LYS A 20 3.14 2.63 -8.72
N GLN A 21 4.25 3.33 -8.55
CA GLN A 21 5.43 2.72 -7.95
C GLN A 21 6.20 3.75 -7.14
N GLY A 22 6.86 3.26 -6.09
CA GLY A 22 7.64 4.13 -5.22
C GLY A 22 7.90 3.47 -3.88
N TYR A 23 8.50 4.24 -2.97
CA TYR A 23 8.80 3.73 -1.64
C TYR A 23 7.97 4.45 -0.58
N LEU A 24 7.19 3.66 0.14
CA LEU A 24 6.34 4.20 1.19
C LEU A 24 6.80 3.67 2.54
N ALA A 25 6.28 4.28 3.59
CA ALA A 25 6.63 3.88 4.95
C ALA A 25 5.40 3.29 5.63
N LYS A 26 5.41 1.97 5.76
CA LYS A 26 4.30 1.28 6.40
C LYS A 26 4.51 1.27 7.91
N GLN A 27 3.46 1.65 8.63
CA GLN A 27 3.51 1.69 10.08
C GLN A 27 2.97 0.39 10.67
N GLY A 28 3.87 -0.34 11.32
CA GLY A 28 3.48 -1.61 11.93
C GLY A 28 3.52 -1.50 13.46
N HIS A 29 3.88 -2.62 14.09
CA HIS A 29 3.95 -2.67 15.53
C HIS A 29 5.32 -3.21 15.97
N LYS A 30 5.86 -2.61 17.01
CA LYS A 30 7.15 -3.03 17.53
C LYS A 30 8.20 -2.87 16.43
N ARG A 31 9.44 -3.14 16.81
CA ARG A 31 10.55 -3.04 15.87
C ARG A 31 10.80 -1.58 15.50
N LYS A 32 9.87 -1.03 14.73
CA LYS A 32 9.98 0.35 14.30
C LYS A 32 8.58 0.92 14.06
N ASN A 33 8.43 2.20 14.36
CA ASN A 33 7.16 2.86 14.17
C ASN A 33 6.85 2.96 12.67
N TRP A 34 7.83 3.44 11.93
CA TRP A 34 7.67 3.59 10.49
C TRP A 34 8.95 3.08 9.83
N LYS A 35 8.75 2.22 8.83
CA LYS A 35 9.88 1.65 8.12
C LYS A 35 9.64 1.80 6.61
N VAL A 36 10.58 2.46 5.95
CA VAL A 36 10.49 2.68 4.52
C VAL A 36 10.46 1.33 3.81
N ARG A 37 9.57 1.23 2.82
CA ARG A 37 9.43 0.00 2.06
C ARG A 37 9.05 0.33 0.61
N ARG A 38 9.53 -0.52 -0.29
CA ARG A 38 9.25 -0.34 -1.71
C ARG A 38 7.85 -0.87 -2.05
N PHE A 39 6.93 0.05 -2.21
CA PHE A 39 5.56 -0.31 -2.54
C PHE A 39 5.31 -0.20 -4.03
N VAL A 40 4.72 -1.25 -4.58
CA VAL A 40 4.41 -1.29 -6.01
C VAL A 40 2.90 -1.37 -6.20
N LEU A 41 2.43 -0.69 -7.23
CA LEU A 41 1.01 -0.68 -7.54
C LEU A 41 0.78 -1.31 -8.92
N ARG A 42 -0.34 -2.01 -9.03
CA ARG A 42 -0.68 -2.66 -10.29
C ARG A 42 -2.18 -2.53 -10.56
N LYS A 43 -2.54 -2.79 -11.81
CA LYS A 43 -3.94 -2.71 -12.22
C LYS A 43 -4.25 -3.85 -13.18
N ASP A 44 -5.46 -4.37 -13.05
CA ASP A 44 -5.91 -5.46 -13.90
C ASP A 44 -4.78 -6.49 -14.02
N PRO A 45 -4.65 -7.33 -12.97
CA PRO A 45 -5.54 -7.24 -11.82
C PRO A 45 -5.17 -6.03 -10.95
N ALA A 46 -6.05 -5.74 -10.00
CA ALA A 46 -5.83 -4.62 -9.10
C ALA A 46 -5.24 -5.14 -7.79
N PHE A 47 -3.96 -4.83 -7.60
CA PHE A 47 -3.27 -5.26 -6.39
C PHE A 47 -2.17 -4.26 -6.02
N LEU A 48 -1.64 -4.43 -4.81
CA LEU A 48 -0.59 -3.57 -4.32
C LEU A 48 0.31 -4.35 -3.36
N HIS A 49 1.55 -4.54 -3.80
CA HIS A 49 2.53 -5.27 -3.00
C HIS A 49 3.72 -4.38 -2.71
N TYR A 50 4.45 -4.75 -1.67
CA TYR A 50 5.63 -3.99 -1.27
C TYR A 50 6.75 -4.91 -0.79
N TYR A 51 7.98 -4.54 -1.13
CA TYR A 51 9.14 -5.33 -0.74
C TYR A 51 10.06 -4.52 0.17
N ASP A 52 10.85 -5.25 0.95
CA ASP A 52 11.78 -4.62 1.87
C ASP A 52 13.08 -4.32 1.13
N PRO A 53 13.47 -3.02 1.15
CA PRO A 53 14.69 -2.59 0.49
C PRO A 53 15.92 -2.99 1.29
N SER A 54 15.67 -3.65 2.41
CA SER A 54 16.74 -4.09 3.28
C SER A 54 16.96 -5.60 3.11
N LYS A 55 15.87 -6.34 3.22
CA LYS A 55 15.93 -7.78 3.08
C LYS A 55 16.24 -8.14 1.62
N GLU A 56 16.34 -9.44 1.36
CA GLU A 56 16.63 -9.92 0.03
C GLU A 56 15.95 -11.27 -0.21
N GLU A 57 14.84 -11.22 -0.94
CA GLU A 57 14.10 -12.42 -1.25
C GLU A 57 13.32 -12.25 -2.55
N ASN A 58 13.03 -13.38 -3.19
CA ASN A 58 12.29 -13.36 -4.44
C ASN A 58 10.79 -13.36 -4.15
N ARG A 59 10.34 -12.27 -3.54
CA ARG A 59 8.93 -12.14 -3.21
C ARG A 59 8.70 -10.88 -2.35
N PRO A 60 7.43 -10.43 -2.31
CA PRO A 60 7.08 -9.25 -1.55
C PRO A 60 7.04 -9.56 -0.05
N VAL A 61 6.98 -8.50 0.74
CA VAL A 61 6.94 -8.65 2.19
C VAL A 61 5.49 -8.89 2.62
N GLY A 62 4.56 -8.30 1.86
CA GLY A 62 3.15 -8.45 2.16
C GLY A 62 2.30 -8.24 0.90
N GLY A 63 1.48 -7.20 0.96
CA GLY A 63 0.61 -6.89 -0.17
C GLY A 63 -0.82 -7.38 0.09
N PHE A 64 -1.76 -6.47 -0.11
CA PHE A 64 -3.16 -6.80 0.10
C PHE A 64 -3.97 -6.55 -1.18
N SER A 65 -5.03 -7.34 -1.34
CA SER A 65 -5.89 -7.22 -2.50
C SER A 65 -6.77 -5.98 -2.37
N LEU A 66 -6.80 -5.19 -3.43
CA LEU A 66 -7.60 -3.98 -3.45
C LEU A 66 -9.08 -4.35 -3.50
N ARG A 67 -9.39 -5.30 -4.37
CA ARG A 67 -10.76 -5.75 -4.54
C ARG A 67 -11.45 -5.85 -3.18
N GLY A 68 -12.17 -4.79 -2.84
CA GLY A 68 -12.88 -4.74 -1.57
C GLY A 68 -12.07 -4.01 -0.51
N SER A 69 -11.39 -2.95 -0.95
CA SER A 69 -10.58 -2.16 -0.05
C SER A 69 -11.03 -0.69 -0.09
N LEU A 70 -10.34 0.12 0.69
CA LEU A 70 -10.65 1.54 0.76
C LEU A 70 -9.42 2.32 1.20
N VAL A 71 -9.40 3.60 0.87
CA VAL A 71 -8.30 4.46 1.22
C VAL A 71 -8.83 5.84 1.61
N SER A 72 -8.20 6.43 2.62
CA SER A 72 -8.60 7.74 3.08
C SER A 72 -7.39 8.49 3.64
N ALA A 73 -7.56 9.79 3.78
CA ALA A 73 -6.49 10.63 4.29
C ALA A 73 -6.69 10.84 5.80
N LEU A 74 -5.58 11.10 6.48
CA LEU A 74 -5.62 11.32 7.92
C LEU A 74 -5.64 12.82 8.19
N GLU A 75 -5.80 13.15 9.47
CA GLU A 75 -5.84 14.54 9.88
C GLU A 75 -4.46 15.18 9.74
N ASP A 76 -4.45 16.43 9.29
CA ASP A 76 -3.21 17.16 9.11
C ASP A 76 -3.10 18.25 10.18
N ASN A 77 -2.58 17.85 11.34
CA ASN A 77 -2.42 18.77 12.44
C ASN A 77 -1.84 18.03 13.65
N GLY A 78 -0.52 17.93 13.65
CA GLY A 78 0.18 17.24 14.72
C GLY A 78 -0.49 15.90 15.04
N VAL A 79 0.02 14.86 14.42
CA VAL A 79 -0.51 13.52 14.62
C VAL A 79 -1.97 13.49 14.17
N PRO A 80 -2.34 12.37 13.50
CA PRO A 80 -3.70 12.20 13.01
C PRO A 80 -4.65 11.86 14.16
N THR A 81 -4.64 10.59 14.56
CA THR A 81 -5.49 10.14 15.64
C THR A 81 -4.65 9.50 16.74
N GLY A 82 -5.00 8.26 17.07
CA GLY A 82 -4.29 7.53 18.10
C GLY A 82 -3.09 6.78 17.52
N VAL A 83 -2.41 7.44 16.59
CA VAL A 83 -1.25 6.86 15.95
C VAL A 83 -0.01 7.17 16.79
N LYS A 84 0.40 6.19 17.57
CA LYS A 84 1.58 6.35 18.42
C LYS A 84 2.70 7.00 17.62
N GLY A 85 3.36 7.95 18.26
CA GLY A 85 4.46 8.66 17.62
C GLY A 85 4.08 10.13 17.36
N ASN A 86 4.24 10.51 16.10
CA ASN A 86 3.91 11.88 15.69
C ASN A 86 3.56 11.89 14.21
N VAL A 87 4.38 11.20 13.43
CA VAL A 87 4.17 11.13 12.00
C VAL A 87 3.96 12.54 11.44
N GLN A 88 3.86 12.62 10.12
CA GLN A 88 3.66 13.90 9.46
C GLN A 88 2.22 14.36 9.62
N GLY A 89 1.83 15.30 8.76
CA GLY A 89 0.48 15.83 8.80
C GLY A 89 -0.13 15.88 7.40
N ASN A 90 0.00 14.76 6.70
CA ASN A 90 -0.53 14.65 5.36
C ASN A 90 -0.37 13.22 4.86
N LEU A 91 -0.75 12.28 5.71
CA LEU A 91 -0.64 10.87 5.36
C LEU A 91 -2.04 10.31 5.07
N PHE A 92 -2.09 9.01 4.85
CA PHE A 92 -3.35 8.35 4.55
C PHE A 92 -3.36 6.93 5.12
N LYS A 93 -4.50 6.27 4.93
CA LYS A 93 -4.65 4.90 5.41
C LYS A 93 -5.50 4.11 4.42
N VAL A 94 -5.45 2.79 4.55
CA VAL A 94 -6.20 1.91 3.68
C VAL A 94 -7.13 1.05 4.51
N ILE A 95 -8.43 1.21 4.27
CA ILE A 95 -9.43 0.44 4.98
C ILE A 95 -9.90 -0.72 4.11
N THR A 96 -9.36 -1.89 4.42
CA THR A 96 -9.72 -3.10 3.68
C THR A 96 -11.13 -3.55 4.05
N LYS A 97 -11.46 -4.76 3.61
CA LYS A 97 -12.77 -5.33 3.88
C LYS A 97 -12.84 -5.76 5.35
N ASP A 98 -11.68 -5.75 6.00
CA ASP A 98 -11.59 -6.13 7.38
C ASP A 98 -11.51 -4.88 8.26
N ASP A 99 -11.82 -3.75 7.64
CA ASP A 99 -11.79 -2.48 8.35
C ASP A 99 -10.54 -2.42 9.22
N THR A 100 -9.43 -2.86 8.65
CA THR A 100 -8.16 -2.86 9.36
C THR A 100 -7.61 -1.44 9.48
N HIS A 101 -7.54 -0.77 8.33
CA HIS A 101 -7.04 0.60 8.30
C HIS A 101 -5.51 0.58 8.36
N TYR A 102 -4.90 0.40 7.19
CA TYR A 102 -3.46 0.37 7.09
C TYR A 102 -2.88 1.77 6.84
N TYR A 103 -2.18 2.26 7.85
CA TYR A 103 -1.58 3.59 7.76
C TYR A 103 -0.29 3.55 6.93
N ILE A 104 -0.31 4.30 5.83
CA ILE A 104 0.84 4.35 4.95
C ILE A 104 1.26 5.81 4.75
N GLN A 105 2.49 5.99 4.29
CA GLN A 105 3.02 7.32 4.07
C GLN A 105 3.40 7.50 2.60
N ALA A 106 3.39 8.75 2.16
CA ALA A 106 3.73 9.06 0.79
C ALA A 106 5.07 9.81 0.75
N SER A 107 5.75 9.69 -0.38
CA SER A 107 7.03 10.35 -0.56
C SER A 107 6.85 11.87 -0.58
N SER A 108 5.94 12.30 -1.45
CA SER A 108 5.66 13.72 -1.59
C SER A 108 4.15 13.96 -1.54
N LYS A 109 3.79 15.22 -1.42
CA LYS A 109 2.39 15.61 -1.37
C LYS A 109 1.63 14.91 -2.50
N ALA A 110 2.12 15.12 -3.71
CA ALA A 110 1.50 14.51 -4.88
C ALA A 110 1.42 13.01 -4.69
N GLU A 111 2.57 12.41 -4.41
CA GLU A 111 2.65 10.97 -4.21
C GLU A 111 1.48 10.50 -3.33
N ARG A 112 1.15 11.33 -2.34
CA ARG A 112 0.07 11.02 -1.43
C ARG A 112 -1.23 10.77 -2.21
N ALA A 113 -1.78 11.85 -2.71
CA ALA A 113 -3.02 11.77 -3.48
C ALA A 113 -2.90 10.67 -4.52
N GLU A 114 -1.79 10.71 -5.26
CA GLU A 114 -1.53 9.72 -6.29
C GLU A 114 -1.80 8.31 -5.75
N TRP A 115 -0.95 7.91 -4.82
CA TRP A 115 -1.08 6.59 -4.22
C TRP A 115 -2.53 6.40 -3.80
N ILE A 116 -3.07 7.43 -3.16
CA ILE A 116 -4.45 7.40 -2.69
C ILE A 116 -5.38 7.13 -3.88
N GLU A 117 -5.61 8.19 -4.65
CA GLU A 117 -6.47 8.08 -5.82
C GLU A 117 -6.25 6.75 -6.53
N ALA A 118 -4.99 6.42 -6.70
CA ALA A 118 -4.62 5.18 -7.36
C ALA A 118 -5.42 4.02 -6.75
N ILE A 119 -5.31 3.91 -5.44
CA ILE A 119 -6.02 2.86 -4.72
C ILE A 119 -7.51 2.92 -5.07
N LYS A 120 -8.09 4.09 -4.87
CA LYS A 120 -9.49 4.30 -5.17
C LYS A 120 -9.79 3.83 -6.59
N LYS A 121 -8.99 4.32 -7.52
CA LYS A 121 -9.14 3.96 -8.92
C LYS A 121 -9.47 2.46 -9.02
N LEU A 122 -8.54 1.65 -8.53
CA LEU A 122 -8.72 0.22 -8.56
C LEU A 122 -10.08 -0.14 -7.95
N THR A 123 -10.27 0.32 -6.72
CA THR A 123 -11.52 0.06 -6.02
C THR A 123 -12.68 0.78 -6.69
N SER A 124 -13.10 0.23 -7.83
CA SER A 124 -14.20 0.81 -8.58
C SER A 124 -14.48 -0.04 -9.83
N GLY A 125 -13.45 -0.16 -10.66
CA GLY A 125 -13.57 -0.93 -11.89
C GLY A 125 -14.34 -0.15 -12.95
N PRO A 126 -13.63 0.87 -13.53
CA PRO A 126 -14.23 1.70 -14.56
C PRO A 126 -14.30 0.95 -15.90
N SER A 127 -13.14 0.50 -16.34
CA SER A 127 -13.05 -0.23 -17.59
C SER A 127 -11.88 -1.21 -17.55
N SER A 128 -12.02 -2.28 -18.33
CA SER A 128 -10.98 -3.30 -18.39
C SER A 128 -10.63 -3.77 -16.98
N GLY A 129 -11.32 -4.81 -16.54
CA GLY A 129 -11.09 -5.37 -15.22
C GLY A 129 -11.54 -6.83 -15.16
N GLY A 1 -18.25 -20.30 -10.98
CA GLY A 1 -17.07 -20.01 -10.18
C GLY A 1 -16.76 -21.17 -9.22
N SER A 2 -16.42 -20.81 -8.00
CA SER A 2 -16.10 -21.81 -6.99
C SER A 2 -14.94 -22.68 -7.45
N SER A 3 -13.76 -22.33 -6.99
CA SER A 3 -12.56 -23.08 -7.35
C SER A 3 -11.43 -22.76 -6.36
N GLY A 4 -10.37 -23.54 -6.47
CA GLY A 4 -9.22 -23.35 -5.60
C GLY A 4 -8.04 -24.24 -6.04
N SER A 5 -7.08 -23.61 -6.69
CA SER A 5 -5.91 -24.33 -7.17
C SER A 5 -4.66 -23.45 -7.02
N SER A 6 -3.51 -24.09 -7.13
CA SER A 6 -2.25 -23.40 -7.00
C SER A 6 -1.34 -23.73 -8.19
N GLY A 7 -0.63 -22.72 -8.65
CA GLY A 7 0.28 -22.89 -9.78
C GLY A 7 1.74 -22.89 -9.32
N SER A 8 2.62 -22.58 -10.25
CA SER A 8 4.04 -22.53 -9.96
C SER A 8 4.66 -21.27 -10.55
N LEU A 9 4.50 -21.12 -11.86
CA LEU A 9 5.03 -19.97 -12.56
C LEU A 9 3.90 -19.25 -13.29
N SER A 10 2.89 -18.86 -12.54
CA SER A 10 1.74 -18.17 -13.10
C SER A 10 1.25 -17.10 -12.13
N THR A 11 1.74 -15.88 -12.35
CA THR A 11 1.37 -14.77 -11.50
C THR A 11 -0.02 -14.25 -11.90
N VAL A 12 -0.62 -13.51 -10.98
CA VAL A 12 -1.94 -12.96 -11.21
C VAL A 12 -2.05 -11.60 -10.51
N GLU A 13 -1.99 -11.64 -9.20
CA GLU A 13 -2.09 -10.43 -8.40
C GLU A 13 -0.99 -9.44 -8.80
N LEU A 14 0.22 -9.97 -8.92
CA LEU A 14 1.36 -9.15 -9.29
C LEU A 14 1.39 -9.00 -10.81
N SER A 15 0.57 -9.80 -11.48
CA SER A 15 0.49 -9.77 -12.92
C SER A 15 -0.48 -8.67 -13.37
N GLY A 16 -0.27 -7.49 -12.81
CA GLY A 16 -1.12 -6.34 -13.14
C GLY A 16 -0.29 -5.19 -13.70
N THR A 17 -0.95 -4.35 -14.46
CA THR A 17 -0.28 -3.20 -15.06
C THR A 17 0.09 -2.18 -13.98
N VAL A 18 1.37 -1.85 -13.95
CA VAL A 18 1.88 -0.89 -12.98
C VAL A 18 1.18 0.46 -13.19
N VAL A 19 0.53 0.92 -12.13
CA VAL A 19 -0.18 2.18 -12.18
C VAL A 19 0.55 3.21 -11.31
N LYS A 20 1.17 2.71 -10.25
CA LYS A 20 1.90 3.56 -9.33
C LYS A 20 3.04 2.76 -8.70
N GLN A 21 4.17 3.42 -8.54
CA GLN A 21 5.34 2.78 -7.95
C GLN A 21 6.13 3.81 -7.13
N GLY A 22 6.82 3.29 -6.11
CA GLY A 22 7.61 4.13 -5.25
C GLY A 22 7.83 3.48 -3.88
N TYR A 23 8.36 4.27 -2.95
CA TYR A 23 8.62 3.77 -1.62
C TYR A 23 7.70 4.45 -0.60
N LEU A 24 7.13 3.63 0.28
CA LEU A 24 6.23 4.13 1.30
C LEU A 24 6.59 3.49 2.64
N ALA A 25 6.02 4.05 3.70
CA ALA A 25 6.26 3.55 5.04
C ALA A 25 5.00 2.86 5.56
N LYS A 26 5.21 1.72 6.21
CA LYS A 26 4.10 0.97 6.77
C LYS A 26 4.10 1.10 8.28
N GLN A 27 3.15 1.87 8.78
CA GLN A 27 3.03 2.09 10.21
C GLN A 27 2.88 0.75 10.95
N GLY A 28 3.85 0.48 11.80
CA GLY A 28 3.84 -0.76 12.58
C GLY A 28 4.40 -0.53 13.98
N HIS A 29 5.72 -0.38 14.04
CA HIS A 29 6.38 -0.17 15.31
C HIS A 29 7.88 -0.01 15.08
N LYS A 30 8.46 0.94 15.80
CA LYS A 30 9.88 1.20 15.68
C LYS A 30 10.27 2.34 16.63
N ARG A 31 11.56 2.63 16.66
CA ARG A 31 12.07 3.70 17.51
C ARG A 31 11.09 4.89 17.51
N LYS A 32 11.15 5.65 16.44
CA LYS A 32 10.28 6.81 16.31
C LYS A 32 9.21 6.53 15.25
N ASN A 33 9.48 6.98 14.04
CA ASN A 33 8.56 6.78 12.94
C ASN A 33 8.58 5.32 12.51
N TRP A 34 7.85 5.03 11.45
CA TRP A 34 7.78 3.67 10.93
C TRP A 34 8.98 3.46 10.01
N LYS A 35 8.95 2.34 9.29
CA LYS A 35 10.02 2.01 8.37
C LYS A 35 9.56 2.28 6.94
N VAL A 36 10.54 2.38 6.05
CA VAL A 36 10.25 2.64 4.64
C VAL A 36 10.32 1.33 3.86
N ARG A 37 9.44 1.19 2.90
CA ARG A 37 9.40 0.00 2.07
C ARG A 37 9.02 0.35 0.63
N ARG A 38 9.43 -0.50 -0.29
CA ARG A 38 9.16 -0.29 -1.69
C ARG A 38 7.76 -0.82 -2.05
N PHE A 39 6.83 0.10 -2.22
CA PHE A 39 5.47 -0.25 -2.55
C PHE A 39 5.23 -0.16 -4.06
N VAL A 40 4.54 -1.16 -4.59
CA VAL A 40 4.24 -1.20 -6.01
C VAL A 40 2.73 -1.27 -6.19
N LEU A 41 2.26 -0.52 -7.19
CA LEU A 41 0.83 -0.49 -7.49
C LEU A 41 0.59 -1.11 -8.87
N ARG A 42 -0.42 -1.95 -8.93
CA ARG A 42 -0.77 -2.61 -10.18
C ARG A 42 -2.27 -2.51 -10.43
N LYS A 43 -2.65 -2.73 -11.69
CA LYS A 43 -4.05 -2.66 -12.08
C LYS A 43 -4.36 -3.84 -13.01
N ASP A 44 -5.55 -4.39 -12.82
CA ASP A 44 -5.99 -5.52 -13.63
C ASP A 44 -4.89 -6.58 -13.66
N PRO A 45 -4.83 -7.38 -12.57
CA PRO A 45 -5.76 -7.21 -11.47
C PRO A 45 -5.40 -5.98 -10.63
N ALA A 46 -6.27 -5.68 -9.67
CA ALA A 46 -6.05 -4.54 -8.80
C ALA A 46 -5.48 -5.03 -7.47
N PHE A 47 -4.19 -4.76 -7.29
CA PHE A 47 -3.50 -5.16 -6.08
C PHE A 47 -2.36 -4.21 -5.75
N LEU A 48 -1.83 -4.35 -4.55
CA LEU A 48 -0.73 -3.52 -4.11
C LEU A 48 0.23 -4.35 -3.25
N HIS A 49 1.43 -4.52 -3.76
CA HIS A 49 2.45 -5.29 -3.05
C HIS A 49 3.63 -4.39 -2.69
N TYR A 50 4.45 -4.88 -1.77
CA TYR A 50 5.61 -4.12 -1.34
C TYR A 50 6.76 -5.05 -0.96
N TYR A 51 7.97 -4.60 -1.26
CA TYR A 51 9.15 -5.38 -0.95
C TYR A 51 10.07 -4.64 0.03
N ASP A 52 10.87 -5.42 0.75
CA ASP A 52 11.79 -4.84 1.71
C ASP A 52 13.06 -4.40 1.00
N PRO A 53 13.36 -3.07 1.11
CA PRO A 53 14.54 -2.51 0.49
C PRO A 53 15.80 -2.90 1.26
N SER A 54 15.59 -3.56 2.39
CA SER A 54 16.71 -3.98 3.23
C SER A 54 17.06 -5.44 2.92
N LYS A 55 16.03 -6.27 2.87
CA LYS A 55 16.21 -7.69 2.59
C LYS A 55 16.52 -7.86 1.11
N GLU A 56 16.64 -9.13 0.70
CA GLU A 56 16.93 -9.45 -0.69
C GLU A 56 16.31 -10.79 -1.06
N GLU A 57 15.22 -10.73 -1.80
CA GLU A 57 14.53 -11.94 -2.23
C GLU A 57 13.73 -11.66 -3.50
N ASN A 58 13.50 -12.72 -4.26
CA ASN A 58 12.75 -12.62 -5.50
C ASN A 58 11.25 -12.77 -5.19
N ARG A 59 10.72 -11.77 -4.50
CA ARG A 59 9.31 -11.76 -4.14
C ARG A 59 9.02 -10.64 -3.15
N PRO A 60 7.71 -10.30 -3.05
CA PRO A 60 7.27 -9.25 -2.14
C PRO A 60 7.30 -9.73 -0.69
N VAL A 61 7.14 -8.78 0.22
CA VAL A 61 7.15 -9.09 1.64
C VAL A 61 5.72 -9.41 2.08
N GLY A 62 4.76 -8.77 1.42
CA GLY A 62 3.36 -8.98 1.73
C GLY A 62 2.48 -8.70 0.52
N GLY A 63 1.64 -7.67 0.67
CA GLY A 63 0.73 -7.29 -0.40
C GLY A 63 -0.71 -7.69 -0.07
N PHE A 64 -1.61 -6.74 -0.24
CA PHE A 64 -3.02 -6.98 0.03
C PHE A 64 -3.88 -6.62 -1.18
N SER A 65 -5.05 -7.22 -1.24
CA SER A 65 -5.97 -6.97 -2.34
C SER A 65 -6.53 -5.54 -2.23
N LEU A 66 -6.84 -4.99 -3.39
CA LEU A 66 -7.38 -3.63 -3.44
C LEU A 66 -8.89 -3.71 -3.71
N ARG A 67 -9.26 -4.65 -4.55
CA ARG A 67 -10.66 -4.84 -4.91
C ARG A 67 -11.55 -4.59 -3.69
N GLY A 68 -11.28 -5.36 -2.64
CA GLY A 68 -12.05 -5.24 -1.41
C GLY A 68 -11.28 -4.44 -0.36
N SER A 69 -10.79 -3.28 -0.77
CA SER A 69 -10.03 -2.42 0.12
C SER A 69 -10.58 -0.99 0.06
N LEU A 70 -9.94 -0.11 0.81
CA LEU A 70 -10.34 1.28 0.86
C LEU A 70 -9.13 2.15 1.19
N VAL A 71 -9.20 3.39 0.74
CA VAL A 71 -8.12 4.34 0.99
C VAL A 71 -8.71 5.70 1.34
N SER A 72 -8.09 6.36 2.30
CA SER A 72 -8.53 7.67 2.74
C SER A 72 -7.33 8.54 3.12
N ALA A 73 -7.61 9.81 3.36
CA ALA A 73 -6.57 10.75 3.73
C ALA A 73 -6.77 11.18 5.19
N LEU A 74 -5.67 11.61 5.79
CA LEU A 74 -5.70 12.05 7.18
C LEU A 74 -5.71 13.57 7.22
N GLU A 75 -6.52 14.11 8.13
CA GLU A 75 -6.62 15.54 8.29
C GLU A 75 -5.78 16.01 9.48
N ASP A 76 -5.72 17.33 9.64
CA ASP A 76 -4.96 17.91 10.74
C ASP A 76 -3.48 17.58 10.54
N ASN A 77 -2.64 18.53 10.92
CA ASN A 77 -1.20 18.36 10.80
C ASN A 77 -0.60 18.16 12.19
N GLY A 78 0.69 17.86 12.21
CA GLY A 78 1.39 17.64 13.46
C GLY A 78 0.85 16.42 14.20
N VAL A 79 1.22 15.25 13.69
CA VAL A 79 0.78 14.00 14.29
C VAL A 79 -0.75 13.91 14.18
N PRO A 80 -1.21 12.73 13.66
CA PRO A 80 -2.63 12.50 13.50
C PRO A 80 -3.30 12.21 14.85
N THR A 81 -3.33 10.93 15.20
CA THR A 81 -3.93 10.51 16.45
C THR A 81 -3.09 9.40 17.09
N GLY A 82 -2.24 9.80 18.02
CA GLY A 82 -1.39 8.85 18.72
C GLY A 82 -0.73 7.89 17.73
N VAL A 83 0.05 8.46 16.83
CA VAL A 83 0.75 7.66 15.82
C VAL A 83 2.26 7.80 16.04
N LYS A 84 2.97 6.76 15.63
CA LYS A 84 4.42 6.75 15.77
C LYS A 84 5.00 8.04 15.19
N GLY A 85 6.19 8.37 15.63
CA GLY A 85 6.87 9.57 15.17
C GLY A 85 5.86 10.73 15.02
N ASN A 86 6.03 11.46 13.93
CA ASN A 86 5.15 12.59 13.65
C ASN A 86 4.73 12.56 12.18
N VAL A 87 4.95 11.40 11.57
CA VAL A 87 4.60 11.23 10.16
C VAL A 87 5.05 12.45 9.37
N GLN A 88 4.62 12.51 8.12
CA GLN A 88 4.97 13.61 7.24
C GLN A 88 4.02 14.79 7.47
N GLY A 89 2.74 14.50 7.38
CA GLY A 89 1.72 15.52 7.57
C GLY A 89 0.58 15.35 6.56
N ASN A 90 0.86 14.58 5.52
CA ASN A 90 -0.13 14.33 4.49
C ASN A 90 -0.13 12.84 4.14
N LEU A 91 -0.19 12.02 5.17
CA LEU A 91 -0.20 10.58 4.99
C LEU A 91 -1.60 10.14 4.55
N PHE A 92 -1.84 8.84 4.67
CA PHE A 92 -3.12 8.28 4.30
C PHE A 92 -3.29 6.87 4.86
N LYS A 93 -4.55 6.49 5.09
CA LYS A 93 -4.86 5.18 5.63
C LYS A 93 -5.52 4.34 4.54
N VAL A 94 -5.50 3.03 4.75
CA VAL A 94 -6.09 2.10 3.81
C VAL A 94 -6.90 1.05 4.57
N ILE A 95 -8.21 1.20 4.50
CA ILE A 95 -9.11 0.27 5.18
C ILE A 95 -9.39 -0.91 4.27
N THR A 96 -8.96 -2.08 4.71
CA THR A 96 -9.16 -3.30 3.93
C THR A 96 -10.45 -3.99 4.36
N LYS A 97 -10.81 -5.03 3.62
CA LYS A 97 -12.02 -5.78 3.90
C LYS A 97 -11.96 -6.30 5.34
N ASP A 98 -10.76 -6.30 5.89
CA ASP A 98 -10.55 -6.76 7.25
C ASP A 98 -10.77 -5.59 8.22
N ASP A 99 -11.45 -4.57 7.72
CA ASP A 99 -11.73 -3.40 8.54
C ASP A 99 -10.44 -2.95 9.24
N THR A 100 -9.33 -3.15 8.55
CA THR A 100 -8.04 -2.78 9.10
C THR A 100 -7.53 -1.50 8.43
N HIS A 101 -7.34 -0.48 9.26
CA HIS A 101 -6.86 0.80 8.76
C HIS A 101 -5.34 0.79 8.71
N TYR A 102 -4.81 0.58 7.51
CA TYR A 102 -3.38 0.55 7.31
C TYR A 102 -2.84 1.93 6.97
N TYR A 103 -2.28 2.58 7.98
CA TYR A 103 -1.73 3.91 7.80
C TYR A 103 -0.39 3.85 7.05
N ILE A 104 -0.40 4.43 5.86
CA ILE A 104 0.80 4.44 5.03
C ILE A 104 1.32 5.88 4.92
N GLN A 105 2.58 5.99 4.56
CA GLN A 105 3.20 7.30 4.41
C GLN A 105 3.57 7.55 2.94
N ALA A 106 3.37 8.79 2.51
CA ALA A 106 3.68 9.17 1.15
C ALA A 106 4.96 9.99 1.12
N SER A 107 5.69 9.86 0.03
CA SER A 107 6.94 10.59 -0.13
C SER A 107 6.69 12.09 0.00
N SER A 108 5.65 12.55 -0.67
CA SER A 108 5.30 13.96 -0.64
C SER A 108 3.78 14.12 -0.55
N LYS A 109 3.35 15.36 -0.57
CA LYS A 109 1.92 15.67 -0.49
C LYS A 109 1.21 15.08 -1.71
N ALA A 110 1.89 15.14 -2.84
CA ALA A 110 1.34 14.62 -4.08
C ALA A 110 1.37 13.10 -4.05
N GLU A 111 2.56 12.57 -3.80
CA GLU A 111 2.75 11.13 -3.75
C GLU A 111 1.54 10.46 -3.08
N ARG A 112 1.06 11.11 -2.03
CA ARG A 112 -0.09 10.59 -1.29
C ARG A 112 -1.33 10.61 -2.18
N ALA A 113 -1.79 11.81 -2.48
CA ALA A 113 -2.98 11.98 -3.31
C ALA A 113 -2.93 10.96 -4.45
N GLU A 114 -1.74 10.77 -4.99
CA GLU A 114 -1.55 9.85 -6.08
C GLU A 114 -1.74 8.40 -5.60
N TRP A 115 -0.93 8.03 -4.63
CA TRP A 115 -1.01 6.69 -4.06
C TRP A 115 -2.46 6.44 -3.63
N ILE A 116 -3.17 7.53 -3.38
CA ILE A 116 -4.56 7.44 -2.97
C ILE A 116 -5.44 7.25 -4.20
N GLU A 117 -5.65 8.35 -4.90
CA GLU A 117 -6.48 8.33 -6.10
C GLU A 117 -6.27 7.01 -6.85
N ALA A 118 -5.02 6.57 -6.90
CA ALA A 118 -4.68 5.34 -7.58
C ALA A 118 -5.50 4.19 -6.98
N ILE A 119 -5.19 3.87 -5.74
CA ILE A 119 -5.89 2.80 -5.04
C ILE A 119 -7.38 2.88 -5.37
N LYS A 120 -7.98 4.02 -5.03
CA LYS A 120 -9.39 4.23 -5.27
C LYS A 120 -9.76 3.62 -6.62
N LYS A 121 -8.88 3.83 -7.60
CA LYS A 121 -9.10 3.31 -8.93
C LYS A 121 -9.24 1.79 -8.87
N LEU A 122 -8.20 1.15 -8.35
CA LEU A 122 -8.20 -0.30 -8.23
C LEU A 122 -9.48 -0.75 -7.53
N THR A 123 -9.68 -0.22 -6.33
CA THR A 123 -10.85 -0.56 -5.55
C THR A 123 -12.12 -0.38 -6.39
N SER A 124 -12.81 0.73 -6.12
CA SER A 124 -14.03 1.03 -6.85
C SER A 124 -13.90 0.60 -8.31
N GLY A 125 -12.90 1.16 -8.97
CA GLY A 125 -12.65 0.85 -10.37
C GLY A 125 -12.29 2.11 -11.16
N PRO A 126 -11.58 1.89 -12.29
CA PRO A 126 -11.16 3.00 -13.14
C PRO A 126 -12.35 3.54 -13.95
N SER A 127 -12.02 4.29 -14.98
CA SER A 127 -13.04 4.87 -15.84
C SER A 127 -14.19 5.41 -14.99
N SER A 128 -14.00 6.64 -14.51
CA SER A 128 -15.00 7.28 -13.68
C SER A 128 -15.35 8.65 -14.25
N GLY A 129 -14.31 9.47 -14.43
CA GLY A 129 -14.49 10.80 -14.95
C GLY A 129 -13.34 11.73 -14.52
N GLY A 1 22.26 -14.31 4.43
CA GLY A 1 20.82 -14.22 4.25
C GLY A 1 20.31 -15.37 3.38
N SER A 2 19.81 -15.01 2.21
CA SER A 2 19.29 -15.99 1.28
C SER A 2 18.11 -16.73 1.90
N SER A 3 17.22 -17.21 1.04
CA SER A 3 16.04 -17.94 1.49
C SER A 3 15.83 -19.17 0.62
N GLY A 4 15.69 -18.93 -0.66
CA GLY A 4 15.47 -20.03 -1.61
C GLY A 4 14.87 -19.50 -2.91
N SER A 5 14.22 -20.42 -3.63
CA SER A 5 13.59 -20.07 -4.89
C SER A 5 12.65 -21.19 -5.33
N SER A 6 11.67 -20.81 -6.14
CA SER A 6 10.69 -21.77 -6.64
C SER A 6 10.70 -21.77 -8.18
N GLY A 7 10.17 -22.84 -8.74
CA GLY A 7 10.10 -22.98 -10.18
C GLY A 7 8.66 -22.95 -10.67
N SER A 8 8.40 -22.04 -11.60
CA SER A 8 7.06 -21.92 -12.17
C SER A 8 7.04 -20.76 -13.18
N LEU A 9 7.37 -19.58 -12.70
CA LEU A 9 7.40 -18.40 -13.55
C LEU A 9 5.97 -18.06 -13.97
N SER A 10 5.14 -17.79 -12.97
CA SER A 10 3.75 -17.44 -13.22
C SER A 10 3.28 -16.40 -12.20
N THR A 11 2.96 -15.22 -12.72
CA THR A 11 2.51 -14.13 -11.86
C THR A 11 1.10 -13.69 -12.29
N VAL A 12 0.39 -13.10 -11.34
CA VAL A 12 -0.96 -12.62 -11.59
C VAL A 12 -1.17 -11.30 -10.86
N GLU A 13 -1.14 -11.37 -9.53
CA GLU A 13 -1.33 -10.20 -8.70
C GLU A 13 -0.27 -9.14 -9.04
N LEU A 14 0.97 -9.59 -9.13
CA LEU A 14 2.07 -8.70 -9.44
C LEU A 14 2.22 -8.59 -10.96
N SER A 15 1.30 -9.23 -11.66
CA SER A 15 1.32 -9.22 -13.11
C SER A 15 0.50 -8.03 -13.64
N GLY A 16 -0.27 -7.45 -12.75
CA GLY A 16 -1.10 -6.32 -13.11
C GLY A 16 -0.26 -5.17 -13.66
N THR A 17 -0.90 -4.32 -14.46
CA THR A 17 -0.22 -3.19 -15.05
C THR A 17 0.16 -2.17 -13.98
N VAL A 18 1.44 -1.83 -13.96
CA VAL A 18 1.95 -0.87 -13.00
C VAL A 18 1.24 0.47 -13.20
N VAL A 19 0.57 0.92 -12.14
CA VAL A 19 -0.14 2.18 -12.18
C VAL A 19 0.57 3.20 -11.30
N LYS A 20 1.19 2.70 -10.24
CA LYS A 20 1.92 3.55 -9.31
C LYS A 20 3.06 2.76 -8.68
N GLN A 21 4.16 3.44 -8.46
CA GLN A 21 5.33 2.82 -7.86
C GLN A 21 6.15 3.86 -7.09
N GLY A 22 6.87 3.36 -6.09
CA GLY A 22 7.70 4.24 -5.28
C GLY A 22 7.96 3.61 -3.91
N TYR A 23 8.30 4.46 -2.94
CA TYR A 23 8.57 4.00 -1.60
C TYR A 23 7.65 4.69 -0.59
N LEU A 24 6.96 3.88 0.19
CA LEU A 24 6.05 4.41 1.20
C LEU A 24 6.53 3.97 2.58
N ALA A 25 5.92 4.57 3.60
CA ALA A 25 6.27 4.26 4.97
C ALA A 25 5.09 3.59 5.66
N LYS A 26 5.24 2.31 5.94
CA LYS A 26 4.19 1.55 6.59
C LYS A 26 4.47 1.49 8.10
N GLN A 27 3.64 2.18 8.86
CA GLN A 27 3.79 2.21 10.30
C GLN A 27 3.59 0.81 10.89
N GLY A 28 4.56 0.39 11.68
CA GLY A 28 4.50 -0.92 12.31
C GLY A 28 4.48 -0.80 13.82
N HIS A 29 5.34 -1.58 14.47
CA HIS A 29 5.41 -1.56 15.92
C HIS A 29 6.61 -2.40 16.37
N LYS A 30 6.94 -2.27 17.65
CA LYS A 30 8.05 -3.01 18.22
C LYS A 30 9.36 -2.38 17.75
N ARG A 31 9.63 -2.53 16.46
CA ARG A 31 10.84 -1.98 15.87
C ARG A 31 10.53 -0.67 15.15
N LYS A 32 11.20 0.39 15.59
CA LYS A 32 11.01 1.70 14.99
C LYS A 32 9.51 2.05 15.01
N ASN A 33 9.22 3.27 14.58
CA ASN A 33 7.85 3.73 14.54
C ASN A 33 7.33 3.67 13.10
N TRP A 34 8.15 4.17 12.18
CA TRP A 34 7.79 4.18 10.78
C TRP A 34 8.99 3.67 9.98
N LYS A 35 8.75 2.65 9.17
CA LYS A 35 9.80 2.07 8.36
C LYS A 35 9.42 2.20 6.88
N VAL A 36 10.40 2.64 6.09
CA VAL A 36 10.18 2.82 4.67
C VAL A 36 10.04 1.45 4.01
N ARG A 37 9.16 1.39 3.01
CA ARG A 37 8.92 0.15 2.29
C ARG A 37 8.59 0.45 0.83
N ARG A 38 9.23 -0.31 -0.06
CA ARG A 38 9.02 -0.14 -1.48
C ARG A 38 7.67 -0.73 -1.89
N PHE A 39 6.72 0.14 -2.12
CA PHE A 39 5.39 -0.27 -2.52
C PHE A 39 5.22 -0.21 -4.04
N VAL A 40 4.36 -1.08 -4.54
CA VAL A 40 4.10 -1.13 -5.97
C VAL A 40 2.60 -1.25 -6.22
N LEU A 41 2.11 -0.42 -7.13
CA LEU A 41 0.69 -0.43 -7.46
C LEU A 41 0.50 -1.01 -8.86
N ARG A 42 -0.56 -1.78 -9.02
CA ARG A 42 -0.87 -2.38 -10.30
C ARG A 42 -2.38 -2.34 -10.57
N LYS A 43 -2.73 -2.61 -11.81
CA LYS A 43 -4.12 -2.60 -12.21
C LYS A 43 -4.43 -3.86 -13.02
N ASP A 44 -5.64 -4.36 -12.85
CA ASP A 44 -6.07 -5.56 -13.55
C ASP A 44 -5.01 -6.65 -13.38
N PRO A 45 -5.27 -7.55 -12.39
CA PRO A 45 -6.48 -7.45 -11.59
C PRO A 45 -6.36 -6.32 -10.56
N ALA A 46 -5.19 -5.70 -10.54
CA ALA A 46 -4.94 -4.60 -9.62
C ALA A 46 -4.56 -5.18 -8.26
N PHE A 47 -3.37 -4.77 -7.79
CA PHE A 47 -2.88 -5.24 -6.51
C PHE A 47 -1.79 -4.31 -5.98
N LEU A 48 -1.63 -4.32 -4.66
CA LEU A 48 -0.63 -3.49 -4.02
C LEU A 48 0.30 -4.37 -3.18
N HIS A 49 1.55 -4.43 -3.60
CA HIS A 49 2.55 -5.23 -2.90
C HIS A 49 3.72 -4.34 -2.49
N TYR A 50 4.44 -4.80 -1.47
CA TYR A 50 5.59 -4.05 -0.97
C TYR A 50 6.79 -4.98 -0.78
N TYR A 51 7.90 -4.37 -0.39
CA TYR A 51 9.12 -5.13 -0.17
C TYR A 51 10.00 -4.44 0.88
N ASP A 52 10.72 -5.26 1.64
CA ASP A 52 11.61 -4.75 2.67
C ASP A 52 12.95 -4.38 2.05
N PRO A 53 13.27 -3.05 2.11
CA PRO A 53 14.51 -2.55 1.55
C PRO A 53 15.69 -2.91 2.46
N SER A 54 15.37 -3.57 3.56
CA SER A 54 16.39 -3.97 4.52
C SER A 54 16.85 -5.40 4.22
N LYS A 55 16.12 -6.06 3.34
CA LYS A 55 16.44 -7.42 2.96
C LYS A 55 16.37 -7.55 1.44
N GLU A 56 16.48 -8.79 0.99
CA GLU A 56 16.43 -9.07 -0.44
C GLU A 56 15.27 -10.02 -0.76
N GLU A 57 15.63 -11.28 -1.00
CA GLU A 57 14.64 -12.28 -1.32
C GLU A 57 14.04 -12.03 -2.71
N ASN A 58 13.56 -13.11 -3.31
CA ASN A 58 12.97 -13.01 -4.64
C ASN A 58 11.44 -13.01 -4.51
N ARG A 59 10.94 -11.97 -3.86
CA ARG A 59 9.50 -11.83 -3.67
C ARG A 59 9.20 -10.73 -2.65
N PRO A 60 7.94 -10.25 -2.68
CA PRO A 60 7.51 -9.19 -1.77
C PRO A 60 7.31 -9.74 -0.36
N VAL A 61 7.34 -8.82 0.61
CA VAL A 61 7.16 -9.19 1.99
C VAL A 61 5.73 -9.66 2.22
N GLY A 62 4.82 -9.06 1.45
CA GLY A 62 3.41 -9.42 1.56
C GLY A 62 2.63 -8.86 0.36
N GLY A 63 1.48 -8.27 0.67
CA GLY A 63 0.64 -7.71 -0.36
C GLY A 63 -0.84 -8.04 -0.10
N PHE A 64 -1.69 -7.06 -0.38
CA PHE A 64 -3.12 -7.24 -0.18
C PHE A 64 -3.91 -6.74 -1.39
N SER A 65 -5.10 -7.28 -1.54
CA SER A 65 -5.96 -6.90 -2.65
C SER A 65 -6.48 -5.47 -2.45
N LEU A 66 -6.94 -4.88 -3.55
CA LEU A 66 -7.46 -3.53 -3.50
C LEU A 66 -8.96 -3.56 -3.79
N ARG A 67 -9.34 -4.44 -4.69
CA ARG A 67 -10.74 -4.58 -5.06
C ARG A 67 -11.63 -4.40 -3.83
N GLY A 68 -11.43 -5.27 -2.87
CA GLY A 68 -12.21 -5.23 -1.65
C GLY A 68 -11.46 -4.47 -0.54
N SER A 69 -11.09 -3.24 -0.87
CA SER A 69 -10.36 -2.41 0.08
C SER A 69 -10.82 -0.95 -0.05
N LEU A 70 -10.14 -0.08 0.67
CA LEU A 70 -10.46 1.33 0.64
C LEU A 70 -9.20 2.14 0.97
N VAL A 71 -9.31 3.45 0.74
CA VAL A 71 -8.18 4.35 0.99
C VAL A 71 -8.72 5.74 1.30
N SER A 72 -8.02 6.42 2.20
CA SER A 72 -8.41 7.77 2.59
C SER A 72 -7.20 8.51 3.17
N ALA A 73 -7.36 9.82 3.28
CA ALA A 73 -6.30 10.66 3.82
C ALA A 73 -6.45 10.76 5.35
N LEU A 74 -5.37 11.16 5.98
CA LEU A 74 -5.37 11.30 7.43
C LEU A 74 -5.17 12.78 7.80
N GLU A 75 -4.83 13.00 9.06
CA GLU A 75 -4.62 14.35 9.55
C GLU A 75 -5.96 15.00 9.92
N ASP A 76 -6.63 14.39 10.87
CA ASP A 76 -7.92 14.90 11.32
C ASP A 76 -7.70 15.93 12.43
N ASN A 77 -7.34 17.13 12.01
CA ASN A 77 -7.10 18.21 12.95
C ASN A 77 -5.98 17.80 13.92
N GLY A 78 -4.77 17.74 13.39
CA GLY A 78 -3.62 17.36 14.18
C GLY A 78 -3.80 15.96 14.77
N VAL A 79 -2.85 15.09 14.44
CA VAL A 79 -2.88 13.73 14.93
C VAL A 79 -4.13 13.03 14.39
N PRO A 80 -3.91 11.85 13.75
CA PRO A 80 -5.01 11.09 13.18
C PRO A 80 -5.80 10.37 14.29
N THR A 81 -6.60 9.40 13.87
CA THR A 81 -7.41 8.65 14.80
C THR A 81 -6.59 7.52 15.42
N GLY A 82 -6.45 7.59 16.75
CA GLY A 82 -5.70 6.58 17.47
C GLY A 82 -4.46 6.14 16.68
N VAL A 83 -3.38 6.89 16.88
CA VAL A 83 -2.14 6.59 16.20
C VAL A 83 -0.96 6.85 17.14
N LYS A 84 -0.03 5.90 17.16
CA LYS A 84 1.14 6.02 18.01
C LYS A 84 1.76 7.40 17.84
N GLY A 85 2.25 7.93 18.94
CA GLY A 85 2.87 9.25 18.93
C GLY A 85 1.93 10.29 18.34
N ASN A 86 2.29 10.79 17.16
CA ASN A 86 1.49 11.79 16.49
C ASN A 86 2.07 12.04 15.09
N VAL A 87 1.57 11.26 14.14
CA VAL A 87 2.02 11.39 12.76
C VAL A 87 1.32 12.58 12.10
N GLN A 88 2.00 13.17 11.14
CA GLN A 88 1.45 14.32 10.42
C GLN A 88 2.06 14.40 9.02
N GLY A 89 1.41 15.19 8.18
CA GLY A 89 1.87 15.37 6.81
C GLY A 89 0.92 14.68 5.82
N ASN A 90 1.45 14.41 4.64
CA ASN A 90 0.67 13.76 3.60
C ASN A 90 0.62 12.25 3.88
N LEU A 91 -0.32 11.87 4.73
CA LEU A 91 -0.48 10.47 5.09
C LEU A 91 -1.82 9.96 4.55
N PHE A 92 -2.07 8.69 4.81
CA PHE A 92 -3.31 8.07 4.36
C PHE A 92 -3.45 6.65 4.92
N LYS A 93 -4.70 6.20 4.99
CA LYS A 93 -4.98 4.87 5.49
C LYS A 93 -5.70 4.06 4.42
N VAL A 94 -5.70 2.75 4.60
CA VAL A 94 -6.35 1.85 3.67
C VAL A 94 -7.24 0.87 4.43
N ILE A 95 -8.54 1.08 4.30
CA ILE A 95 -9.50 0.22 4.98
C ILE A 95 -9.79 -1.00 4.10
N THR A 96 -9.35 -2.15 4.57
CA THR A 96 -9.56 -3.40 3.85
C THR A 96 -10.92 -3.99 4.19
N LYS A 97 -11.21 -5.13 3.58
CA LYS A 97 -12.47 -5.81 3.82
C LYS A 97 -12.55 -6.23 5.28
N ASP A 98 -11.41 -6.17 5.95
CA ASP A 98 -11.34 -6.53 7.35
C ASP A 98 -11.48 -5.27 8.21
N ASP A 99 -11.81 -4.17 7.54
CA ASP A 99 -11.97 -2.90 8.23
C ASP A 99 -10.64 -2.50 8.87
N THR A 100 -9.57 -3.07 8.33
CA THR A 100 -8.24 -2.79 8.84
C THR A 100 -7.69 -1.51 8.19
N HIS A 101 -7.33 -0.56 9.04
CA HIS A 101 -6.79 0.71 8.57
C HIS A 101 -5.27 0.64 8.54
N TYR A 102 -4.73 0.59 7.34
CA TYR A 102 -3.29 0.51 7.17
C TYR A 102 -2.69 1.91 6.96
N TYR A 103 -2.09 2.42 8.01
CA TYR A 103 -1.49 3.75 7.96
C TYR A 103 -0.15 3.70 7.20
N ILE A 104 -0.12 4.41 6.09
CA ILE A 104 1.08 4.47 5.26
C ILE A 104 1.45 5.93 5.01
N GLN A 105 2.68 6.13 4.57
CA GLN A 105 3.17 7.46 4.27
C GLN A 105 3.61 7.56 2.81
N ALA A 106 3.37 8.73 2.23
CA ALA A 106 3.74 8.97 0.84
C ALA A 106 5.06 9.74 0.79
N SER A 107 5.76 9.58 -0.31
CA SER A 107 7.04 10.25 -0.51
C SER A 107 6.84 11.77 -0.42
N SER A 108 5.89 12.27 -1.19
CA SER A 108 5.60 13.69 -1.20
C SER A 108 4.10 13.91 -1.03
N LYS A 109 3.72 15.18 -1.01
CA LYS A 109 2.32 15.55 -0.85
C LYS A 109 1.52 14.98 -2.02
N ALA A 110 2.09 15.12 -3.22
CA ALA A 110 1.44 14.62 -4.41
C ALA A 110 1.41 13.09 -4.38
N GLU A 111 2.58 12.51 -4.15
CA GLU A 111 2.70 11.07 -4.09
C GLU A 111 1.52 10.47 -3.30
N ARG A 112 1.14 11.17 -2.25
CA ARG A 112 0.04 10.72 -1.41
C ARG A 112 -1.26 10.67 -2.22
N ALA A 113 -1.75 11.86 -2.55
CA ALA A 113 -2.98 11.97 -3.32
C ALA A 113 -2.95 10.96 -4.47
N GLU A 114 -1.76 10.80 -5.04
CA GLU A 114 -1.58 9.87 -6.15
C GLU A 114 -1.74 8.43 -5.67
N TRP A 115 -0.96 8.09 -4.65
CA TRP A 115 -1.00 6.75 -4.09
C TRP A 115 -2.44 6.47 -3.64
N ILE A 116 -3.14 7.55 -3.31
CA ILE A 116 -4.52 7.43 -2.87
C ILE A 116 -5.43 7.23 -4.08
N GLU A 117 -5.66 8.32 -4.80
CA GLU A 117 -6.51 8.27 -5.98
C GLU A 117 -6.29 6.95 -6.73
N ALA A 118 -5.04 6.55 -6.81
CA ALA A 118 -4.69 5.32 -7.49
C ALA A 118 -5.46 4.15 -6.86
N ILE A 119 -5.21 3.95 -5.58
CA ILE A 119 -5.87 2.89 -4.85
C ILE A 119 -7.39 3.01 -5.02
N LYS A 120 -7.87 4.24 -4.89
CA LYS A 120 -9.29 4.50 -5.02
C LYS A 120 -9.81 3.80 -6.28
N LYS A 121 -9.13 4.05 -7.39
CA LYS A 121 -9.52 3.45 -8.66
C LYS A 121 -9.75 1.96 -8.45
N LEU A 122 -8.69 1.28 -8.03
CA LEU A 122 -8.75 -0.15 -7.80
C LEU A 122 -10.00 -0.48 -6.97
N THR A 123 -10.09 0.17 -5.82
CA THR A 123 -11.23 -0.04 -4.95
C THR A 123 -12.50 0.56 -5.56
N SER A 124 -13.62 0.28 -4.91
CA SER A 124 -14.90 0.77 -5.38
C SER A 124 -14.87 2.30 -5.46
N GLY A 125 -15.22 2.81 -6.63
CA GLY A 125 -15.23 4.24 -6.85
C GLY A 125 -14.15 4.67 -7.85
N PRO A 126 -14.59 4.87 -9.12
CA PRO A 126 -13.67 5.28 -10.17
C PRO A 126 -13.29 6.75 -10.02
N SER A 127 -14.30 7.59 -9.94
CA SER A 127 -14.08 9.02 -9.80
C SER A 127 -13.19 9.53 -10.94
N SER A 128 -13.84 9.96 -12.01
CA SER A 128 -13.11 10.46 -13.16
C SER A 128 -13.98 11.49 -13.91
N GLY A 129 -15.13 11.02 -14.37
CA GLY A 129 -16.05 11.87 -15.10
C GLY A 129 -16.02 11.55 -16.60
N GLY A 1 23.07 -25.06 5.86
CA GLY A 1 21.73 -25.54 6.13
C GLY A 1 20.80 -25.23 4.96
N SER A 2 19.51 -25.46 5.19
CA SER A 2 18.51 -25.22 4.16
C SER A 2 18.19 -23.73 4.09
N SER A 3 17.90 -23.27 2.88
CA SER A 3 17.57 -21.87 2.66
C SER A 3 16.81 -21.71 1.34
N GLY A 4 17.36 -22.31 0.29
CA GLY A 4 16.75 -22.25 -1.02
C GLY A 4 15.29 -22.70 -0.96
N SER A 5 14.42 -21.85 -1.51
CA SER A 5 13.00 -22.15 -1.52
C SER A 5 12.62 -22.81 -2.85
N SER A 6 12.89 -22.09 -3.93
CA SER A 6 12.58 -22.60 -5.26
C SER A 6 11.07 -22.70 -5.44
N GLY A 7 10.61 -22.23 -6.59
CA GLY A 7 9.19 -22.27 -6.90
C GLY A 7 8.93 -21.92 -8.37
N SER A 8 8.13 -22.75 -9.01
CA SER A 8 7.80 -22.55 -10.41
C SER A 8 6.28 -22.39 -10.57
N LEU A 9 5.86 -21.15 -10.74
CA LEU A 9 4.45 -20.85 -10.91
C LEU A 9 4.29 -19.40 -11.36
N SER A 10 3.76 -19.26 -12.57
CA SER A 10 3.55 -17.94 -13.15
C SER A 10 2.92 -17.01 -12.10
N THR A 11 3.10 -15.71 -12.31
CA THR A 11 2.57 -14.72 -11.41
C THR A 11 1.04 -14.68 -11.49
N VAL A 12 0.45 -13.94 -10.57
CA VAL A 12 -1.00 -13.81 -10.53
C VAL A 12 -1.38 -12.42 -10.04
N GLU A 13 -1.30 -12.25 -8.72
CA GLU A 13 -1.63 -10.97 -8.10
C GLU A 13 -0.63 -9.90 -8.54
N LEU A 14 0.62 -10.32 -8.66
CA LEU A 14 1.68 -9.42 -9.07
C LEU A 14 1.68 -9.29 -10.59
N SER A 15 0.70 -9.92 -11.21
CA SER A 15 0.58 -9.90 -12.65
C SER A 15 -0.42 -8.81 -13.07
N GLY A 16 -0.10 -7.58 -12.69
CA GLY A 16 -0.96 -6.45 -13.01
C GLY A 16 -0.15 -5.29 -13.58
N THR A 17 -0.80 -4.47 -14.38
CA THR A 17 -0.16 -3.33 -14.99
C THR A 17 0.21 -2.29 -13.93
N VAL A 18 1.50 -1.98 -13.89
CA VAL A 18 2.00 -1.00 -12.92
C VAL A 18 1.36 0.35 -13.20
N VAL A 19 0.71 0.89 -12.17
CA VAL A 19 0.06 2.18 -12.29
C VAL A 19 0.78 3.20 -11.41
N LYS A 20 1.29 2.71 -10.29
CA LYS A 20 2.00 3.56 -9.35
C LYS A 20 3.14 2.76 -8.70
N GLN A 21 4.27 3.41 -8.53
CA GLN A 21 5.42 2.78 -7.92
C GLN A 21 6.22 3.80 -7.10
N GLY A 22 6.84 3.30 -6.04
CA GLY A 22 7.64 4.15 -5.17
C GLY A 22 7.86 3.48 -3.82
N TYR A 23 8.48 4.23 -2.92
CA TYR A 23 8.76 3.73 -1.58
C TYR A 23 7.89 4.44 -0.54
N LEU A 24 7.21 3.63 0.26
CA LEU A 24 6.34 4.17 1.30
C LEU A 24 6.71 3.54 2.64
N ALA A 25 6.14 4.09 3.71
CA ALA A 25 6.40 3.59 5.04
C ALA A 25 5.17 2.84 5.54
N LYS A 26 5.42 1.86 6.41
CA LYS A 26 4.35 1.07 6.97
C LYS A 26 4.33 1.23 8.49
N GLN A 27 3.38 2.03 8.96
CA GLN A 27 3.25 2.28 10.39
C GLN A 27 2.89 0.99 11.12
N GLY A 28 3.75 0.61 12.05
CA GLY A 28 3.53 -0.59 12.83
C GLY A 28 4.40 -0.60 14.08
N HIS A 29 5.70 -0.45 13.87
CA HIS A 29 6.65 -0.44 14.97
C HIS A 29 6.15 0.50 16.06
N LYS A 30 6.75 0.35 17.24
CA LYS A 30 6.37 1.18 18.37
C LYS A 30 7.61 1.92 18.88
N ARG A 31 8.13 2.79 18.02
CA ARG A 31 9.31 3.57 18.36
C ARG A 31 9.71 4.45 17.18
N LYS A 32 9.66 5.75 17.41
CA LYS A 32 10.03 6.71 16.38
C LYS A 32 9.23 6.42 15.11
N ASN A 33 9.56 7.16 14.06
CA ASN A 33 8.89 6.97 12.78
C ASN A 33 8.85 5.49 12.43
N TRP A 34 8.15 5.19 11.34
CA TRP A 34 8.04 3.81 10.89
C TRP A 34 9.18 3.52 9.93
N LYS A 35 9.17 2.32 9.39
CA LYS A 35 10.20 1.90 8.45
C LYS A 35 9.73 2.18 7.02
N VAL A 36 10.70 2.30 6.13
CA VAL A 36 10.40 2.57 4.73
C VAL A 36 10.38 1.24 3.96
N ARG A 37 9.51 1.19 2.96
CA ARG A 37 9.38 -0.01 2.14
C ARG A 37 9.03 0.37 0.70
N ARG A 38 9.32 -0.55 -0.20
CA ARG A 38 9.05 -0.33 -1.61
C ARG A 38 7.65 -0.85 -1.97
N PHE A 39 6.73 0.10 -2.13
CA PHE A 39 5.37 -0.26 -2.48
C PHE A 39 5.13 -0.13 -3.98
N VAL A 40 4.51 -1.17 -4.54
CA VAL A 40 4.22 -1.19 -5.96
C VAL A 40 2.70 -1.21 -6.17
N LEU A 41 2.26 -0.45 -7.16
CA LEU A 41 0.84 -0.37 -7.47
C LEU A 41 0.60 -0.99 -8.84
N ARG A 42 -0.30 -1.97 -8.87
CA ARG A 42 -0.64 -2.64 -10.11
C ARG A 42 -2.15 -2.58 -10.35
N LYS A 43 -2.52 -2.72 -11.62
CA LYS A 43 -3.92 -2.67 -12.01
C LYS A 43 -4.22 -3.83 -12.96
N ASP A 44 -5.45 -4.32 -12.89
CA ASP A 44 -5.87 -5.41 -13.74
C ASP A 44 -4.76 -6.47 -13.79
N PRO A 45 -4.75 -7.35 -12.75
CA PRO A 45 -5.74 -7.26 -11.69
C PRO A 45 -5.43 -6.09 -10.75
N ALA A 46 -6.33 -5.88 -9.79
CA ALA A 46 -6.15 -4.81 -8.83
C ALA A 46 -5.48 -5.36 -7.57
N PHE A 47 -4.23 -4.96 -7.38
CA PHE A 47 -3.47 -5.41 -6.23
C PHE A 47 -2.29 -4.48 -5.96
N LEU A 48 -1.95 -4.35 -4.69
CA LEU A 48 -0.84 -3.50 -4.29
C LEU A 48 0.10 -4.29 -3.38
N HIS A 49 1.31 -4.53 -3.88
CA HIS A 49 2.30 -5.26 -3.12
C HIS A 49 3.53 -4.38 -2.90
N TYR A 50 4.33 -4.77 -1.90
CA TYR A 50 5.53 -4.03 -1.58
C TYR A 50 6.65 -4.97 -1.14
N TYR A 51 7.88 -4.54 -1.37
CA TYR A 51 9.05 -5.32 -0.99
C TYR A 51 9.97 -4.52 -0.08
N ASP A 52 10.56 -5.24 0.87
CA ASP A 52 11.47 -4.61 1.82
C ASP A 52 12.83 -4.37 1.13
N PRO A 53 13.27 -3.08 1.18
CA PRO A 53 14.53 -2.71 0.58
C PRO A 53 15.72 -3.19 1.42
N SER A 54 15.40 -3.63 2.63
CA SER A 54 16.41 -4.12 3.55
C SER A 54 16.70 -5.59 3.28
N LYS A 55 15.67 -6.28 2.81
CA LYS A 55 15.79 -7.70 2.50
C LYS A 55 15.85 -7.88 0.99
N GLU A 56 16.56 -8.93 0.58
CA GLU A 56 16.71 -9.23 -0.83
C GLU A 56 16.07 -10.58 -1.15
N GLU A 57 14.79 -10.69 -0.83
CA GLU A 57 14.06 -11.92 -1.07
C GLU A 57 13.41 -11.88 -2.47
N ASN A 58 13.02 -13.06 -2.94
CA ASN A 58 12.40 -13.17 -4.24
C ASN A 58 10.88 -13.14 -4.08
N ARG A 59 10.39 -12.00 -3.61
CA ARG A 59 8.96 -11.83 -3.41
C ARG A 59 8.69 -10.61 -2.55
N PRO A 60 7.39 -10.19 -2.53
CA PRO A 60 6.99 -9.02 -1.75
C PRO A 60 6.94 -9.36 -0.26
N VAL A 61 6.82 -8.32 0.54
CA VAL A 61 6.76 -8.49 1.98
C VAL A 61 5.43 -9.13 2.36
N GLY A 62 4.41 -8.83 1.55
CA GLY A 62 3.09 -9.38 1.79
C GLY A 62 2.01 -8.32 1.52
N GLY A 63 1.80 -8.06 0.24
CA GLY A 63 0.81 -7.07 -0.18
C GLY A 63 -0.60 -7.52 0.22
N PHE A 64 -1.56 -6.68 -0.12
CA PHE A 64 -2.96 -6.98 0.19
C PHE A 64 -3.86 -6.72 -1.02
N SER A 65 -5.06 -7.27 -0.95
CA SER A 65 -6.02 -7.11 -2.02
C SER A 65 -6.57 -5.68 -2.03
N LEU A 66 -7.09 -5.28 -3.18
CA LEU A 66 -7.65 -3.95 -3.32
C LEU A 66 -9.17 -4.05 -3.44
N ARG A 67 -9.60 -5.02 -4.22
CA ARG A 67 -11.03 -5.23 -4.43
C ARG A 67 -11.79 -4.99 -3.13
N GLY A 68 -11.43 -5.74 -2.11
CA GLY A 68 -12.07 -5.62 -0.82
C GLY A 68 -11.24 -4.75 0.12
N SER A 69 -10.96 -3.54 -0.33
CA SER A 69 -10.18 -2.59 0.45
C SER A 69 -10.67 -1.17 0.21
N LEU A 70 -10.06 -0.24 0.91
CA LEU A 70 -10.42 1.16 0.78
C LEU A 70 -9.24 2.04 1.17
N VAL A 71 -9.22 3.25 0.63
CA VAL A 71 -8.15 4.18 0.92
C VAL A 71 -8.75 5.55 1.28
N SER A 72 -8.03 6.27 2.12
CA SER A 72 -8.47 7.59 2.53
C SER A 72 -7.30 8.38 3.12
N ALA A 73 -7.47 9.70 3.15
CA ALA A 73 -6.44 10.57 3.69
C ALA A 73 -6.76 10.92 5.14
N LEU A 74 -5.73 11.33 5.86
CA LEU A 74 -5.88 11.69 7.25
C LEU A 74 -6.05 13.21 7.38
N GLU A 75 -6.53 13.63 8.53
CA GLU A 75 -6.74 15.04 8.79
C GLU A 75 -6.95 15.28 10.28
N ASP A 76 -6.24 16.28 10.80
CA ASP A 76 -6.34 16.63 12.20
C ASP A 76 -5.32 17.70 12.53
N ASN A 77 -4.05 17.37 12.29
CA ASN A 77 -2.97 18.29 12.56
C ASN A 77 -1.63 17.55 12.45
N GLY A 78 -1.06 17.61 11.25
CA GLY A 78 0.21 16.95 11.01
C GLY A 78 0.28 15.61 11.74
N VAL A 79 1.12 15.57 12.77
CA VAL A 79 1.30 14.36 13.55
C VAL A 79 -0.05 13.96 14.16
N PRO A 80 -0.50 12.74 13.79
CA PRO A 80 -1.76 12.21 14.29
C PRO A 80 -1.63 11.77 15.75
N THR A 81 -2.64 11.04 16.20
CA THR A 81 -2.66 10.55 17.57
C THR A 81 -1.53 9.52 17.78
N GLY A 82 -1.93 8.35 18.26
CA GLY A 82 -0.97 7.29 18.52
C GLY A 82 -0.19 6.95 17.25
N VAL A 83 0.91 7.68 17.06
CA VAL A 83 1.75 7.46 15.90
C VAL A 83 3.18 7.90 16.23
N LYS A 84 4.03 6.92 16.48
CA LYS A 84 5.42 7.19 16.81
C LYS A 84 6.03 8.05 15.71
N GLY A 85 7.03 8.83 16.10
CA GLY A 85 7.72 9.70 15.16
C GLY A 85 6.72 10.63 14.46
N ASN A 86 7.27 11.65 13.81
CA ASN A 86 6.45 12.61 13.09
C ASN A 86 6.32 12.17 11.62
N VAL A 87 5.10 12.30 11.12
CA VAL A 87 4.82 11.93 9.74
C VAL A 87 5.13 13.11 8.82
N GLN A 88 4.93 12.88 7.53
CA GLN A 88 5.18 13.93 6.55
C GLN A 88 4.25 15.12 6.78
N GLY A 89 2.96 14.81 6.87
CA GLY A 89 1.97 15.84 7.09
C GLY A 89 0.74 15.62 6.19
N ASN A 90 0.92 14.76 5.21
CA ASN A 90 -0.14 14.45 4.27
C ASN A 90 -0.13 12.96 3.95
N LEU A 91 -0.19 12.16 5.01
CA LEU A 91 -0.17 10.71 4.86
C LEU A 91 -1.59 10.23 4.52
N PHE A 92 -1.80 8.94 4.75
CA PHE A 92 -3.10 8.35 4.48
C PHE A 92 -3.21 6.96 5.10
N LYS A 93 -4.37 6.35 4.92
CA LYS A 93 -4.61 5.01 5.46
C LYS A 93 -5.39 4.20 4.43
N VAL A 94 -5.41 2.89 4.66
CA VAL A 94 -6.11 1.98 3.76
C VAL A 94 -6.94 1.00 4.59
N ILE A 95 -8.25 1.12 4.47
CA ILE A 95 -9.16 0.25 5.20
C ILE A 95 -9.41 -1.02 4.38
N THR A 96 -8.96 -2.14 4.92
CA THR A 96 -9.13 -3.42 4.26
C THR A 96 -10.50 -4.02 4.59
N LYS A 97 -10.74 -5.21 4.06
CA LYS A 97 -11.99 -5.90 4.29
C LYS A 97 -12.11 -6.25 5.78
N ASP A 98 -10.98 -6.13 6.47
CA ASP A 98 -10.94 -6.43 7.89
C ASP A 98 -11.16 -5.15 8.69
N ASP A 99 -11.52 -4.10 7.97
CA ASP A 99 -11.76 -2.80 8.59
C ASP A 99 -10.47 -2.30 9.24
N THR A 100 -9.35 -2.85 8.76
CA THR A 100 -8.05 -2.47 9.28
C THR A 100 -7.51 -1.25 8.52
N HIS A 101 -7.28 -0.18 9.26
CA HIS A 101 -6.76 1.04 8.68
C HIS A 101 -5.23 0.99 8.64
N TYR A 102 -4.70 0.77 7.45
CA TYR A 102 -3.26 0.69 7.26
C TYR A 102 -2.68 2.06 6.89
N TYR A 103 -2.11 2.71 7.90
CA TYR A 103 -1.51 4.02 7.69
C TYR A 103 -0.18 3.90 6.94
N ILE A 104 -0.11 4.59 5.81
CA ILE A 104 1.09 4.57 5.00
C ILE A 104 1.63 6.00 4.87
N GLN A 105 2.89 6.08 4.45
CA GLN A 105 3.54 7.38 4.28
C GLN A 105 3.83 7.64 2.80
N ALA A 106 3.60 8.89 2.41
CA ALA A 106 3.83 9.28 1.03
C ALA A 106 5.09 10.13 0.95
N SER A 107 5.81 9.99 -0.16
CA SER A 107 7.03 10.73 -0.36
C SER A 107 6.76 12.23 -0.24
N SER A 108 5.68 12.66 -0.87
CA SER A 108 5.29 14.06 -0.85
C SER A 108 3.78 14.18 -0.64
N LYS A 109 3.35 15.41 -0.39
CA LYS A 109 1.94 15.67 -0.18
C LYS A 109 1.15 15.23 -1.41
N ALA A 110 1.84 15.20 -2.53
CA ALA A 110 1.22 14.79 -3.79
C ALA A 110 1.26 13.27 -3.91
N GLU A 111 2.46 12.72 -3.72
CA GLU A 111 2.65 11.29 -3.81
C GLU A 111 1.48 10.56 -3.16
N ARG A 112 1.04 11.09 -2.03
CA ARG A 112 -0.07 10.50 -1.31
C ARG A 112 -1.34 10.52 -2.17
N ALA A 113 -1.82 11.73 -2.42
CA ALA A 113 -3.02 11.90 -3.23
C ALA A 113 -2.95 10.96 -4.44
N GLU A 114 -1.74 10.77 -4.93
CA GLU A 114 -1.53 9.90 -6.08
C GLU A 114 -1.71 8.44 -5.68
N TRP A 115 -1.03 8.06 -4.61
CA TRP A 115 -1.10 6.70 -4.12
C TRP A 115 -2.54 6.43 -3.70
N ILE A 116 -3.24 7.50 -3.37
CA ILE A 116 -4.63 7.40 -2.94
C ILE A 116 -5.52 7.23 -4.18
N GLU A 117 -5.73 8.34 -4.86
CA GLU A 117 -6.56 8.34 -6.05
C GLU A 117 -6.36 7.04 -6.84
N ALA A 118 -5.10 6.60 -6.90
CA ALA A 118 -4.76 5.38 -7.59
C ALA A 118 -5.58 4.22 -7.04
N ILE A 119 -5.26 3.86 -5.81
CA ILE A 119 -5.94 2.76 -5.14
C ILE A 119 -7.44 2.86 -5.45
N LYS A 120 -8.02 3.98 -5.06
CA LYS A 120 -9.44 4.21 -5.28
C LYS A 120 -9.83 3.65 -6.65
N LYS A 121 -9.11 4.10 -7.68
CA LYS A 121 -9.37 3.66 -9.03
C LYS A 121 -9.70 2.17 -9.02
N LEU A 122 -8.74 1.39 -8.54
CA LEU A 122 -8.92 -0.06 -8.47
C LEU A 122 -10.21 -0.37 -7.71
N THR A 123 -10.28 0.16 -6.50
CA THR A 123 -11.44 -0.05 -5.64
C THR A 123 -12.69 0.60 -6.27
N SER A 124 -13.84 0.21 -5.74
CA SER A 124 -15.10 0.74 -6.24
C SER A 124 -15.28 2.20 -5.78
N GLY A 125 -15.06 3.10 -6.72
CA GLY A 125 -15.19 4.53 -6.43
C GLY A 125 -15.70 5.29 -7.65
N PRO A 126 -15.43 6.63 -7.64
CA PRO A 126 -15.86 7.48 -8.74
C PRO A 126 -14.98 7.26 -9.97
N SER A 127 -15.59 7.43 -11.14
CA SER A 127 -14.88 7.26 -12.40
C SER A 127 -15.36 8.29 -13.41
N SER A 128 -14.41 8.88 -14.12
CA SER A 128 -14.72 9.88 -15.12
C SER A 128 -15.51 11.03 -14.49
N GLY A 129 -14.83 12.15 -14.34
CA GLY A 129 -15.44 13.33 -13.76
C GLY A 129 -15.52 14.48 -14.77
N GLY A 1 22.82 -11.44 -15.50
CA GLY A 1 22.80 -12.68 -16.25
C GLY A 1 21.69 -12.68 -17.30
N SER A 2 22.09 -12.85 -18.55
CA SER A 2 21.14 -12.86 -19.65
C SER A 2 21.05 -14.27 -20.24
N SER A 3 20.11 -15.04 -19.70
CA SER A 3 19.92 -16.41 -20.17
C SER A 3 18.42 -16.73 -20.23
N GLY A 4 17.77 -16.62 -19.08
CA GLY A 4 16.36 -16.89 -18.99
C GLY A 4 15.55 -15.59 -19.01
N SER A 5 14.54 -15.54 -18.13
CA SER A 5 13.69 -14.37 -18.03
C SER A 5 13.00 -14.11 -19.38
N SER A 6 12.02 -13.22 -19.33
CA SER A 6 11.28 -12.88 -20.53
C SER A 6 10.77 -14.14 -21.22
N GLY A 7 9.51 -14.46 -20.96
CA GLY A 7 8.90 -15.63 -21.54
C GLY A 7 8.75 -16.75 -20.51
N SER A 8 7.73 -16.61 -19.68
CA SER A 8 7.46 -17.59 -18.64
C SER A 8 5.96 -17.66 -18.36
N LEU A 9 5.37 -16.49 -18.20
CA LEU A 9 3.94 -16.40 -17.92
C LEU A 9 3.64 -17.10 -16.59
N SER A 10 3.36 -16.28 -15.59
CA SER A 10 3.06 -16.80 -14.26
C SER A 10 2.47 -15.70 -13.39
N THR A 11 2.03 -16.09 -12.21
CA THR A 11 1.45 -15.15 -11.27
C THR A 11 0.21 -14.49 -11.87
N VAL A 12 -0.58 -13.86 -11.02
CA VAL A 12 -1.79 -13.19 -11.45
C VAL A 12 -1.89 -11.83 -10.75
N GLU A 13 -1.77 -11.87 -9.43
CA GLU A 13 -1.84 -10.65 -8.64
C GLU A 13 -0.74 -9.68 -9.06
N LEU A 14 0.47 -10.19 -9.13
CA LEU A 14 1.61 -9.39 -9.51
C LEU A 14 1.68 -9.30 -11.04
N SER A 15 0.69 -9.91 -11.68
CA SER A 15 0.63 -9.91 -13.13
C SER A 15 -0.24 -8.75 -13.61
N GLY A 16 -0.31 -7.73 -12.78
CA GLY A 16 -1.11 -6.55 -13.11
C GLY A 16 -0.22 -5.43 -13.65
N THR A 17 -0.86 -4.50 -14.36
CA THR A 17 -0.14 -3.38 -14.93
C THR A 17 0.20 -2.35 -13.86
N VAL A 18 1.48 -2.00 -13.79
CA VAL A 18 1.94 -1.03 -12.81
C VAL A 18 1.26 0.31 -13.08
N VAL A 19 0.57 0.81 -12.06
CA VAL A 19 -0.12 2.08 -12.18
C VAL A 19 0.57 3.11 -11.27
N LYS A 20 1.12 2.61 -10.18
CA LYS A 20 1.80 3.48 -9.23
C LYS A 20 2.87 2.66 -8.49
N GLN A 21 3.99 3.33 -8.21
CA GLN A 21 5.09 2.69 -7.52
C GLN A 21 5.96 3.73 -6.82
N GLY A 22 6.82 3.25 -5.94
CA GLY A 22 7.71 4.13 -5.21
C GLY A 22 8.07 3.54 -3.84
N TYR A 23 8.39 4.43 -2.91
CA TYR A 23 8.74 4.01 -1.57
C TYR A 23 7.85 4.69 -0.52
N LEU A 24 7.06 3.87 0.16
CA LEU A 24 6.16 4.39 1.18
C LEU A 24 6.68 4.00 2.55
N ALA A 25 6.10 4.61 3.58
CA ALA A 25 6.50 4.33 4.94
C ALA A 25 5.34 3.67 5.69
N LYS A 26 5.56 2.43 6.08
CA LYS A 26 4.55 1.67 6.80
C LYS A 26 4.65 1.98 8.29
N GLN A 27 3.53 1.83 8.98
CA GLN A 27 3.47 2.09 10.40
C GLN A 27 3.19 0.80 11.16
N GLY A 28 4.27 0.08 11.47
CA GLY A 28 4.15 -1.18 12.19
C GLY A 28 5.28 -2.13 11.82
N HIS A 29 6.48 -1.78 12.27
CA HIS A 29 7.65 -2.60 11.99
C HIS A 29 8.88 -2.00 12.67
N LYS A 30 9.60 -2.84 13.38
CA LYS A 30 10.80 -2.40 14.08
C LYS A 30 10.40 -1.47 15.22
N ARG A 31 10.96 -1.74 16.39
CA ARG A 31 10.68 -0.93 17.57
C ARG A 31 11.48 0.37 17.52
N LYS A 32 10.89 1.37 16.88
CA LYS A 32 11.54 2.67 16.77
C LYS A 32 10.55 3.68 16.19
N ASN A 33 10.34 3.57 14.89
CA ASN A 33 9.42 4.47 14.20
C ASN A 33 8.92 3.80 12.92
N TRP A 34 8.52 4.63 11.97
CA TRP A 34 8.03 4.14 10.69
C TRP A 34 9.19 3.46 9.97
N LYS A 35 8.85 2.78 8.88
CA LYS A 35 9.85 2.08 8.09
C LYS A 35 9.55 2.29 6.61
N VAL A 36 10.55 2.79 5.90
CA VAL A 36 10.40 3.04 4.47
C VAL A 36 10.46 1.71 3.72
N ARG A 37 9.35 1.41 3.06
CA ARG A 37 9.25 0.17 2.30
C ARG A 37 8.92 0.47 0.83
N ARG A 38 9.25 -0.48 -0.02
CA ARG A 38 9.00 -0.33 -1.44
C ARG A 38 7.63 -0.92 -1.80
N PHE A 39 6.72 -0.04 -2.20
CA PHE A 39 5.38 -0.46 -2.57
C PHE A 39 5.18 -0.37 -4.08
N VAL A 40 4.34 -1.27 -4.58
CA VAL A 40 4.05 -1.29 -6.01
C VAL A 40 2.54 -1.40 -6.22
N LEU A 41 2.05 -0.60 -7.16
CA LEU A 41 0.63 -0.59 -7.47
C LEU A 41 0.40 -1.21 -8.84
N ARG A 42 -0.43 -2.22 -8.87
CA ARG A 42 -0.75 -2.91 -10.12
C ARG A 42 -2.24 -2.76 -10.45
N LYS A 43 -2.55 -3.02 -11.71
CA LYS A 43 -3.93 -2.93 -12.17
C LYS A 43 -4.23 -4.07 -13.13
N ASP A 44 -5.42 -4.61 -13.00
CA ASP A 44 -5.85 -5.72 -13.86
C ASP A 44 -4.76 -6.79 -13.87
N PRO A 45 -4.73 -7.59 -12.76
CA PRO A 45 -5.68 -7.39 -11.67
C PRO A 45 -5.31 -6.16 -10.85
N ALA A 46 -6.21 -5.81 -9.94
CA ALA A 46 -6.00 -4.66 -9.08
C ALA A 46 -5.46 -5.13 -7.74
N PHE A 47 -4.15 -5.01 -7.59
CA PHE A 47 -3.49 -5.41 -6.35
C PHE A 47 -2.36 -4.46 -5.99
N LEU A 48 -1.97 -4.50 -4.73
CA LEU A 48 -0.90 -3.64 -4.25
C LEU A 48 0.07 -4.46 -3.40
N HIS A 49 1.29 -4.60 -3.92
CA HIS A 49 2.31 -5.35 -3.22
C HIS A 49 3.49 -4.44 -2.89
N TYR A 50 4.35 -4.93 -2.01
CA TYR A 50 5.52 -4.18 -1.61
C TYR A 50 6.65 -5.11 -1.16
N TYR A 51 7.85 -4.55 -1.08
CA TYR A 51 9.02 -5.30 -0.68
C TYR A 51 9.92 -4.49 0.25
N ASP A 52 10.42 -5.15 1.26
CA ASP A 52 11.30 -4.50 2.23
C ASP A 52 12.67 -4.29 1.59
N PRO A 53 13.13 -3.00 1.61
CA PRO A 53 14.41 -2.65 1.05
C PRO A 53 15.56 -3.10 1.96
N SER A 54 15.33 -2.93 3.26
CA SER A 54 16.33 -3.31 4.24
C SER A 54 16.87 -4.71 3.94
N LYS A 55 15.94 -5.61 3.62
CA LYS A 55 16.31 -6.97 3.30
C LYS A 55 16.82 -7.04 1.86
N GLU A 56 17.20 -8.24 1.45
CA GLU A 56 17.70 -8.44 0.10
C GLU A 56 16.99 -9.63 -0.56
N GLU A 57 15.74 -9.38 -0.95
CA GLU A 57 14.95 -10.41 -1.60
C GLU A 57 14.17 -9.82 -2.78
N ASN A 58 13.53 -10.71 -3.52
CA ASN A 58 12.75 -10.29 -4.68
C ASN A 58 11.26 -10.33 -4.33
N ARG A 59 10.87 -11.42 -3.67
CA ARG A 59 9.48 -11.59 -3.28
C ARG A 59 9.04 -10.43 -2.38
N PRO A 60 7.72 -10.11 -2.48
CA PRO A 60 7.16 -9.02 -1.69
C PRO A 60 7.00 -9.44 -0.22
N VAL A 61 6.81 -8.43 0.62
CA VAL A 61 6.64 -8.68 2.05
C VAL A 61 5.30 -9.37 2.28
N GLY A 62 4.33 -9.02 1.44
CA GLY A 62 3.00 -9.60 1.54
C GLY A 62 1.94 -8.59 1.09
N GLY A 63 1.86 -8.40 -0.21
CA GLY A 63 0.89 -7.47 -0.78
C GLY A 63 -0.53 -7.88 -0.43
N PHE A 64 -1.46 -6.96 -0.66
CA PHE A 64 -2.86 -7.22 -0.37
C PHE A 64 -3.74 -6.79 -1.54
N SER A 65 -4.95 -7.35 -1.57
CA SER A 65 -5.90 -7.03 -2.62
C SER A 65 -6.42 -5.60 -2.45
N LEU A 66 -6.94 -5.06 -3.53
CA LEU A 66 -7.46 -3.70 -3.52
C LEU A 66 -8.98 -3.75 -3.76
N ARG A 67 -9.39 -4.70 -4.58
CA ARG A 67 -10.80 -4.87 -4.90
C ARG A 67 -11.66 -4.55 -3.67
N GLY A 68 -11.51 -5.39 -2.65
CA GLY A 68 -12.26 -5.21 -1.42
C GLY A 68 -11.44 -4.44 -0.38
N SER A 69 -10.93 -3.30 -0.82
CA SER A 69 -10.12 -2.45 0.05
C SER A 69 -10.62 -1.01 -0.01
N LEU A 70 -9.95 -0.16 0.75
CA LEU A 70 -10.31 1.26 0.78
C LEU A 70 -9.10 2.08 1.21
N VAL A 71 -9.09 3.33 0.79
CA VAL A 71 -8.00 4.23 1.13
C VAL A 71 -8.56 5.61 1.46
N SER A 72 -7.97 6.22 2.48
CA SER A 72 -8.41 7.54 2.91
C SER A 72 -7.20 8.39 3.30
N ALA A 73 -7.46 9.67 3.50
CA ALA A 73 -6.41 10.60 3.88
C ALA A 73 -6.64 11.09 5.31
N LEU A 74 -5.56 11.11 6.08
CA LEU A 74 -5.64 11.55 7.47
C LEU A 74 -5.68 13.08 7.51
N GLU A 75 -6.86 13.60 7.75
CA GLU A 75 -7.05 15.04 7.82
C GLU A 75 -7.63 15.44 9.18
N ASP A 76 -6.79 16.05 9.99
CA ASP A 76 -7.21 16.49 11.32
C ASP A 76 -6.04 17.18 12.02
N ASN A 77 -6.37 17.93 13.06
CA ASN A 77 -5.36 18.64 13.83
C ASN A 77 -4.23 17.68 14.18
N GLY A 78 -3.20 17.68 13.34
CA GLY A 78 -2.05 16.82 13.55
C GLY A 78 -2.50 15.40 13.92
N VAL A 79 -2.57 15.16 15.22
CA VAL A 79 -2.97 13.85 15.71
C VAL A 79 -4.15 13.33 14.87
N PRO A 80 -3.98 12.09 14.34
CA PRO A 80 -5.00 11.47 13.52
C PRO A 80 -6.17 10.98 14.38
N THR A 81 -5.95 9.85 15.04
CA THR A 81 -6.97 9.27 15.89
C THR A 81 -6.33 8.51 17.04
N GLY A 82 -5.75 7.36 16.70
CA GLY A 82 -5.10 6.52 17.70
C GLY A 82 -3.64 6.27 17.33
N VAL A 83 -2.85 7.33 17.43
CA VAL A 83 -1.43 7.24 17.11
C VAL A 83 -0.63 8.09 18.10
N LYS A 84 0.62 7.72 18.27
CA LYS A 84 1.50 8.43 19.18
C LYS A 84 1.30 9.93 19.01
N GLY A 85 2.12 10.51 18.14
CA GLY A 85 2.04 11.94 17.87
C GLY A 85 1.07 12.22 16.73
N ASN A 86 1.53 13.05 15.79
CA ASN A 86 0.71 13.41 14.65
C ASN A 86 1.31 12.82 13.38
N VAL A 87 2.13 11.79 13.58
CA VAL A 87 2.78 11.12 12.46
C VAL A 87 3.62 12.14 11.69
N GLN A 88 3.09 12.52 10.53
CA GLN A 88 3.79 13.49 9.69
C GLN A 88 2.80 14.56 9.20
N GLY A 89 2.53 14.51 7.89
CA GLY A 89 1.61 15.46 7.29
C GLY A 89 0.66 14.76 6.31
N ASN A 90 -0.61 15.10 6.42
CA ASN A 90 -1.62 14.52 5.55
C ASN A 90 -1.65 13.01 5.75
N LEU A 91 -0.79 12.32 5.00
CA LEU A 91 -0.71 10.88 5.10
C LEU A 91 -2.03 10.26 4.60
N PHE A 92 -2.09 8.95 4.67
CA PHE A 92 -3.28 8.23 4.24
C PHE A 92 -3.32 6.82 4.82
N LYS A 93 -4.52 6.29 4.95
CA LYS A 93 -4.70 4.96 5.49
C LYS A 93 -5.38 4.07 4.44
N VAL A 94 -5.30 2.77 4.66
CA VAL A 94 -5.89 1.81 3.75
C VAL A 94 -6.86 0.91 4.52
N ILE A 95 -8.14 1.22 4.39
CA ILE A 95 -9.17 0.44 5.06
C ILE A 95 -9.55 -0.75 4.19
N THR A 96 -8.99 -1.91 4.55
CA THR A 96 -9.26 -3.13 3.82
C THR A 96 -10.65 -3.66 4.18
N LYS A 97 -10.96 -4.83 3.62
CA LYS A 97 -12.24 -5.46 3.87
C LYS A 97 -12.40 -5.71 5.38
N ASP A 98 -11.26 -5.91 6.03
CA ASP A 98 -11.26 -6.15 7.46
C ASP A 98 -11.21 -4.82 8.21
N ASP A 99 -11.44 -3.75 7.46
CA ASP A 99 -11.43 -2.41 8.03
C ASP A 99 -10.30 -2.31 9.06
N THR A 100 -9.14 -2.83 8.66
CA THR A 100 -7.97 -2.81 9.53
C THR A 100 -7.44 -1.38 9.66
N HIS A 101 -7.34 -0.71 8.52
CA HIS A 101 -6.84 0.65 8.49
C HIS A 101 -5.31 0.64 8.61
N TYR A 102 -4.66 0.56 7.45
CA TYR A 102 -3.21 0.55 7.42
C TYR A 102 -2.66 1.94 7.07
N TYR A 103 -2.10 2.58 8.09
CA TYR A 103 -1.53 3.91 7.91
C TYR A 103 -0.21 3.84 7.15
N ILE A 104 -0.12 4.65 6.10
CA ILE A 104 1.09 4.70 5.28
C ILE A 104 1.43 6.15 4.96
N GLN A 105 2.66 6.34 4.52
CA GLN A 105 3.12 7.68 4.17
C GLN A 105 3.57 7.72 2.71
N ALA A 106 3.39 8.88 2.09
CA ALA A 106 3.78 9.06 0.71
C ALA A 106 5.12 9.80 0.65
N SER A 107 5.88 9.50 -0.39
CA SER A 107 7.18 10.12 -0.58
C SER A 107 7.03 11.64 -0.59
N SER A 108 6.07 12.10 -1.37
CA SER A 108 5.82 13.53 -1.49
C SER A 108 4.31 13.81 -1.43
N LYS A 109 3.98 15.01 -1.01
CA LYS A 109 2.58 15.40 -0.91
C LYS A 109 1.81 14.87 -2.12
N ALA A 110 2.45 14.97 -3.28
CA ALA A 110 1.84 14.50 -4.51
C ALA A 110 1.69 12.98 -4.44
N GLU A 111 2.82 12.32 -4.25
CA GLU A 111 2.83 10.87 -4.17
C GLU A 111 1.61 10.37 -3.41
N ARG A 112 1.27 11.09 -2.35
CA ARG A 112 0.12 10.74 -1.53
C ARG A 112 -1.15 10.69 -2.39
N ALA A 113 -1.58 11.86 -2.80
CA ALA A 113 -2.78 11.97 -3.62
C ALA A 113 -2.78 10.86 -4.66
N GLU A 114 -1.67 10.75 -5.37
CA GLU A 114 -1.51 9.73 -6.39
C GLU A 114 -1.76 8.34 -5.80
N TRP A 115 -0.95 8.01 -4.80
CA TRP A 115 -1.06 6.72 -4.14
C TRP A 115 -2.51 6.53 -3.72
N ILE A 116 -3.10 7.60 -3.24
CA ILE A 116 -4.48 7.57 -2.79
C ILE A 116 -5.40 7.39 -4.01
N GLU A 117 -5.61 8.49 -4.72
CA GLU A 117 -6.45 8.47 -5.89
C GLU A 117 -6.24 7.17 -6.67
N ALA A 118 -4.98 6.79 -6.81
CA ALA A 118 -4.63 5.57 -7.52
C ALA A 118 -5.39 4.40 -6.92
N ILE A 119 -4.99 4.03 -5.71
CA ILE A 119 -5.64 2.93 -5.01
C ILE A 119 -7.16 3.04 -5.16
N LYS A 120 -7.66 4.24 -4.89
CA LYS A 120 -9.08 4.49 -4.98
C LYS A 120 -9.61 3.93 -6.31
N LYS A 121 -8.91 4.27 -7.38
CA LYS A 121 -9.30 3.80 -8.70
C LYS A 121 -9.62 2.31 -8.63
N LEU A 122 -8.61 1.53 -8.23
CA LEU A 122 -8.77 0.09 -8.13
C LEU A 122 -10.02 -0.21 -7.29
N THR A 123 -10.03 0.35 -6.09
CA THR A 123 -11.16 0.14 -5.19
C THR A 123 -12.41 0.81 -5.74
N SER A 124 -13.53 0.54 -5.08
CA SER A 124 -14.81 1.11 -5.49
C SER A 124 -14.80 2.63 -5.28
N GLY A 125 -14.74 3.01 -4.01
CA GLY A 125 -14.72 4.41 -3.65
C GLY A 125 -16.13 5.01 -3.72
N PRO A 126 -16.24 6.28 -3.25
CA PRO A 126 -17.51 6.97 -3.26
C PRO A 126 -17.88 7.44 -4.67
N SER A 127 -16.88 7.97 -5.36
CA SER A 127 -17.09 8.45 -6.71
C SER A 127 -18.27 9.43 -6.76
N SER A 128 -17.95 10.71 -6.68
CA SER A 128 -18.97 11.74 -6.72
C SER A 128 -18.90 12.51 -8.03
N GLY A 129 -19.97 12.43 -8.80
CA GLY A 129 -20.05 13.11 -10.08
C GLY A 129 -21.45 13.68 -10.32
N GLY A 1 -18.40 -26.85 -9.92
CA GLY A 1 -18.31 -26.97 -8.48
C GLY A 1 -17.02 -27.68 -8.07
N SER A 2 -17.16 -28.97 -7.77
CA SER A 2 -16.01 -29.77 -7.36
C SER A 2 -15.24 -30.24 -8.60
N SER A 3 -14.01 -30.68 -8.35
CA SER A 3 -13.17 -31.15 -9.43
C SER A 3 -12.77 -29.98 -10.35
N GLY A 4 -11.50 -29.96 -10.71
CA GLY A 4 -10.98 -28.91 -11.57
C GLY A 4 -10.33 -27.79 -10.76
N SER A 5 -9.25 -27.26 -11.30
CA SER A 5 -8.53 -26.19 -10.63
C SER A 5 -7.75 -25.36 -11.65
N SER A 6 -6.79 -26.01 -12.29
CA SER A 6 -5.97 -25.36 -13.29
C SER A 6 -5.06 -24.32 -12.63
N GLY A 7 -4.00 -23.96 -13.34
CA GLY A 7 -3.05 -22.99 -12.83
C GLY A 7 -1.69 -23.16 -13.50
N SER A 8 -0.65 -23.06 -12.68
CA SER A 8 0.72 -23.20 -13.18
C SER A 8 1.13 -21.92 -13.91
N LEU A 9 0.59 -20.80 -13.45
CA LEU A 9 0.89 -19.52 -14.05
C LEU A 9 2.13 -18.93 -13.37
N SER A 10 2.87 -18.15 -14.15
CA SER A 10 4.08 -17.52 -13.64
C SER A 10 3.71 -16.43 -12.62
N THR A 11 2.74 -15.62 -13.01
CA THR A 11 2.28 -14.54 -12.16
C THR A 11 0.78 -14.31 -12.33
N VAL A 12 0.19 -13.64 -11.34
CA VAL A 12 -1.23 -13.35 -11.39
C VAL A 12 -1.49 -12.00 -10.70
N GLU A 13 -1.59 -12.06 -9.39
CA GLU A 13 -1.84 -10.86 -8.60
C GLU A 13 -0.82 -9.77 -8.97
N LEU A 14 0.42 -10.19 -9.15
CA LEU A 14 1.47 -9.27 -9.50
C LEU A 14 1.56 -9.15 -11.03
N SER A 15 0.51 -9.63 -11.68
CA SER A 15 0.45 -9.58 -13.13
C SER A 15 -0.47 -8.46 -13.59
N GLY A 16 -0.23 -7.27 -13.04
CA GLY A 16 -1.03 -6.11 -13.38
C GLY A 16 -0.16 -4.98 -13.93
N THR A 17 -0.80 -4.06 -14.64
CA THR A 17 -0.10 -2.94 -15.23
C THR A 17 0.24 -1.91 -14.15
N VAL A 18 1.54 -1.71 -13.95
CA VAL A 18 2.01 -0.77 -12.97
C VAL A 18 1.26 0.56 -13.12
N VAL A 19 0.64 0.99 -12.04
CA VAL A 19 -0.12 2.23 -12.05
C VAL A 19 0.60 3.27 -11.18
N LYS A 20 1.33 2.77 -10.19
CA LYS A 20 2.07 3.63 -9.29
C LYS A 20 3.17 2.83 -8.61
N GLN A 21 4.32 3.46 -8.45
CA GLN A 21 5.46 2.82 -7.81
C GLN A 21 6.26 3.84 -7.00
N GLY A 22 6.87 3.35 -5.94
CA GLY A 22 7.68 4.20 -5.07
C GLY A 22 7.88 3.55 -3.70
N TYR A 23 8.44 4.33 -2.79
CA TYR A 23 8.70 3.84 -1.45
C TYR A 23 7.87 4.62 -0.42
N LEU A 24 7.06 3.88 0.32
CA LEU A 24 6.22 4.48 1.34
C LEU A 24 6.67 4.01 2.72
N ALA A 25 6.07 4.60 3.74
CA ALA A 25 6.41 4.25 5.10
C ALA A 25 5.13 3.83 5.84
N LYS A 26 4.98 2.52 6.01
CA LYS A 26 3.82 1.98 6.68
C LYS A 26 4.19 1.67 8.14
N GLN A 27 3.35 2.15 9.05
CA GLN A 27 3.57 1.93 10.46
C GLN A 27 3.01 0.58 10.89
N GLY A 28 3.88 -0.25 11.45
CA GLY A 28 3.48 -1.57 11.90
C GLY A 28 4.68 -2.39 12.36
N HIS A 29 4.42 -3.64 12.71
CA HIS A 29 5.47 -4.53 13.16
C HIS A 29 6.14 -3.94 14.41
N LYS A 30 7.23 -4.58 14.81
CA LYS A 30 7.97 -4.13 15.98
C LYS A 30 9.27 -3.45 15.53
N ARG A 31 9.96 -2.88 16.51
CA ARG A 31 11.23 -2.20 16.23
C ARG A 31 10.98 -1.03 15.28
N LYS A 32 11.44 0.14 15.72
CA LYS A 32 11.29 1.35 14.93
C LYS A 32 9.80 1.65 14.76
N ASN A 33 9.49 2.94 14.76
CA ASN A 33 8.11 3.37 14.60
C ASN A 33 7.66 3.14 13.15
N TRP A 34 7.96 4.12 12.31
CA TRP A 34 7.60 4.04 10.91
C TRP A 34 8.81 3.49 10.14
N LYS A 35 8.51 2.53 9.27
CA LYS A 35 9.56 1.90 8.48
C LYS A 35 9.25 2.11 7.00
N VAL A 36 10.30 2.44 6.26
CA VAL A 36 10.17 2.67 4.83
C VAL A 36 10.12 1.33 4.10
N ARG A 37 9.20 1.25 3.14
CA ARG A 37 9.04 0.03 2.37
C ARG A 37 8.75 0.37 0.90
N ARG A 38 9.07 -0.58 0.03
CA ARG A 38 8.86 -0.40 -1.40
C ARG A 38 7.45 -0.87 -1.78
N PHE A 39 6.58 0.10 -2.00
CA PHE A 39 5.21 -0.19 -2.38
C PHE A 39 5.03 -0.09 -3.89
N VAL A 40 4.41 -1.12 -4.45
CA VAL A 40 4.16 -1.16 -5.88
C VAL A 40 2.65 -1.18 -6.14
N LEU A 41 2.24 -0.43 -7.15
CA LEU A 41 0.83 -0.35 -7.50
C LEU A 41 0.64 -0.89 -8.92
N ARG A 42 -0.37 -1.73 -9.07
CA ARG A 42 -0.67 -2.32 -10.36
C ARG A 42 -2.16 -2.25 -10.65
N LYS A 43 -2.52 -2.52 -11.90
CA LYS A 43 -3.91 -2.49 -12.31
C LYS A 43 -4.19 -3.67 -13.24
N ASP A 44 -5.42 -4.16 -13.17
CA ASP A 44 -5.83 -5.28 -13.99
C ASP A 44 -4.71 -6.32 -14.03
N PRO A 45 -4.67 -7.16 -12.95
CA PRO A 45 -5.64 -7.06 -11.88
C PRO A 45 -5.34 -5.86 -10.99
N ALA A 46 -6.24 -5.62 -10.05
CA ALA A 46 -6.09 -4.51 -9.12
C ALA A 46 -5.53 -5.03 -7.80
N PHE A 47 -4.24 -4.79 -7.60
CA PHE A 47 -3.58 -5.23 -6.38
C PHE A 47 -2.37 -4.35 -6.06
N LEU A 48 -2.11 -4.18 -4.78
CA LEU A 48 -0.98 -3.38 -4.33
C LEU A 48 -0.08 -4.22 -3.44
N HIS A 49 1.13 -4.46 -3.95
CA HIS A 49 2.11 -5.25 -3.21
C HIS A 49 3.29 -4.37 -2.84
N TYR A 50 4.08 -4.86 -1.89
CA TYR A 50 5.25 -4.14 -1.42
C TYR A 50 6.36 -5.10 -1.00
N TYR A 51 7.59 -4.62 -1.11
CA TYR A 51 8.74 -5.42 -0.75
C TYR A 51 9.61 -4.69 0.28
N ASP A 52 10.19 -5.47 1.18
CA ASP A 52 11.05 -4.91 2.22
C ASP A 52 12.45 -4.70 1.65
N PRO A 53 12.91 -3.42 1.73
CA PRO A 53 14.23 -3.08 1.23
C PRO A 53 15.33 -3.57 2.17
N SER A 54 14.89 -4.13 3.29
CA SER A 54 15.82 -4.64 4.28
C SER A 54 16.16 -6.10 3.97
N LYS A 55 15.14 -6.84 3.54
CA LYS A 55 15.32 -8.24 3.21
C LYS A 55 15.69 -8.36 1.73
N GLU A 56 16.00 -9.59 1.33
CA GLU A 56 16.36 -9.85 -0.06
C GLU A 56 15.80 -11.21 -0.50
N GLU A 57 14.65 -11.15 -1.15
CA GLU A 57 14.00 -12.36 -1.63
C GLU A 57 13.27 -12.08 -2.94
N ASN A 58 13.01 -13.15 -3.68
CA ASN A 58 12.32 -13.04 -4.95
C ASN A 58 10.80 -13.09 -4.71
N ARG A 59 10.35 -12.17 -3.87
CA ARG A 59 8.93 -12.10 -3.54
C ARG A 59 8.65 -10.90 -2.64
N PRO A 60 7.38 -10.42 -2.68
CA PRO A 60 6.98 -9.28 -1.87
C PRO A 60 6.80 -9.68 -0.41
N VAL A 61 6.62 -8.68 0.43
CA VAL A 61 6.44 -8.92 1.86
C VAL A 61 5.09 -9.59 2.09
N GLY A 62 4.15 -9.29 1.21
CA GLY A 62 2.82 -9.87 1.30
C GLY A 62 1.74 -8.78 1.18
N GLY A 63 1.55 -8.34 -0.05
CA GLY A 63 0.55 -7.30 -0.32
C GLY A 63 -0.85 -7.77 0.06
N PHE A 64 -1.82 -6.93 -0.22
CA PHE A 64 -3.20 -7.25 0.07
C PHE A 64 -4.11 -6.94 -1.11
N SER A 65 -5.33 -7.47 -1.04
CA SER A 65 -6.30 -7.26 -2.11
C SER A 65 -6.81 -5.83 -2.07
N LEU A 66 -7.08 -5.30 -3.25
CA LEU A 66 -7.58 -3.94 -3.37
C LEU A 66 -9.09 -3.97 -3.59
N ARG A 67 -9.52 -4.91 -4.41
CA ARG A 67 -10.93 -5.07 -4.71
C ARG A 67 -11.78 -4.70 -3.49
N GLY A 68 -11.54 -5.44 -2.41
CA GLY A 68 -12.27 -5.20 -1.18
C GLY A 68 -11.42 -4.42 -0.17
N SER A 69 -10.81 -3.35 -0.67
CA SER A 69 -9.97 -2.51 0.16
C SER A 69 -10.55 -1.10 0.22
N LEU A 70 -9.84 -0.24 0.95
CA LEU A 70 -10.27 1.14 1.09
C LEU A 70 -9.06 2.01 1.43
N VAL A 71 -9.09 3.25 0.95
CA VAL A 71 -8.01 4.18 1.20
C VAL A 71 -8.60 5.55 1.54
N SER A 72 -7.90 6.26 2.42
CA SER A 72 -8.34 7.58 2.84
C SER A 72 -7.16 8.38 3.38
N ALA A 73 -7.35 9.68 3.46
CA ALA A 73 -6.30 10.56 3.96
C ALA A 73 -6.61 10.92 5.42
N LEU A 74 -5.54 11.13 6.18
CA LEU A 74 -5.68 11.48 7.58
C LEU A 74 -5.80 13.00 7.72
N GLU A 75 -7.03 13.44 7.94
CA GLU A 75 -7.29 14.86 8.09
C GLU A 75 -7.45 15.22 9.57
N ASP A 76 -6.34 15.65 10.16
CA ASP A 76 -6.34 16.02 11.56
C ASP A 76 -4.93 16.44 11.97
N ASN A 77 -4.68 17.74 11.91
CA ASN A 77 -3.38 18.28 12.27
C ASN A 77 -3.15 18.09 13.77
N GLY A 78 -2.37 17.06 14.09
CA GLY A 78 -2.06 16.76 15.48
C GLY A 78 -2.22 15.26 15.76
N VAL A 79 -1.30 14.48 15.21
CA VAL A 79 -1.32 13.04 15.40
C VAL A 79 -2.62 12.48 14.79
N PRO A 80 -2.44 11.54 13.82
CA PRO A 80 -3.58 10.93 13.17
C PRO A 80 -4.25 9.90 14.08
N THR A 81 -4.88 10.42 15.13
CA THR A 81 -5.57 9.55 16.08
C THR A 81 -4.57 8.64 16.78
N GLY A 82 -4.11 9.09 17.94
CA GLY A 82 -3.16 8.33 18.73
C GLY A 82 -1.93 7.96 17.89
N VAL A 83 -2.02 6.81 17.24
CA VAL A 83 -0.93 6.34 16.40
C VAL A 83 0.29 6.03 17.28
N LYS A 84 0.07 6.10 18.58
CA LYS A 84 1.13 5.84 19.54
C LYS A 84 2.37 6.63 19.15
N GLY A 85 2.26 7.95 19.28
CA GLY A 85 3.37 8.83 18.95
C GLY A 85 2.88 10.03 18.14
N ASN A 86 3.16 9.99 16.84
CA ASN A 86 2.76 11.07 15.96
C ASN A 86 3.41 10.86 14.59
N VAL A 87 2.79 11.45 13.57
CA VAL A 87 3.30 11.34 12.22
C VAL A 87 3.32 12.73 11.57
N GLN A 88 3.94 12.80 10.41
CA GLN A 88 4.02 14.05 9.68
C GLN A 88 2.64 14.49 9.22
N GLY A 89 2.62 15.19 8.08
CA GLY A 89 1.38 15.68 7.53
C GLY A 89 1.16 15.15 6.11
N ASN A 90 -0.09 15.17 5.68
CA ASN A 90 -0.44 14.68 4.36
C ASN A 90 -0.18 13.18 4.27
N LEU A 91 -0.88 12.44 5.11
CA LEU A 91 -0.72 10.99 5.14
C LEU A 91 -2.04 10.34 4.73
N PHE A 92 -2.04 9.01 4.77
CA PHE A 92 -3.23 8.25 4.42
C PHE A 92 -3.16 6.82 4.97
N LYS A 93 -4.33 6.21 5.07
CA LYS A 93 -4.41 4.85 5.59
C LYS A 93 -5.07 3.96 4.55
N VAL A 94 -4.97 2.66 4.78
CA VAL A 94 -5.54 1.68 3.87
C VAL A 94 -6.44 0.73 4.66
N ILE A 95 -7.75 0.99 4.57
CA ILE A 95 -8.72 0.16 5.27
C ILE A 95 -9.09 -1.04 4.40
N THR A 96 -8.65 -2.21 4.83
CA THR A 96 -8.93 -3.43 4.10
C THR A 96 -10.29 -4.00 4.52
N LYS A 97 -10.64 -5.12 3.88
CA LYS A 97 -11.90 -5.78 4.18
C LYS A 97 -11.91 -6.20 5.66
N ASP A 98 -10.72 -6.28 6.22
CA ASP A 98 -10.58 -6.67 7.61
C ASP A 98 -10.64 -5.43 8.50
N ASP A 99 -11.07 -4.33 7.89
CA ASP A 99 -11.18 -3.07 8.61
C ASP A 99 -9.98 -2.91 9.55
N THR A 100 -8.81 -3.25 9.02
CA THR A 100 -7.58 -3.16 9.79
C THR A 100 -7.12 -1.70 9.86
N HIS A 101 -7.02 -1.09 8.69
CA HIS A 101 -6.58 0.29 8.60
C HIS A 101 -5.06 0.36 8.72
N TYR A 102 -4.41 0.37 7.56
CA TYR A 102 -2.96 0.43 7.53
C TYR A 102 -2.47 1.84 7.16
N TYR A 103 -1.85 2.48 8.13
CA TYR A 103 -1.33 3.83 7.92
C TYR A 103 -0.05 3.80 7.08
N ILE A 104 -0.07 4.56 6.00
CA ILE A 104 1.08 4.63 5.11
C ILE A 104 1.39 6.10 4.81
N GLN A 105 2.68 6.36 4.59
CA GLN A 105 3.12 7.72 4.30
C GLN A 105 3.64 7.79 2.86
N ALA A 106 3.34 8.91 2.22
CA ALA A 106 3.78 9.13 0.85
C ALA A 106 5.13 9.85 0.86
N SER A 107 5.79 9.80 -0.29
CA SER A 107 7.09 10.44 -0.42
C SER A 107 6.91 11.93 -0.72
N SER A 108 6.02 12.22 -1.65
CA SER A 108 5.74 13.60 -2.03
C SER A 108 4.25 13.89 -1.88
N LYS A 109 3.96 15.15 -1.60
CA LYS A 109 2.58 15.58 -1.43
C LYS A 109 1.71 14.91 -2.48
N ALA A 110 2.09 15.08 -3.74
CA ALA A 110 1.37 14.50 -4.84
C ALA A 110 1.32 12.97 -4.68
N GLU A 111 2.49 12.41 -4.44
CA GLU A 111 2.60 10.96 -4.26
C GLU A 111 1.46 10.45 -3.40
N ARG A 112 1.14 11.23 -2.37
CA ARG A 112 0.07 10.86 -1.45
C ARG A 112 -1.26 10.79 -2.20
N ALA A 113 -1.73 11.95 -2.62
CA ALA A 113 -2.98 12.04 -3.35
C ALA A 113 -3.02 10.95 -4.43
N GLU A 114 -1.91 10.86 -5.15
CA GLU A 114 -1.80 9.87 -6.22
C GLU A 114 -1.93 8.46 -5.65
N TRP A 115 -0.99 8.13 -4.76
CA TRP A 115 -0.99 6.82 -4.15
C TRP A 115 -2.42 6.49 -3.70
N ILE A 116 -3.14 7.54 -3.32
CA ILE A 116 -4.52 7.39 -2.88
C ILE A 116 -5.41 7.09 -4.08
N GLU A 117 -5.70 8.14 -4.83
CA GLU A 117 -6.54 7.99 -6.01
C GLU A 117 -6.28 6.65 -6.70
N ALA A 118 -4.99 6.37 -6.90
CA ALA A 118 -4.59 5.13 -7.54
C ALA A 118 -5.34 3.96 -6.90
N ILE A 119 -5.08 3.78 -5.62
CA ILE A 119 -5.70 2.70 -4.87
C ILE A 119 -7.21 2.68 -5.19
N LYS A 120 -7.83 3.82 -4.98
CA LYS A 120 -9.26 3.96 -5.25
C LYS A 120 -9.56 3.46 -6.66
N LYS A 121 -8.84 4.01 -7.61
CA LYS A 121 -9.02 3.63 -9.00
C LYS A 121 -9.24 2.13 -9.10
N LEU A 122 -8.27 1.39 -8.57
CA LEU A 122 -8.34 -0.06 -8.59
C LEU A 122 -9.67 -0.51 -7.99
N THR A 123 -9.91 -0.07 -6.76
CA THR A 123 -11.13 -0.41 -6.06
C THR A 123 -12.34 0.16 -6.80
N SER A 124 -12.80 -0.59 -7.79
CA SER A 124 -13.95 -0.18 -8.58
C SER A 124 -14.99 0.49 -7.68
N GLY A 125 -15.46 1.64 -8.13
CA GLY A 125 -16.46 2.39 -7.38
C GLY A 125 -17.61 2.85 -8.29
N PRO A 126 -17.33 3.94 -9.05
CA PRO A 126 -18.32 4.50 -9.95
C PRO A 126 -18.46 3.63 -11.20
N SER A 127 -17.33 3.39 -11.85
CA SER A 127 -17.30 2.59 -13.06
C SER A 127 -15.85 2.25 -13.44
N SER A 128 -15.09 3.30 -13.68
CA SER A 128 -13.70 3.14 -14.06
C SER A 128 -12.88 4.37 -13.63
N GLY A 129 -11.58 4.18 -13.53
CA GLY A 129 -10.69 5.25 -13.14
C GLY A 129 -9.59 5.47 -14.18
N GLY A 1 10.58 -18.44 6.33
CA GLY A 1 10.35 -19.88 6.37
C GLY A 1 11.55 -20.62 5.78
N SER A 2 11.52 -21.94 5.95
CA SER A 2 12.58 -22.79 5.44
C SER A 2 11.99 -24.08 4.86
N SER A 3 11.31 -24.81 5.73
CA SER A 3 10.69 -26.06 5.32
C SER A 3 9.25 -25.82 4.88
N GLY A 4 9.04 -25.90 3.58
CA GLY A 4 7.72 -25.69 3.00
C GLY A 4 7.74 -24.55 1.98
N SER A 5 7.36 -24.91 0.75
CA SER A 5 7.33 -23.93 -0.32
C SER A 5 6.38 -24.41 -1.43
N SER A 6 5.97 -23.45 -2.26
CA SER A 6 5.08 -23.76 -3.36
C SER A 6 5.26 -22.74 -4.49
N GLY A 7 4.80 -23.12 -5.67
CA GLY A 7 4.91 -22.26 -6.83
C GLY A 7 6.14 -22.61 -7.66
N SER A 8 5.96 -22.59 -8.97
CA SER A 8 7.03 -22.90 -9.89
C SER A 8 7.33 -21.69 -10.79
N LEU A 9 6.28 -21.23 -11.46
CA LEU A 9 6.40 -20.09 -12.35
C LEU A 9 5.02 -19.68 -12.86
N SER A 10 4.32 -18.92 -12.04
CA SER A 10 2.98 -18.47 -12.39
C SER A 10 2.54 -17.36 -11.43
N THR A 11 2.28 -16.19 -12.00
CA THR A 11 1.85 -15.04 -11.23
C THR A 11 0.37 -14.74 -11.50
N VAL A 12 -0.21 -13.95 -10.61
CA VAL A 12 -1.61 -13.58 -10.73
C VAL A 12 -1.81 -12.17 -10.19
N GLU A 13 -1.71 -12.04 -8.87
CA GLU A 13 -1.87 -10.76 -8.23
C GLU A 13 -0.78 -9.79 -8.69
N LEU A 14 0.43 -10.30 -8.76
CA LEU A 14 1.56 -9.50 -9.18
C LEU A 14 1.67 -9.54 -10.71
N SER A 15 0.63 -10.07 -11.33
CA SER A 15 0.59 -10.17 -12.78
C SER A 15 -0.39 -9.15 -13.35
N GLY A 16 -0.10 -7.89 -13.08
CA GLY A 16 -0.95 -6.81 -13.56
C GLY A 16 -0.11 -5.63 -14.05
N THR A 17 -0.79 -4.66 -14.64
CA THR A 17 -0.12 -3.48 -15.16
C THR A 17 0.24 -2.53 -14.02
N VAL A 18 1.40 -1.90 -14.16
CA VAL A 18 1.88 -0.97 -13.15
C VAL A 18 1.10 0.34 -13.27
N VAL A 19 0.57 0.79 -12.15
CA VAL A 19 -0.20 2.03 -12.12
C VAL A 19 0.58 3.07 -11.32
N LYS A 20 1.16 2.62 -10.21
CA LYS A 20 1.93 3.51 -9.35
C LYS A 20 3.06 2.71 -8.70
N GLN A 21 4.22 3.35 -8.61
CA GLN A 21 5.38 2.73 -8.00
C GLN A 21 6.19 3.75 -7.20
N GLY A 22 6.79 3.27 -6.13
CA GLY A 22 7.60 4.13 -5.28
C GLY A 22 7.90 3.44 -3.95
N TYR A 23 8.44 4.24 -3.03
CA TYR A 23 8.79 3.72 -1.71
C TYR A 23 7.94 4.39 -0.63
N LEU A 24 7.29 3.55 0.16
CA LEU A 24 6.45 4.05 1.24
C LEU A 24 6.95 3.49 2.57
N ALA A 25 6.41 4.04 3.66
CA ALA A 25 6.79 3.60 4.99
C ALA A 25 5.57 2.98 5.69
N LYS A 26 5.76 1.75 6.15
CA LYS A 26 4.71 1.04 6.83
C LYS A 26 4.91 1.16 8.34
N GLN A 27 3.81 1.44 9.04
CA GLN A 27 3.86 1.58 10.49
C GLN A 27 3.41 0.28 11.16
N GLY A 28 4.14 -0.08 12.21
CA GLY A 28 3.82 -1.29 12.96
C GLY A 28 4.64 -1.37 14.24
N HIS A 29 4.70 -2.58 14.79
CA HIS A 29 5.45 -2.80 16.02
C HIS A 29 6.42 -3.96 15.82
N LYS A 30 7.68 -3.60 15.60
CA LYS A 30 8.71 -4.60 15.40
C LYS A 30 10.09 -3.93 15.48
N ARG A 31 10.37 -3.11 14.47
CA ARG A 31 11.63 -2.40 14.41
C ARG A 31 11.43 -1.00 13.83
N LYS A 32 11.82 0.00 14.61
CA LYS A 32 11.69 1.38 14.18
C LYS A 32 10.20 1.74 14.08
N ASN A 33 9.92 3.02 14.29
CA ASN A 33 8.56 3.51 14.24
C ASN A 33 8.01 3.32 12.83
N TRP A 34 8.65 4.00 11.88
CA TRP A 34 8.24 3.91 10.49
C TRP A 34 9.40 3.34 9.68
N LYS A 35 9.14 2.24 9.00
CA LYS A 35 10.16 1.60 8.19
C LYS A 35 9.85 1.83 6.71
N VAL A 36 10.85 2.28 5.99
CA VAL A 36 10.70 2.54 4.56
C VAL A 36 10.64 1.21 3.81
N ARG A 37 9.83 1.20 2.76
CA ARG A 37 9.67 0.00 1.95
C ARG A 37 9.31 0.39 0.51
N ARG A 38 9.46 -0.59 -0.37
CA ARG A 38 9.16 -0.38 -1.78
C ARG A 38 7.76 -0.90 -2.11
N PHE A 39 6.84 0.04 -2.28
CA PHE A 39 5.46 -0.32 -2.60
C PHE A 39 5.21 -0.23 -4.11
N VAL A 40 4.52 -1.24 -4.62
CA VAL A 40 4.22 -1.28 -6.04
C VAL A 40 2.70 -1.37 -6.22
N LEU A 41 2.21 -0.65 -7.23
CA LEU A 41 0.79 -0.63 -7.52
C LEU A 41 0.56 -1.23 -8.91
N ARG A 42 -0.19 -2.33 -8.93
CA ARG A 42 -0.50 -3.00 -10.17
C ARG A 42 -2.02 -3.09 -10.37
N LYS A 43 -2.42 -3.05 -11.64
CA LYS A 43 -3.83 -3.14 -11.97
C LYS A 43 -4.07 -4.32 -12.90
N ASP A 44 -5.30 -4.83 -12.87
CA ASP A 44 -5.66 -5.96 -13.70
C ASP A 44 -4.55 -7.01 -13.65
N PRO A 45 -4.54 -7.79 -12.53
CA PRO A 45 -5.53 -7.60 -11.49
C PRO A 45 -5.23 -6.34 -10.66
N ALA A 46 -6.20 -5.98 -9.83
CA ALA A 46 -6.05 -4.81 -8.98
C ALA A 46 -5.48 -5.23 -7.62
N PHE A 47 -4.19 -4.97 -7.47
CA PHE A 47 -3.51 -5.32 -6.23
C PHE A 47 -2.36 -4.35 -5.94
N LEU A 48 -1.87 -4.41 -4.71
CA LEU A 48 -0.77 -3.55 -4.30
C LEU A 48 0.16 -4.33 -3.38
N HIS A 49 1.37 -4.56 -3.88
CA HIS A 49 2.36 -5.29 -3.11
C HIS A 49 3.57 -4.39 -2.83
N TYR A 50 4.42 -4.84 -1.92
CA TYR A 50 5.60 -4.09 -1.56
C TYR A 50 6.75 -5.03 -1.17
N TYR A 51 7.96 -4.56 -1.41
CA TYR A 51 9.15 -5.33 -1.09
C TYR A 51 10.12 -4.53 -0.25
N ASP A 52 10.92 -5.25 0.54
CA ASP A 52 11.90 -4.61 1.40
C ASP A 52 13.15 -4.29 0.60
N PRO A 53 13.55 -2.99 0.62
CA PRO A 53 14.73 -2.55 -0.09
C PRO A 53 16.00 -2.98 0.63
N SER A 54 15.83 -3.45 1.85
CA SER A 54 16.95 -3.91 2.65
C SER A 54 17.26 -5.38 2.34
N LYS A 55 16.21 -6.12 2.03
CA LYS A 55 16.36 -7.53 1.71
C LYS A 55 16.63 -7.68 0.21
N GLU A 56 16.91 -8.91 -0.19
CA GLU A 56 17.19 -9.20 -1.59
C GLU A 56 16.69 -10.61 -1.94
N GLU A 57 15.42 -10.69 -2.27
CA GLU A 57 14.81 -11.96 -2.63
C GLU A 57 13.60 -11.74 -3.55
N ASN A 58 13.37 -12.73 -4.40
CA ASN A 58 12.25 -12.64 -5.34
C ASN A 58 10.94 -12.90 -4.58
N ARG A 59 10.54 -11.90 -3.80
CA ARG A 59 9.32 -12.01 -3.03
C ARG A 59 9.09 -10.72 -2.23
N PRO A 60 7.81 -10.25 -2.26
CA PRO A 60 7.44 -9.04 -1.56
C PRO A 60 7.35 -9.29 -0.05
N VAL A 61 7.32 -8.20 0.70
CA VAL A 61 7.23 -8.28 2.14
C VAL A 61 5.80 -8.61 2.55
N GLY A 62 4.89 -8.37 1.63
CA GLY A 62 3.48 -8.63 1.87
C GLY A 62 2.63 -8.27 0.65
N GLY A 63 1.59 -7.49 0.91
CA GLY A 63 0.70 -7.06 -0.15
C GLY A 63 -0.75 -7.47 0.15
N PHE A 64 -1.64 -6.50 0.02
CA PHE A 64 -3.05 -6.74 0.28
C PHE A 64 -3.88 -6.51 -0.97
N SER A 65 -5.02 -7.19 -1.03
CA SER A 65 -5.91 -7.06 -2.17
C SER A 65 -6.70 -5.76 -2.07
N LEU A 66 -6.78 -5.06 -3.20
CA LEU A 66 -7.51 -3.80 -3.25
C LEU A 66 -9.00 -4.08 -3.38
N ARG A 67 -9.32 -5.05 -4.24
CA ARG A 67 -10.70 -5.41 -4.46
C ARG A 67 -11.45 -5.53 -3.13
N GLY A 68 -12.15 -4.47 -2.79
CA GLY A 68 -12.91 -4.43 -1.55
C GLY A 68 -12.15 -3.67 -0.46
N SER A 69 -11.35 -2.71 -0.90
CA SER A 69 -10.56 -1.92 0.02
C SER A 69 -10.99 -0.44 -0.06
N LEU A 70 -10.28 0.38 0.69
CA LEU A 70 -10.58 1.81 0.71
C LEU A 70 -9.30 2.59 1.04
N VAL A 71 -9.33 3.86 0.73
CA VAL A 71 -8.18 4.73 0.99
C VAL A 71 -8.67 6.15 1.24
N SER A 72 -7.98 6.82 2.15
CA SER A 72 -8.32 8.19 2.50
C SER A 72 -7.13 8.89 3.15
N ALA A 73 -7.18 10.21 3.16
CA ALA A 73 -6.12 11.00 3.75
C ALA A 73 -6.48 11.33 5.20
N LEU A 74 -5.46 11.32 6.04
CA LEU A 74 -5.64 11.62 7.46
C LEU A 74 -5.72 13.14 7.64
N GLU A 75 -6.95 13.62 7.81
CA GLU A 75 -7.18 15.04 8.00
C GLU A 75 -7.52 15.33 9.47
N ASP A 76 -6.66 14.84 10.35
CA ASP A 76 -6.85 15.04 11.77
C ASP A 76 -5.59 15.66 12.38
N ASN A 77 -5.66 16.96 12.62
CA ASN A 77 -4.53 17.68 13.19
C ASN A 77 -4.18 17.07 14.54
N GLY A 78 -3.36 16.03 14.50
CA GLY A 78 -2.95 15.36 15.73
C GLY A 78 -2.53 13.92 15.43
N VAL A 79 -1.54 13.46 16.19
CA VAL A 79 -1.04 12.10 16.02
C VAL A 79 -2.17 11.11 16.29
N PRO A 80 -2.15 10.00 15.51
CA PRO A 80 -3.16 8.96 15.64
C PRO A 80 -2.92 8.12 16.91
N THR A 81 -3.86 7.23 17.17
CA THR A 81 -3.77 6.35 18.33
C THR A 81 -2.35 5.78 18.45
N GLY A 82 -1.80 5.90 19.65
CA GLY A 82 -0.46 5.40 19.92
C GLY A 82 0.52 5.89 18.85
N VAL A 83 0.65 5.08 17.81
CA VAL A 83 1.56 5.42 16.72
C VAL A 83 2.82 6.06 17.29
N LYS A 84 3.76 5.21 17.67
CA LYS A 84 5.02 5.67 18.24
C LYS A 84 5.58 6.79 17.35
N GLY A 85 5.61 6.52 16.06
CA GLY A 85 6.11 7.48 15.10
C GLY A 85 5.41 8.84 15.26
N ASN A 86 4.26 8.80 15.91
CA ASN A 86 3.48 10.00 16.13
C ASN A 86 3.53 10.88 14.88
N VAL A 87 3.17 10.27 13.75
CA VAL A 87 3.17 10.99 12.49
C VAL A 87 1.76 11.52 12.21
N GLN A 88 1.72 12.65 11.51
CA GLN A 88 0.46 13.28 11.18
C GLN A 88 0.52 13.88 9.78
N GLY A 89 1.25 15.00 9.69
CA GLY A 89 1.41 15.68 8.42
C GLY A 89 0.10 15.64 7.62
N ASN A 90 0.02 14.67 6.72
CA ASN A 90 -1.15 14.52 5.88
C ASN A 90 -1.14 13.12 5.26
N LEU A 91 -0.55 12.18 5.98
CA LEU A 91 -0.46 10.82 5.52
C LEU A 91 -1.86 10.32 5.14
N PHE A 92 -1.93 9.04 4.81
CA PHE A 92 -3.20 8.44 4.43
C PHE A 92 -3.30 7.01 4.97
N LYS A 93 -4.53 6.50 4.95
CA LYS A 93 -4.78 5.15 5.45
C LYS A 93 -5.59 4.38 4.40
N VAL A 94 -5.67 3.07 4.60
CA VAL A 94 -6.42 2.22 3.69
C VAL A 94 -7.26 1.23 4.50
N ILE A 95 -8.56 1.30 4.28
CA ILE A 95 -9.48 0.42 4.98
C ILE A 95 -9.88 -0.74 4.06
N THR A 96 -9.56 -1.95 4.52
CA THR A 96 -9.86 -3.13 3.74
C THR A 96 -11.35 -3.48 3.87
N LYS A 97 -11.73 -4.59 3.24
CA LYS A 97 -13.10 -5.04 3.27
C LYS A 97 -13.51 -5.33 4.72
N ASP A 98 -12.60 -5.98 5.44
CA ASP A 98 -12.85 -6.32 6.82
C ASP A 98 -13.13 -5.04 7.62
N ASP A 99 -12.23 -4.08 7.47
CA ASP A 99 -12.36 -2.82 8.17
C ASP A 99 -10.99 -2.36 8.66
N THR A 100 -10.05 -3.30 8.66
CA THR A 100 -8.70 -3.00 9.10
C THR A 100 -8.24 -1.65 8.56
N HIS A 101 -7.40 -0.98 9.34
CA HIS A 101 -6.89 0.32 8.95
C HIS A 101 -5.37 0.23 8.77
N TYR A 102 -4.94 0.40 7.53
CA TYR A 102 -3.53 0.34 7.21
C TYR A 102 -2.95 1.75 7.01
N TYR A 103 -2.11 2.15 7.94
CA TYR A 103 -1.48 3.46 7.88
C TYR A 103 -0.17 3.41 7.10
N ILE A 104 -0.10 4.24 6.06
CA ILE A 104 1.10 4.30 5.24
C ILE A 104 1.52 5.76 5.08
N GLN A 105 2.75 5.92 4.61
CA GLN A 105 3.30 7.25 4.41
C GLN A 105 3.84 7.41 2.98
N ALA A 106 3.53 8.53 2.38
CA ALA A 106 3.97 8.81 1.03
C ALA A 106 5.29 9.58 1.07
N SER A 107 5.79 9.90 -0.11
CA SER A 107 7.04 10.63 -0.22
C SER A 107 6.77 12.14 -0.22
N SER A 108 5.61 12.49 -0.74
CA SER A 108 5.20 13.88 -0.81
C SER A 108 3.68 14.01 -0.79
N LYS A 109 3.21 15.18 -0.40
CA LYS A 109 1.78 15.42 -0.33
C LYS A 109 1.11 14.92 -1.61
N ALA A 110 1.73 15.28 -2.74
CA ALA A 110 1.21 14.86 -4.03
C ALA A 110 1.26 13.34 -4.14
N GLU A 111 2.38 12.78 -3.71
CA GLU A 111 2.57 11.35 -3.76
C GLU A 111 1.35 10.64 -3.18
N ARG A 112 0.81 11.21 -2.13
CA ARG A 112 -0.36 10.65 -1.48
C ARG A 112 -1.51 10.52 -2.47
N ALA A 113 -2.13 11.66 -2.75
CA ALA A 113 -3.24 11.70 -3.69
C ALA A 113 -3.00 10.67 -4.81
N GLU A 114 -1.80 10.73 -5.37
CA GLU A 114 -1.43 9.83 -6.44
C GLU A 114 -1.62 8.37 -5.99
N TRP A 115 -1.00 8.06 -4.86
CA TRP A 115 -1.09 6.72 -4.31
C TRP A 115 -2.55 6.46 -3.92
N ILE A 116 -3.15 7.47 -3.32
CA ILE A 116 -4.54 7.37 -2.89
C ILE A 116 -5.42 7.11 -4.11
N GLU A 117 -5.66 8.17 -4.85
CA GLU A 117 -6.50 8.09 -6.04
C GLU A 117 -6.25 6.76 -6.76
N ALA A 118 -4.98 6.48 -7.02
CA ALA A 118 -4.59 5.26 -7.69
C ALA A 118 -5.30 4.08 -7.04
N ILE A 119 -5.15 3.98 -5.73
CA ILE A 119 -5.77 2.90 -4.98
C ILE A 119 -7.28 2.91 -5.24
N LYS A 120 -7.88 4.06 -4.99
CA LYS A 120 -9.31 4.22 -5.20
C LYS A 120 -9.70 3.64 -6.57
N LYS A 121 -8.97 4.10 -7.59
CA LYS A 121 -9.22 3.65 -8.94
C LYS A 121 -9.45 2.14 -8.94
N LEU A 122 -8.45 1.43 -8.41
CA LEU A 122 -8.53 -0.02 -8.34
C LEU A 122 -9.83 -0.42 -7.64
N THR A 123 -10.01 0.13 -6.45
CA THR A 123 -11.20 -0.16 -5.66
C THR A 123 -12.44 0.47 -6.30
N SER A 124 -13.59 0.13 -5.74
CA SER A 124 -14.85 0.66 -6.26
C SER A 124 -14.88 2.18 -6.09
N GLY A 125 -14.52 2.87 -7.16
CA GLY A 125 -14.51 4.32 -7.15
C GLY A 125 -15.94 4.89 -7.10
N PRO A 126 -16.21 5.66 -6.02
CA PRO A 126 -17.52 6.26 -5.84
C PRO A 126 -17.72 7.44 -6.79
N SER A 127 -17.97 7.11 -8.05
CA SER A 127 -18.18 8.14 -9.06
C SER A 127 -16.91 8.98 -9.22
N SER A 128 -16.87 9.73 -10.31
CA SER A 128 -15.72 10.58 -10.59
C SER A 128 -16.20 11.99 -10.93
N GLY A 129 -15.35 12.96 -10.58
CA GLY A 129 -15.68 14.36 -10.85
C GLY A 129 -14.42 15.23 -10.79
N GLY A 1 20.87 -21.51 8.71
CA GLY A 1 20.01 -21.02 7.65
C GLY A 1 18.68 -21.80 7.61
N SER A 2 17.63 -21.09 7.24
CA SER A 2 16.31 -21.68 7.15
C SER A 2 15.40 -20.84 6.26
N SER A 3 14.69 -21.52 5.38
CA SER A 3 13.79 -20.84 4.46
C SER A 3 12.96 -21.87 3.69
N GLY A 4 11.97 -21.36 2.97
CA GLY A 4 11.10 -22.21 2.18
C GLY A 4 11.72 -22.51 0.82
N SER A 5 10.97 -23.24 0.01
CA SER A 5 11.43 -23.60 -1.33
C SER A 5 10.23 -23.70 -2.28
N SER A 6 9.82 -22.54 -2.77
CA SER A 6 8.70 -22.47 -3.69
C SER A 6 9.10 -23.03 -5.05
N GLY A 7 8.17 -23.73 -5.67
CA GLY A 7 8.42 -24.33 -6.97
C GLY A 7 8.52 -23.25 -8.06
N SER A 8 7.55 -23.28 -8.95
CA SER A 8 7.51 -22.31 -10.04
C SER A 8 6.09 -22.20 -10.60
N LEU A 9 5.32 -21.31 -10.00
CA LEU A 9 3.95 -21.10 -10.43
C LEU A 9 3.85 -19.81 -11.24
N SER A 10 2.75 -19.67 -11.95
CA SER A 10 2.53 -18.48 -12.77
C SER A 10 1.89 -17.37 -11.94
N THR A 11 2.62 -16.28 -11.82
CA THR A 11 2.13 -15.13 -11.05
C THR A 11 0.68 -14.83 -11.41
N VAL A 12 0.06 -14.00 -10.58
CA VAL A 12 -1.33 -13.63 -10.80
C VAL A 12 -1.55 -12.21 -10.25
N GLU A 13 -1.50 -12.11 -8.93
CA GLU A 13 -1.70 -10.83 -8.28
C GLU A 13 -0.67 -9.81 -8.76
N LEU A 14 0.58 -10.27 -8.81
CA LEU A 14 1.67 -9.41 -9.26
C LEU A 14 1.69 -9.37 -10.78
N SER A 15 0.75 -10.10 -11.37
CA SER A 15 0.66 -10.16 -12.83
C SER A 15 -0.33 -9.11 -13.32
N GLY A 16 -0.06 -7.87 -12.94
CA GLY A 16 -0.92 -6.75 -13.34
C GLY A 16 -0.08 -5.56 -13.81
N THR A 17 -0.74 -4.66 -14.53
CA THR A 17 -0.07 -3.46 -15.03
C THR A 17 0.28 -2.52 -13.88
N VAL A 18 1.40 -1.84 -14.04
CA VAL A 18 1.86 -0.91 -13.03
C VAL A 18 1.15 0.43 -13.21
N VAL A 19 0.54 0.89 -12.12
CA VAL A 19 -0.19 2.15 -12.15
C VAL A 19 0.58 3.19 -11.34
N LYS A 20 1.21 2.71 -10.28
CA LYS A 20 1.99 3.59 -9.41
C LYS A 20 3.11 2.79 -8.75
N GLN A 21 4.26 3.44 -8.61
CA GLN A 21 5.40 2.80 -8.00
C GLN A 21 6.22 3.82 -7.19
N GLY A 22 6.79 3.34 -6.10
CA GLY A 22 7.60 4.20 -5.24
C GLY A 22 7.83 3.53 -3.88
N TYR A 23 8.27 4.34 -2.93
CA TYR A 23 8.53 3.86 -1.59
C TYR A 23 7.61 4.52 -0.56
N LEU A 24 6.88 3.68 0.16
CA LEU A 24 5.96 4.18 1.17
C LEU A 24 6.42 3.69 2.55
N ALA A 25 5.85 4.30 3.58
CA ALA A 25 6.19 3.94 4.94
C ALA A 25 4.95 3.36 5.64
N LYS A 26 5.11 2.15 6.15
CA LYS A 26 4.02 1.48 6.84
C LYS A 26 4.20 1.63 8.35
N GLN A 27 3.08 1.74 9.04
CA GLN A 27 3.10 1.90 10.49
C GLN A 27 2.90 0.55 11.17
N GLY A 28 3.98 -0.23 11.18
CA GLY A 28 3.93 -1.55 11.80
C GLY A 28 4.62 -1.53 13.17
N HIS A 29 5.86 -2.02 13.18
CA HIS A 29 6.63 -2.06 14.41
C HIS A 29 7.11 -0.66 14.78
N LYS A 30 7.60 -0.53 16.00
CA LYS A 30 8.10 0.75 16.47
C LYS A 30 9.18 1.26 15.52
N ARG A 31 10.38 0.72 15.70
CA ARG A 31 11.51 1.11 14.87
C ARG A 31 11.49 2.62 14.62
N LYS A 32 11.92 3.36 15.63
CA LYS A 32 11.96 4.81 15.52
C LYS A 32 10.53 5.36 15.48
N ASN A 33 9.87 5.11 14.35
CA ASN A 33 8.50 5.56 14.16
C ASN A 33 7.82 4.70 13.10
N TRP A 34 8.15 4.98 11.85
CA TRP A 34 7.58 4.24 10.74
C TRP A 34 8.69 3.43 10.08
N LYS A 35 8.34 2.74 9.01
CA LYS A 35 9.30 1.94 8.28
C LYS A 35 9.10 2.13 6.78
N VAL A 36 10.13 2.66 6.14
CA VAL A 36 10.08 2.91 4.71
C VAL A 36 10.16 1.58 3.96
N ARG A 37 9.37 1.47 2.92
CA ARG A 37 9.34 0.25 2.11
C ARG A 37 8.98 0.59 0.66
N ARG A 38 9.31 -0.34 -0.22
CA ARG A 38 9.02 -0.16 -1.64
C ARG A 38 7.64 -0.72 -1.97
N PHE A 39 6.71 0.18 -2.21
CA PHE A 39 5.35 -0.20 -2.54
C PHE A 39 5.10 -0.09 -4.05
N VAL A 40 4.47 -1.12 -4.59
CA VAL A 40 4.17 -1.15 -6.01
C VAL A 40 2.65 -1.23 -6.20
N LEU A 41 2.17 -0.50 -7.20
CA LEU A 41 0.75 -0.49 -7.50
C LEU A 41 0.50 -1.17 -8.84
N ARG A 42 -0.17 -2.30 -8.78
CA ARG A 42 -0.48 -3.06 -9.99
C ARG A 42 -1.99 -3.11 -10.21
N LYS A 43 -2.37 -3.10 -11.48
CA LYS A 43 -3.78 -3.14 -11.85
C LYS A 43 -4.02 -4.33 -12.77
N ASP A 44 -5.28 -4.76 -12.81
CA ASP A 44 -5.66 -5.89 -13.65
C ASP A 44 -4.55 -6.94 -13.61
N PRO A 45 -4.57 -7.74 -12.50
CA PRO A 45 -5.56 -7.57 -11.47
C PRO A 45 -5.27 -6.34 -10.61
N ALA A 46 -6.27 -5.93 -9.85
CA ALA A 46 -6.13 -4.78 -8.98
C ALA A 46 -5.52 -5.21 -7.65
N PHE A 47 -4.23 -4.97 -7.52
CA PHE A 47 -3.52 -5.34 -6.30
C PHE A 47 -2.40 -4.35 -6.00
N LEU A 48 -1.92 -4.39 -4.76
CA LEU A 48 -0.85 -3.51 -4.35
C LEU A 48 0.11 -4.28 -3.42
N HIS A 49 1.33 -4.47 -3.92
CA HIS A 49 2.34 -5.18 -3.16
C HIS A 49 3.54 -4.26 -2.91
N TYR A 50 4.34 -4.65 -1.93
CA TYR A 50 5.53 -3.86 -1.59
C TYR A 50 6.65 -4.77 -1.11
N TYR A 51 7.88 -4.33 -1.37
CA TYR A 51 9.05 -5.09 -0.96
C TYR A 51 9.98 -4.24 -0.09
N ASP A 52 10.58 -4.90 0.89
CA ASP A 52 11.49 -4.22 1.80
C ASP A 52 12.83 -3.99 1.10
N PRO A 53 13.37 -2.76 1.28
CA PRO A 53 14.64 -2.40 0.66
C PRO A 53 15.81 -3.05 1.41
N SER A 54 15.50 -3.53 2.61
CA SER A 54 16.52 -4.17 3.43
C SER A 54 16.57 -5.66 3.13
N LYS A 55 15.50 -6.15 2.49
CA LYS A 55 15.41 -7.55 2.15
C LYS A 55 15.92 -7.75 0.72
N GLU A 56 16.07 -9.02 0.35
CA GLU A 56 16.55 -9.35 -0.98
C GLU A 56 15.80 -10.58 -1.52
N GLU A 57 14.62 -10.32 -2.04
CA GLU A 57 13.79 -11.39 -2.60
C GLU A 57 12.84 -10.83 -3.66
N ASN A 58 12.52 -11.69 -4.62
CA ASN A 58 11.63 -11.30 -5.69
C ASN A 58 10.19 -11.24 -5.16
N ARG A 59 10.01 -11.79 -3.97
CA ARG A 59 8.71 -11.80 -3.35
C ARG A 59 8.51 -10.54 -2.49
N PRO A 60 7.23 -10.06 -2.45
CA PRO A 60 6.91 -8.88 -1.68
C PRO A 60 6.87 -9.19 -0.18
N VAL A 61 6.89 -8.13 0.61
CA VAL A 61 6.86 -8.28 2.06
C VAL A 61 5.53 -8.92 2.48
N GLY A 62 4.51 -8.65 1.68
CA GLY A 62 3.18 -9.19 1.95
C GLY A 62 2.10 -8.15 1.63
N GLY A 63 1.91 -7.92 0.34
CA GLY A 63 0.91 -6.97 -0.11
C GLY A 63 -0.50 -7.43 0.27
N PHE A 64 -1.47 -6.60 -0.08
CA PHE A 64 -2.86 -6.91 0.22
C PHE A 64 -3.75 -6.67 -1.00
N SER A 65 -4.90 -7.32 -1.00
CA SER A 65 -5.85 -7.19 -2.09
C SER A 65 -6.57 -5.84 -1.99
N LEU A 66 -6.81 -5.24 -3.15
CA LEU A 66 -7.49 -3.95 -3.20
C LEU A 66 -8.97 -4.19 -3.47
N ARG A 67 -9.25 -5.22 -4.24
CA ARG A 67 -10.63 -5.56 -4.57
C ARG A 67 -11.49 -5.58 -3.31
N GLY A 68 -12.22 -4.48 -3.11
CA GLY A 68 -13.08 -4.36 -1.95
C GLY A 68 -12.38 -3.63 -0.82
N SER A 69 -11.43 -2.78 -1.19
CA SER A 69 -10.67 -2.02 -0.23
C SER A 69 -11.03 -0.54 -0.34
N LEU A 70 -10.31 0.28 0.43
CA LEU A 70 -10.55 1.71 0.43
C LEU A 70 -9.26 2.42 0.87
N VAL A 71 -9.16 3.68 0.47
CA VAL A 71 -8.00 4.49 0.81
C VAL A 71 -8.45 5.92 1.13
N SER A 72 -7.74 6.53 2.07
CA SER A 72 -8.05 7.89 2.47
C SER A 72 -6.82 8.56 3.06
N ALA A 73 -6.92 9.87 3.25
CA ALA A 73 -5.82 10.63 3.81
C ALA A 73 -6.05 10.85 5.30
N LEU A 74 -5.02 11.32 5.97
CA LEU A 74 -5.10 11.57 7.40
C LEU A 74 -4.94 13.07 7.66
N GLU A 75 -5.77 13.57 8.57
CA GLU A 75 -5.74 14.98 8.91
C GLU A 75 -6.96 15.35 9.76
N ASP A 76 -7.04 14.73 10.93
CA ASP A 76 -8.15 14.98 11.83
C ASP A 76 -7.75 16.07 12.83
N ASN A 77 -7.87 17.31 12.38
CA ASN A 77 -7.52 18.44 13.22
C ASN A 77 -6.25 18.12 14.01
N GLY A 78 -5.11 18.38 13.38
CA GLY A 78 -3.84 18.12 14.01
C GLY A 78 -3.71 16.65 14.41
N VAL A 79 -2.86 15.94 13.68
CA VAL A 79 -2.64 14.53 13.95
C VAL A 79 -3.95 13.77 13.80
N PRO A 80 -3.83 12.51 13.27
CA PRO A 80 -5.00 11.68 13.07
C PRO A 80 -5.52 11.12 14.39
N THR A 81 -6.33 10.07 14.29
CA THR A 81 -6.90 9.44 15.46
C THR A 81 -5.79 8.84 16.33
N GLY A 82 -6.07 7.64 16.85
CA GLY A 82 -5.11 6.95 17.69
C GLY A 82 -3.81 6.69 16.93
N VAL A 83 -2.87 7.60 17.10
CA VAL A 83 -1.58 7.48 16.44
C VAL A 83 -0.49 8.05 17.36
N LYS A 84 0.00 7.21 18.24
CA LYS A 84 1.04 7.61 19.17
C LYS A 84 2.02 8.56 18.46
N GLY A 85 2.60 9.45 19.25
CA GLY A 85 3.54 10.42 18.71
C GLY A 85 3.11 10.90 17.33
N ASN A 86 1.82 11.20 17.21
CA ASN A 86 1.27 11.67 15.95
C ASN A 86 1.92 10.90 14.80
N VAL A 87 1.88 11.51 13.63
CA VAL A 87 2.46 10.89 12.45
C VAL A 87 3.32 11.92 11.70
N GLN A 88 4.16 11.41 10.82
CA GLN A 88 5.04 12.28 10.04
C GLN A 88 4.29 13.54 9.60
N GLY A 89 3.79 13.49 8.37
CA GLY A 89 3.05 14.60 7.81
C GLY A 89 1.55 14.32 7.79
N ASN A 90 1.03 14.13 6.59
CA ASN A 90 -0.38 13.85 6.40
C ASN A 90 -0.58 12.34 6.24
N LEU A 91 0.23 11.76 5.36
CA LEU A 91 0.15 10.34 5.10
C LEU A 91 -1.29 9.98 4.70
N PHE A 92 -1.52 8.68 4.58
CA PHE A 92 -2.84 8.18 4.21
C PHE A 92 -3.10 6.80 4.82
N LYS A 93 -4.36 6.42 4.81
CA LYS A 93 -4.77 5.13 5.36
C LYS A 93 -5.45 4.31 4.27
N VAL A 94 -5.58 3.02 4.53
CA VAL A 94 -6.20 2.11 3.59
C VAL A 94 -7.15 1.17 4.33
N ILE A 95 -8.44 1.35 4.08
CA ILE A 95 -9.45 0.52 4.72
C ILE A 95 -9.83 -0.63 3.78
N THR A 96 -9.30 -1.80 4.09
CA THR A 96 -9.58 -2.98 3.29
C THR A 96 -10.91 -3.60 3.71
N LYS A 97 -11.24 -4.71 3.05
CA LYS A 97 -12.48 -5.40 3.33
C LYS A 97 -12.44 -5.96 4.76
N ASP A 98 -11.24 -5.93 5.32
CA ASP A 98 -11.04 -6.43 6.68
C ASP A 98 -11.22 -5.28 7.67
N ASP A 99 -11.84 -4.21 7.20
CA ASP A 99 -12.09 -3.05 8.04
C ASP A 99 -10.79 -2.68 8.77
N THR A 100 -9.68 -2.88 8.07
CA THR A 100 -8.38 -2.57 8.64
C THR A 100 -7.82 -1.28 8.03
N HIS A 101 -7.52 -0.33 8.90
CA HIS A 101 -6.98 0.95 8.47
C HIS A 101 -5.46 0.89 8.48
N TYR A 102 -4.88 0.73 7.30
CA TYR A 102 -3.44 0.66 7.17
C TYR A 102 -2.85 2.04 6.87
N TYR A 103 -2.26 2.63 7.89
CA TYR A 103 -1.66 3.94 7.75
C TYR A 103 -0.31 3.85 7.02
N ILE A 104 -0.31 4.34 5.79
CA ILE A 104 0.90 4.31 4.98
C ILE A 104 1.35 5.75 4.71
N GLN A 105 2.63 5.89 4.39
CA GLN A 105 3.20 7.20 4.11
C GLN A 105 3.47 7.35 2.62
N ALA A 106 3.70 8.59 2.21
CA ALA A 106 3.98 8.87 0.80
C ALA A 106 5.26 9.70 0.71
N SER A 107 5.84 9.70 -0.48
CA SER A 107 7.06 10.45 -0.72
C SER A 107 6.82 11.93 -0.49
N SER A 108 5.62 12.36 -0.83
CA SER A 108 5.24 13.76 -0.66
C SER A 108 3.72 13.89 -0.57
N LYS A 109 3.27 15.13 -0.37
CA LYS A 109 1.85 15.39 -0.27
C LYS A 109 1.16 14.95 -1.56
N ALA A 110 1.87 15.13 -2.66
CA ALA A 110 1.34 14.76 -3.96
C ALA A 110 1.33 13.23 -4.09
N GLU A 111 2.45 12.64 -3.73
CA GLU A 111 2.57 11.19 -3.80
C GLU A 111 1.34 10.51 -3.20
N ARG A 112 0.86 11.10 -2.11
CA ARG A 112 -0.32 10.59 -1.44
C ARG A 112 -1.50 10.49 -2.41
N ALA A 113 -2.07 11.64 -2.71
CA ALA A 113 -3.20 11.70 -3.62
C ALA A 113 -3.02 10.66 -4.72
N GLU A 114 -1.88 10.73 -5.39
CA GLU A 114 -1.57 9.80 -6.46
C GLU A 114 -1.75 8.37 -5.98
N TRP A 115 -1.06 8.05 -4.89
CA TRP A 115 -1.12 6.72 -4.33
C TRP A 115 -2.57 6.44 -3.93
N ILE A 116 -3.16 7.42 -3.25
CA ILE A 116 -4.54 7.30 -2.81
C ILE A 116 -5.44 7.10 -4.02
N GLU A 117 -5.69 8.18 -4.74
CA GLU A 117 -6.53 8.13 -5.92
C GLU A 117 -6.29 6.84 -6.70
N ALA A 118 -5.01 6.54 -6.89
CA ALA A 118 -4.63 5.34 -7.62
C ALA A 118 -5.38 4.14 -7.04
N ILE A 119 -5.17 3.91 -5.75
CA ILE A 119 -5.82 2.81 -5.07
C ILE A 119 -7.33 2.91 -5.27
N LYS A 120 -7.85 4.10 -5.00
CA LYS A 120 -9.28 4.34 -5.16
C LYS A 120 -9.77 3.71 -6.46
N LYS A 121 -9.08 4.04 -7.54
CA LYS A 121 -9.44 3.50 -8.84
C LYS A 121 -9.65 1.99 -8.73
N LEU A 122 -8.60 1.30 -8.31
CA LEU A 122 -8.66 -0.14 -8.14
C LEU A 122 -9.97 -0.52 -7.44
N THR A 123 -10.13 0.02 -6.23
CA THR A 123 -11.32 -0.26 -5.44
C THR A 123 -12.56 0.30 -6.14
N SER A 124 -12.77 1.59 -5.96
CA SER A 124 -13.91 2.25 -6.57
C SER A 124 -13.54 2.78 -7.96
N GLY A 125 -14.50 2.69 -8.87
CA GLY A 125 -14.29 3.15 -10.23
C GLY A 125 -15.02 4.47 -10.48
N PRO A 126 -16.19 4.35 -11.17
CA PRO A 126 -16.99 5.53 -11.49
C PRO A 126 -17.73 6.03 -10.24
N SER A 127 -18.34 7.20 -10.40
CA SER A 127 -19.08 7.81 -9.31
C SER A 127 -18.26 7.73 -8.01
N SER A 128 -17.52 8.79 -7.76
CA SER A 128 -16.70 8.86 -6.57
C SER A 128 -16.67 10.29 -6.03
N GLY A 129 -16.15 11.20 -6.85
CA GLY A 129 -16.06 12.59 -6.47
C GLY A 129 -14.60 13.06 -6.45
N GLY A 1 20.68 -36.96 -3.14
CA GLY A 1 19.35 -36.39 -3.22
C GLY A 1 19.40 -34.94 -3.72
N SER A 2 18.23 -34.31 -3.71
CA SER A 2 18.14 -32.93 -4.16
C SER A 2 16.75 -32.37 -3.82
N SER A 3 16.69 -31.05 -3.73
CA SER A 3 15.44 -30.37 -3.42
C SER A 3 15.65 -28.86 -3.40
N GLY A 4 15.07 -28.20 -4.39
CA GLY A 4 15.18 -26.75 -4.49
C GLY A 4 15.51 -26.33 -5.92
N SER A 5 14.51 -26.46 -6.78
CA SER A 5 14.67 -26.09 -8.18
C SER A 5 13.32 -25.68 -8.78
N SER A 6 12.94 -24.45 -8.49
CA SER A 6 11.68 -23.91 -8.98
C SER A 6 11.57 -22.42 -8.64
N GLY A 7 11.36 -21.63 -9.69
CA GLY A 7 11.24 -20.20 -9.52
C GLY A 7 11.69 -19.45 -10.78
N SER A 8 10.74 -18.76 -11.38
CA SER A 8 11.03 -18.01 -12.60
C SER A 8 9.85 -17.09 -12.93
N LEU A 9 8.68 -17.71 -13.08
CA LEU A 9 7.48 -16.98 -13.41
C LEU A 9 6.26 -17.80 -13.00
N SER A 10 5.75 -17.52 -11.81
CA SER A 10 4.60 -18.23 -11.30
C SER A 10 3.81 -17.33 -10.34
N THR A 11 3.27 -16.25 -10.90
CA THR A 11 2.50 -15.31 -10.12
C THR A 11 1.20 -14.94 -10.84
N VAL A 12 0.47 -14.03 -10.23
CA VAL A 12 -0.80 -13.58 -10.79
C VAL A 12 -1.14 -12.20 -10.25
N GLU A 13 -1.05 -12.07 -8.93
CA GLU A 13 -1.35 -10.82 -8.28
C GLU A 13 -0.36 -9.74 -8.72
N LEU A 14 0.89 -10.15 -8.84
CA LEU A 14 1.95 -9.24 -9.26
C LEU A 14 1.98 -9.16 -10.79
N SER A 15 0.99 -9.79 -11.40
CA SER A 15 0.89 -9.80 -12.85
C SER A 15 -0.11 -8.74 -13.31
N GLY A 16 0.01 -7.56 -12.72
CA GLY A 16 -0.87 -6.46 -13.05
C GLY A 16 -0.08 -5.28 -13.64
N THR A 17 -0.78 -4.45 -14.40
CA THR A 17 -0.16 -3.30 -15.02
C THR A 17 0.18 -2.25 -13.97
N VAL A 18 1.46 -1.93 -13.90
CA VAL A 18 1.94 -0.94 -12.94
C VAL A 18 1.21 0.38 -13.16
N VAL A 19 0.54 0.83 -12.11
CA VAL A 19 -0.20 2.08 -12.17
C VAL A 19 0.51 3.14 -11.33
N LYS A 20 1.22 2.66 -10.32
CA LYS A 20 1.95 3.55 -9.42
C LYS A 20 3.09 2.78 -8.76
N GLN A 21 4.21 3.46 -8.62
CA GLN A 21 5.38 2.86 -7.99
C GLN A 21 6.15 3.89 -7.17
N GLY A 22 6.77 3.42 -6.10
CA GLY A 22 7.53 4.30 -5.24
C GLY A 22 7.79 3.63 -3.88
N TYR A 23 8.21 4.45 -2.93
CA TYR A 23 8.49 3.95 -1.59
C TYR A 23 7.57 4.60 -0.55
N LEU A 24 6.83 3.76 0.14
CA LEU A 24 5.91 4.23 1.16
C LEU A 24 6.36 3.72 2.52
N ALA A 25 5.76 4.28 3.57
CA ALA A 25 6.09 3.90 4.92
C ALA A 25 4.90 3.17 5.55
N LYS A 26 5.10 1.88 5.80
CA LYS A 26 4.05 1.06 6.38
C LYS A 26 4.33 0.88 7.88
N GLN A 27 3.61 1.67 8.67
CA GLN A 27 3.77 1.61 10.12
C GLN A 27 3.33 0.26 10.64
N GLY A 28 3.90 -0.12 11.78
CA GLY A 28 3.57 -1.39 12.40
C GLY A 28 4.31 -2.54 11.72
N HIS A 29 5.36 -3.02 12.38
CA HIS A 29 6.15 -4.11 11.84
C HIS A 29 7.14 -4.59 12.91
N LYS A 30 8.10 -3.74 13.21
CA LYS A 30 9.10 -4.07 14.20
C LYS A 30 9.76 -2.77 14.70
N ARG A 31 10.18 -1.96 13.75
CA ARG A 31 10.83 -0.69 14.09
C ARG A 31 9.92 0.15 14.99
N LYS A 32 10.52 1.15 15.60
CA LYS A 32 9.78 2.04 16.48
C LYS A 32 8.81 2.90 15.65
N ASN A 33 9.40 3.82 14.89
CA ASN A 33 8.61 4.70 14.05
C ASN A 33 8.16 3.95 12.80
N TRP A 34 7.85 4.71 11.77
CA TRP A 34 7.40 4.12 10.51
C TRP A 34 8.63 3.58 9.78
N LYS A 35 8.38 2.62 8.90
CA LYS A 35 9.45 2.01 8.13
C LYS A 35 9.17 2.18 6.64
N VAL A 36 10.15 2.75 5.96
CA VAL A 36 10.03 2.98 4.53
C VAL A 36 10.15 1.65 3.78
N ARG A 37 9.31 1.48 2.78
CA ARG A 37 9.32 0.27 1.98
C ARG A 37 8.94 0.58 0.53
N ARG A 38 9.43 -0.27 -0.36
CA ARG A 38 9.14 -0.09 -1.78
C ARG A 38 7.77 -0.67 -2.12
N PHE A 39 6.80 0.22 -2.27
CA PHE A 39 5.45 -0.18 -2.60
C PHE A 39 5.19 -0.08 -4.10
N VAL A 40 4.57 -1.13 -4.64
CA VAL A 40 4.27 -1.17 -6.06
C VAL A 40 2.75 -1.21 -6.24
N LEU A 41 2.29 -0.50 -7.26
CA LEU A 41 0.86 -0.45 -7.56
C LEU A 41 0.62 -1.08 -8.93
N ARG A 42 -0.20 -2.13 -8.92
CA ARG A 42 -0.53 -2.82 -10.15
C ARG A 42 -2.04 -2.89 -10.34
N LYS A 43 -2.46 -2.89 -11.59
CA LYS A 43 -3.87 -2.96 -11.92
C LYS A 43 -4.13 -4.13 -12.88
N ASP A 44 -5.30 -4.72 -12.75
CA ASP A 44 -5.68 -5.83 -13.59
C ASP A 44 -4.53 -6.86 -13.61
N PRO A 45 -4.45 -7.64 -12.50
CA PRO A 45 -5.39 -7.49 -11.41
C PRO A 45 -5.08 -6.24 -10.58
N ALA A 46 -6.00 -5.91 -9.70
CA ALA A 46 -5.84 -4.74 -8.85
C ALA A 46 -5.24 -5.18 -7.50
N PHE A 47 -3.92 -5.11 -7.43
CA PHE A 47 -3.21 -5.49 -6.23
C PHE A 47 -2.06 -4.53 -5.94
N LEU A 48 -1.69 -4.46 -4.66
CA LEU A 48 -0.61 -3.58 -4.25
C LEU A 48 0.34 -4.35 -3.33
N HIS A 49 1.56 -4.55 -3.83
CA HIS A 49 2.57 -5.27 -3.08
C HIS A 49 3.73 -4.34 -2.76
N TYR A 50 4.48 -4.71 -1.72
CA TYR A 50 5.63 -3.91 -1.31
C TYR A 50 6.77 -4.81 -0.84
N TYR A 51 7.98 -4.39 -1.17
CA TYR A 51 9.17 -5.14 -0.79
C TYR A 51 10.05 -4.33 0.16
N ASP A 52 10.96 -5.04 0.82
CA ASP A 52 11.87 -4.39 1.76
C ASP A 52 13.15 -3.98 1.03
N PRO A 53 13.49 -2.68 1.18
CA PRO A 53 14.69 -2.15 0.53
C PRO A 53 15.95 -2.61 1.26
N SER A 54 15.89 -2.55 2.58
CA SER A 54 17.02 -2.95 3.40
C SER A 54 17.34 -4.42 3.16
N LYS A 55 16.31 -5.18 2.80
CA LYS A 55 16.48 -6.59 2.53
C LYS A 55 16.66 -6.81 1.03
N GLU A 56 16.90 -8.06 0.66
CA GLU A 56 17.09 -8.41 -0.73
C GLU A 56 16.67 -9.85 -0.99
N GLU A 57 15.47 -10.00 -1.53
CA GLU A 57 14.94 -11.32 -1.82
C GLU A 57 13.83 -11.21 -2.87
N ASN A 58 13.77 -12.23 -3.72
CA ASN A 58 12.77 -12.27 -4.78
C ASN A 58 11.40 -12.55 -4.16
N ARG A 59 11.00 -11.64 -3.29
CA ARG A 59 9.71 -11.78 -2.62
C ARG A 59 9.37 -10.50 -1.85
N PRO A 60 8.07 -10.11 -1.91
CA PRO A 60 7.60 -8.93 -1.22
C PRO A 60 7.51 -9.15 0.28
N VAL A 61 7.47 -8.06 1.02
CA VAL A 61 7.38 -8.13 2.47
C VAL A 61 5.93 -8.41 2.87
N GLY A 62 5.05 -8.26 1.90
CA GLY A 62 3.63 -8.50 2.13
C GLY A 62 2.81 -8.17 0.88
N GLY A 63 1.65 -7.56 1.12
CA GLY A 63 0.77 -7.19 0.04
C GLY A 63 -0.68 -7.58 0.35
N PHE A 64 -1.56 -6.59 0.27
CA PHE A 64 -2.97 -6.80 0.54
C PHE A 64 -3.81 -6.56 -0.71
N SER A 65 -5.02 -7.12 -0.69
CA SER A 65 -5.93 -6.97 -1.81
C SER A 65 -6.53 -5.56 -1.81
N LEU A 66 -6.97 -5.14 -2.99
CA LEU A 66 -7.57 -3.82 -3.14
C LEU A 66 -9.04 -3.97 -3.51
N ARG A 67 -9.30 -4.92 -4.41
CA ARG A 67 -10.66 -5.17 -4.86
C ARG A 67 -11.61 -5.23 -3.67
N GLY A 68 -12.39 -4.17 -3.52
CA GLY A 68 -13.34 -4.09 -2.43
C GLY A 68 -12.72 -3.43 -1.20
N SER A 69 -11.78 -2.53 -1.45
CA SER A 69 -11.10 -1.83 -0.38
C SER A 69 -11.41 -0.34 -0.45
N LEU A 70 -10.81 0.41 0.47
CA LEU A 70 -11.01 1.84 0.52
C LEU A 70 -9.74 2.51 1.03
N VAL A 71 -9.60 3.79 0.69
CA VAL A 71 -8.43 4.55 1.10
C VAL A 71 -8.88 5.95 1.55
N SER A 72 -8.18 6.46 2.54
CA SER A 72 -8.49 7.78 3.08
C SER A 72 -7.21 8.46 3.58
N ALA A 73 -7.30 9.76 3.76
CA ALA A 73 -6.16 10.53 4.24
C ALA A 73 -6.28 10.73 5.74
N LEU A 74 -5.17 11.08 6.36
CA LEU A 74 -5.13 11.31 7.79
C LEU A 74 -5.08 12.81 8.07
N GLU A 75 -5.92 13.24 9.00
CA GLU A 75 -5.98 14.65 9.37
C GLU A 75 -4.58 15.18 9.67
N ASP A 76 -4.48 16.50 9.74
CA ASP A 76 -3.21 17.14 10.02
C ASP A 76 -3.22 17.67 11.45
N ASN A 77 -2.03 17.73 12.04
CA ASN A 77 -1.89 18.22 13.40
C ASN A 77 -2.58 17.25 14.36
N GLY A 78 -1.79 16.35 14.92
CA GLY A 78 -2.32 15.36 15.85
C GLY A 78 -1.79 13.97 15.53
N VAL A 79 -2.08 13.04 16.42
CA VAL A 79 -1.65 11.66 16.25
C VAL A 79 -2.87 10.74 16.27
N PRO A 80 -2.84 9.73 15.36
CA PRO A 80 -3.93 8.78 15.26
C PRO A 80 -3.91 7.79 16.43
N THR A 81 -4.91 6.92 16.45
CA THR A 81 -5.01 5.92 17.50
C THR A 81 -3.62 5.39 17.86
N GLY A 82 -3.17 5.77 19.05
CA GLY A 82 -1.86 5.33 19.52
C GLY A 82 -0.75 5.71 18.53
N VAL A 83 -0.51 4.81 17.60
CA VAL A 83 0.51 5.03 16.58
C VAL A 83 1.70 5.77 17.22
N LYS A 84 2.61 4.98 17.77
CA LYS A 84 3.79 5.53 18.41
C LYS A 84 4.31 6.71 17.59
N GLY A 85 4.58 7.80 18.29
CA GLY A 85 5.08 9.00 17.64
C GLY A 85 3.95 10.01 17.40
N ASN A 86 3.99 10.63 16.23
CA ASN A 86 2.97 11.61 15.86
C ASN A 86 3.26 12.13 14.46
N VAL A 87 3.05 11.26 13.48
CA VAL A 87 3.28 11.62 12.09
C VAL A 87 2.16 12.54 11.61
N GLN A 88 2.41 13.22 10.51
CA GLN A 88 1.44 14.13 9.94
C GLN A 88 1.95 14.69 8.61
N GLY A 89 2.66 13.85 7.88
CA GLY A 89 3.21 14.25 6.59
C GLY A 89 2.42 13.62 5.44
N ASN A 90 1.31 14.26 5.09
CA ASN A 90 0.47 13.77 4.01
C ASN A 90 0.40 12.24 4.07
N LEU A 91 -0.21 11.76 5.15
CA LEU A 91 -0.36 10.32 5.35
C LEU A 91 -1.74 9.88 4.85
N PHE A 92 -1.98 8.59 4.98
CA PHE A 92 -3.25 8.02 4.55
C PHE A 92 -3.39 6.57 5.01
N LYS A 93 -4.64 6.12 5.07
CA LYS A 93 -4.92 4.76 5.49
C LYS A 93 -5.68 4.04 4.37
N VAL A 94 -5.73 2.71 4.50
CA VAL A 94 -6.42 1.89 3.51
C VAL A 94 -7.38 0.94 4.23
N ILE A 95 -8.66 1.27 4.14
CA ILE A 95 -9.68 0.46 4.77
C ILE A 95 -10.17 -0.61 3.79
N THR A 96 -9.72 -1.83 4.02
CA THR A 96 -10.08 -2.94 3.16
C THR A 96 -11.49 -3.44 3.51
N LYS A 97 -11.88 -4.53 2.85
CA LYS A 97 -13.19 -5.11 3.09
C LYS A 97 -13.24 -5.69 4.49
N ASP A 98 -12.08 -5.73 5.13
CA ASP A 98 -11.98 -6.26 6.48
C ASP A 98 -11.94 -5.10 7.48
N ASP A 99 -12.11 -3.90 6.95
CA ASP A 99 -12.11 -2.71 7.78
C ASP A 99 -10.90 -2.76 8.73
N THR A 100 -9.78 -3.21 8.18
CA THR A 100 -8.56 -3.32 8.96
C THR A 100 -7.94 -1.93 9.16
N HIS A 101 -7.86 -1.19 8.07
CA HIS A 101 -7.29 0.15 8.13
C HIS A 101 -5.77 0.07 8.18
N TYR A 102 -5.16 0.12 7.01
CA TYR A 102 -3.71 0.05 6.89
C TYR A 102 -3.10 1.44 6.72
N TYR A 103 -2.29 1.83 7.70
CA TYR A 103 -1.64 3.13 7.67
C TYR A 103 -0.41 3.10 6.77
N ILE A 104 -0.33 4.09 5.89
CA ILE A 104 0.79 4.18 4.96
C ILE A 104 1.19 5.65 4.81
N GLN A 105 2.40 5.86 4.32
CA GLN A 105 2.91 7.20 4.12
C GLN A 105 3.38 7.38 2.67
N ALA A 106 3.29 8.62 2.21
CA ALA A 106 3.70 8.95 0.85
C ALA A 106 5.05 9.68 0.89
N SER A 107 5.80 9.50 -0.19
CA SER A 107 7.11 10.14 -0.30
C SER A 107 6.94 11.66 -0.34
N SER A 108 6.07 12.11 -1.23
CA SER A 108 5.82 13.53 -1.38
C SER A 108 4.32 13.81 -1.24
N LYS A 109 4.01 15.06 -0.93
CA LYS A 109 2.62 15.48 -0.77
C LYS A 109 1.79 14.91 -1.93
N ALA A 110 2.22 15.23 -3.14
CA ALA A 110 1.52 14.75 -4.33
C ALA A 110 1.46 13.23 -4.30
N GLU A 111 2.62 12.61 -4.12
CA GLU A 111 2.70 11.17 -4.07
C GLU A 111 1.50 10.58 -3.33
N ARG A 112 1.15 11.24 -2.23
CA ARG A 112 0.02 10.81 -1.42
C ARG A 112 -1.23 10.68 -2.28
N ALA A 113 -1.75 11.83 -2.70
CA ALA A 113 -2.94 11.86 -3.53
C ALA A 113 -2.79 10.83 -4.66
N GLU A 114 -1.60 10.81 -5.24
CA GLU A 114 -1.32 9.89 -6.33
C GLU A 114 -1.61 8.45 -5.90
N TRP A 115 -1.00 8.07 -4.79
CA TRP A 115 -1.18 6.73 -4.26
C TRP A 115 -2.66 6.57 -3.88
N ILE A 116 -3.19 7.60 -3.24
CA ILE A 116 -4.57 7.59 -2.82
C ILE A 116 -5.48 7.42 -4.05
N GLU A 117 -5.64 8.51 -4.77
CA GLU A 117 -6.47 8.50 -5.97
C GLU A 117 -6.29 7.19 -6.73
N ALA A 118 -5.05 6.72 -6.74
CA ALA A 118 -4.73 5.48 -7.43
C ALA A 118 -5.58 4.34 -6.84
N ILE A 119 -5.28 4.01 -5.60
CA ILE A 119 -6.01 2.96 -4.91
C ILE A 119 -7.49 3.05 -5.26
N LYS A 120 -8.07 4.19 -4.92
CA LYS A 120 -9.48 4.41 -5.18
C LYS A 120 -9.84 3.82 -6.54
N LYS A 121 -8.94 4.02 -7.49
CA LYS A 121 -9.15 3.52 -8.84
C LYS A 121 -9.30 2.00 -8.79
N LEU A 122 -8.27 1.35 -8.28
CA LEU A 122 -8.27 -0.10 -8.17
C LEU A 122 -9.61 -0.56 -7.58
N THR A 123 -9.87 -0.07 -6.37
CA THR A 123 -11.10 -0.42 -5.69
C THR A 123 -12.32 -0.16 -6.58
N SER A 124 -12.37 1.06 -7.10
CA SER A 124 -13.47 1.45 -7.98
C SER A 124 -13.33 2.93 -8.36
N GLY A 125 -13.48 3.78 -7.37
CA GLY A 125 -13.37 5.21 -7.58
C GLY A 125 -14.57 5.74 -8.38
N PRO A 126 -15.43 6.51 -7.67
CA PRO A 126 -16.62 7.07 -8.30
C PRO A 126 -16.25 8.25 -9.21
N SER A 127 -15.49 7.94 -10.24
CA SER A 127 -15.06 8.96 -11.18
C SER A 127 -14.11 8.36 -12.21
N SER A 128 -14.22 8.85 -13.45
CA SER A 128 -13.38 8.37 -14.52
C SER A 128 -13.44 6.84 -14.59
N GLY A 129 -14.37 6.35 -15.39
CA GLY A 129 -14.55 4.91 -15.54
C GLY A 129 -16.03 4.54 -15.63
#